data_4GZ0
#
_entry.id   4GZ0
#
_cell.length_a   117.900
_cell.length_b   121.100
_cell.length_c   167.300
_cell.angle_alpha   90.000
_cell.angle_beta   90.000
_cell.angle_gamma   90.000
#
_symmetry.space_group_name_H-M   'P 21 21 21'
#
loop_
_entity.id
_entity.type
_entity.pdbx_description
1 polymer 'Tyrosyl-DNA phosphodiesterase 2'
2 polymer "DNA (5'-D(P*CP*CP*GP*AP*AP*TP*TP*CP*G)-3')"
3 non-polymer 1,2-ETHANEDIOL
4 non-polymer 'ACETATE ION'
5 non-polymer 6-aminohexan-1-ol
6 water water
#
loop_
_entity_poly.entity_id
_entity_poly.type
_entity_poly.pdbx_seq_one_letter_code
_entity_poly.pdbx_strand_id
1 'polypeptide(L)'
;SNGLEDSSTISFITWNIDGLDGCNLPERARGVCSCLALYSPDVVFLQEVIPPYCAYLKKRAASYTIITGNEEGYFTAILL
KKGRVKFKSQEIIPFPNTKMMRNLLCVNVSLGGNEFCLMTSHLESTREHSAERIRQLKTVLGKMQEAPDSTTVIFAGDTN
LRDQEVIKCGGLPDNVFDAWEFLGKPKHCQYTWDTKANNNLRIPAAYKHRFDRIFFRAEEGHLIPQSLDLVGLEKLDCGR
FPSDHWGLLCTLNVVL
;
A,B,E,K,G,I
2 'polydeoxyribonucleotide' (DC)(DC)(DG)(DA)(DA)(DT)(DT)(DC)(DG) C,D,F,L,H,J
#
# COMPACT_ATOMS: atom_id res chain seq x y z
N SER A 7 -49.41 -14.10 -41.81
CA SER A 7 -50.50 -13.42 -42.53
C SER A 7 -50.43 -11.91 -42.34
N SER A 8 -50.53 -11.46 -41.10
CA SER A 8 -50.36 -10.05 -40.75
C SER A 8 -48.93 -9.78 -40.25
N THR A 9 -48.02 -10.70 -40.56
CA THR A 9 -46.63 -10.55 -40.17
C THR A 9 -45.93 -9.62 -41.16
N ILE A 10 -45.09 -8.73 -40.64
CA ILE A 10 -44.23 -7.93 -41.50
C ILE A 10 -42.78 -8.24 -41.20
N SER A 11 -41.91 -8.01 -42.18
CA SER A 11 -40.51 -8.40 -42.04
C SER A 11 -39.61 -7.32 -42.61
N PHE A 12 -38.45 -7.13 -41.98
CA PHE A 12 -37.47 -6.23 -42.54
C PHE A 12 -36.05 -6.64 -42.18
N ILE A 13 -35.10 -6.16 -42.99
CA ILE A 13 -33.69 -6.31 -42.69
C ILE A 13 -33.09 -4.91 -42.52
N THR A 14 -32.26 -4.70 -41.50
CA THR A 14 -31.46 -3.48 -41.43
C THR A 14 -29.98 -3.86 -41.48
N TRP A 15 -29.19 -3.13 -42.27
CA TRP A 15 -27.83 -3.55 -42.54
C TRP A 15 -26.94 -2.42 -43.01
N ASN A 16 -25.85 -2.18 -42.28
CA ASN A 16 -24.77 -1.32 -42.76
C ASN A 16 -23.90 -2.19 -43.65
N ILE A 17 -23.93 -1.90 -44.96
CA ILE A 17 -23.27 -2.78 -45.91
C ILE A 17 -21.83 -2.38 -46.24
N ASP A 18 -21.33 -1.37 -45.52
CA ASP A 18 -19.91 -0.98 -45.58
C ASP A 18 -19.44 -0.62 -46.99
N GLY A 19 -20.19 0.27 -47.64
CA GLY A 19 -19.83 0.72 -48.98
C GLY A 19 -18.50 1.46 -49.04
N LEU A 20 -18.00 1.89 -47.90
CA LEU A 20 -16.72 2.60 -47.83
C LEU A 20 -15.53 1.64 -47.98
N ASP A 21 -15.76 0.35 -47.75
CA ASP A 21 -14.73 -0.66 -47.96
C ASP A 21 -14.72 -1.04 -49.44
N GLY A 22 -13.66 -0.66 -50.14
CA GLY A 22 -13.56 -0.90 -51.58
C GLY A 22 -13.09 -2.29 -51.96
N CYS A 23 -12.71 -3.10 -50.99
CA CYS A 23 -12.17 -4.42 -51.27
C CYS A 23 -13.25 -5.50 -51.40
N ASN A 24 -13.11 -6.34 -52.43
CA ASN A 24 -14.02 -7.47 -52.67
C ASN A 24 -15.49 -7.05 -52.80
N LEU A 25 -15.71 -5.85 -53.30
CA LEU A 25 -17.07 -5.30 -53.42
C LEU A 25 -18.03 -6.15 -54.27
N PRO A 26 -17.58 -6.64 -55.45
CA PRO A 26 -18.49 -7.50 -56.23
C PRO A 26 -18.95 -8.77 -55.50
N GLU A 27 -18.05 -9.47 -54.82
CA GLU A 27 -18.44 -10.64 -54.06
C GLU A 27 -19.36 -10.26 -52.91
N ARG A 28 -19.02 -9.16 -52.24
CA ARG A 28 -19.76 -8.73 -51.06
C ARG A 28 -21.16 -8.28 -51.45
N ALA A 29 -21.29 -7.57 -52.57
CA ALA A 29 -22.58 -7.12 -53.04
C ALA A 29 -23.46 -8.29 -53.49
N ARG A 30 -22.86 -9.29 -54.12
CA ARG A 30 -23.58 -10.52 -54.44
C ARG A 30 -24.08 -11.19 -53.16
N GLY A 31 -23.24 -11.16 -52.13
CA GLY A 31 -23.62 -11.71 -50.84
C GLY A 31 -24.83 -10.98 -50.28
N VAL A 32 -24.81 -9.65 -50.34
CA VAL A 32 -25.94 -8.87 -49.86
C VAL A 32 -27.21 -9.17 -50.67
N CYS A 33 -27.09 -9.19 -51.99
CA CYS A 33 -28.26 -9.43 -52.83
C CYS A 33 -28.78 -10.85 -52.72
N SER A 34 -27.89 -11.79 -52.45
CA SER A 34 -28.29 -13.17 -52.17
CA SER A 34 -28.31 -13.17 -52.18
C SER A 34 -29.20 -13.21 -50.95
N CYS A 35 -28.73 -12.60 -49.87
CA CYS A 35 -29.50 -12.53 -48.63
CA CYS A 35 -29.52 -12.53 -48.63
C CYS A 35 -30.88 -11.91 -48.87
N LEU A 36 -30.89 -10.78 -49.58
CA LEU A 36 -32.14 -10.07 -49.84
C LEU A 36 -33.11 -10.89 -50.69
N ALA A 37 -32.59 -11.60 -51.67
CA ALA A 37 -33.43 -12.42 -52.54
C ALA A 37 -33.94 -13.66 -51.84
N LEU A 38 -33.13 -14.24 -50.95
CA LEU A 38 -33.51 -15.49 -50.30
C LEU A 38 -34.44 -15.28 -49.11
N TYR A 39 -34.24 -14.20 -48.35
CA TYR A 39 -35.15 -13.88 -47.26
C TYR A 39 -36.35 -13.08 -47.76
N SER A 40 -36.13 -12.28 -48.80
CA SER A 40 -37.18 -11.44 -49.40
C SER A 40 -38.08 -10.70 -48.40
N PRO A 41 -37.47 -9.88 -47.52
CA PRO A 41 -38.28 -9.16 -46.54
C PRO A 41 -39.14 -8.06 -47.20
N ASP A 42 -40.11 -7.54 -46.47
CA ASP A 42 -40.99 -6.50 -47.01
C ASP A 42 -40.24 -5.18 -47.20
N VAL A 43 -39.33 -4.89 -46.28
CA VAL A 43 -38.58 -3.64 -46.26
C VAL A 43 -37.11 -3.90 -45.99
N VAL A 44 -36.21 -3.17 -46.64
CA VAL A 44 -34.79 -3.24 -46.30
C VAL A 44 -34.26 -1.85 -45.94
N PHE A 45 -33.71 -1.69 -44.74
CA PHE A 45 -33.04 -0.45 -44.34
C PHE A 45 -31.52 -0.63 -44.54
N LEU A 46 -30.90 0.23 -45.33
CA LEU A 46 -29.48 0.10 -45.63
C LEU A 46 -28.72 1.35 -45.22
N GLN A 47 -27.51 1.16 -44.72
CA GLN A 47 -26.63 2.29 -44.41
C GLN A 47 -25.27 2.13 -45.08
N GLU A 48 -24.60 3.26 -45.30
CA GLU A 48 -23.30 3.30 -45.96
C GLU A 48 -23.36 2.73 -47.38
N VAL A 49 -24.43 3.06 -48.09
CA VAL A 49 -24.57 2.78 -49.52
C VAL A 49 -23.78 3.85 -50.30
N ILE A 50 -23.21 3.48 -51.44
CA ILE A 50 -22.55 4.44 -52.34
C ILE A 50 -23.19 4.33 -53.72
N PRO A 51 -23.04 5.36 -54.58
CA PRO A 51 -23.77 5.31 -55.87
C PRO A 51 -23.60 4.03 -56.71
N PRO A 52 -22.37 3.49 -56.86
CA PRO A 52 -22.28 2.21 -57.61
C PRO A 52 -22.98 1.05 -56.92
N TYR A 53 -23.13 1.12 -55.60
CA TYR A 53 -23.83 0.08 -54.87
C TYR A 53 -25.33 0.22 -55.12
N CYS A 54 -25.77 1.46 -55.17
CA CYS A 54 -27.15 1.77 -55.48
C CYS A 54 -27.51 1.29 -56.89
N ALA A 55 -26.62 1.52 -57.86
CA ALA A 55 -26.84 1.05 -59.22
C ALA A 55 -26.92 -0.46 -59.28
N TYR A 56 -26.08 -1.12 -58.49
CA TYR A 56 -26.08 -2.58 -58.45
C TYR A 56 -27.41 -3.12 -57.93
N LEU A 57 -27.91 -2.50 -56.86
CA LEU A 57 -29.17 -2.92 -56.25
C LEU A 57 -30.34 -2.76 -57.21
N LYS A 58 -30.30 -1.71 -58.02
CA LYS A 58 -31.36 -1.49 -59.01
C LYS A 58 -31.43 -2.60 -60.05
N LYS A 59 -30.28 -3.23 -60.33
CA LYS A 59 -30.23 -4.33 -61.30
C LYS A 59 -30.51 -5.67 -60.63
N ARG A 60 -29.96 -5.85 -59.44
CA ARG A 60 -29.90 -7.15 -58.78
C ARG A 60 -30.91 -7.31 -57.65
N ALA A 61 -31.67 -6.26 -57.38
CA ALA A 61 -32.71 -6.31 -56.37
C ALA A 61 -33.92 -5.53 -56.89
N ALA A 62 -34.31 -5.85 -58.12
CA ALA A 62 -35.32 -5.07 -58.85
C ALA A 62 -36.74 -5.28 -58.36
N SER A 63 -36.95 -6.22 -57.44
CA SER A 63 -38.28 -6.41 -56.88
C SER A 63 -38.57 -5.36 -55.80
N TYR A 64 -37.56 -4.55 -55.48
CA TYR A 64 -37.70 -3.46 -54.51
C TYR A 64 -37.67 -2.10 -55.18
N THR A 65 -38.48 -1.18 -54.67
CA THR A 65 -38.36 0.23 -55.03
C THR A 65 -37.36 0.87 -54.07
N ILE A 66 -36.40 1.61 -54.60
CA ILE A 66 -35.34 2.18 -53.78
C ILE A 66 -35.54 3.66 -53.48
N ILE A 67 -35.62 4.00 -52.20
CA ILE A 67 -35.65 5.39 -51.74
C ILE A 67 -34.30 5.72 -51.09
N THR A 68 -33.65 6.81 -51.47
CA THR A 68 -32.29 7.06 -50.99
C THR A 68 -32.12 8.30 -50.10
N GLY A 69 -31.11 8.26 -49.21
CA GLY A 69 -30.86 9.34 -48.25
C GLY A 69 -29.99 10.47 -48.79
N ASN A 70 -29.32 10.19 -49.90
CA ASN A 70 -28.55 11.18 -50.64
C ASN A 70 -28.20 10.56 -51.99
N GLU A 71 -27.53 11.33 -52.84
CA GLU A 71 -27.12 10.81 -54.13
C GLU A 71 -25.59 10.76 -54.22
N GLU A 72 -24.94 11.43 -53.28
CA GLU A 72 -23.50 11.60 -53.33
C GLU A 72 -22.86 11.10 -52.04
N GLY A 73 -21.57 10.80 -52.11
CA GLY A 73 -20.83 10.29 -50.98
C GLY A 73 -21.34 8.93 -50.57
N TYR A 74 -21.59 8.76 -49.28
CA TYR A 74 -22.26 7.55 -48.82
C TYR A 74 -23.51 7.96 -48.03
N PHE A 75 -24.53 7.10 -48.06
CA PHE A 75 -25.84 7.51 -47.62
C PHE A 75 -26.68 6.29 -47.28
N THR A 76 -27.87 6.54 -46.75
CA THR A 76 -28.78 5.48 -46.38
C THR A 76 -29.77 5.23 -47.49
N ALA A 77 -30.53 4.14 -47.38
CA ALA A 77 -31.60 3.88 -48.32
C ALA A 77 -32.66 3.00 -47.68
N ILE A 78 -33.88 3.11 -48.18
CA ILE A 78 -34.94 2.22 -47.78
C ILE A 78 -35.48 1.55 -49.06
N LEU A 79 -35.53 0.23 -49.03
CA LEU A 79 -36.06 -0.54 -50.16
C LEU A 79 -37.47 -1.04 -49.82
N LEU A 80 -38.39 -0.92 -50.76
CA LEU A 80 -39.78 -1.34 -50.53
C LEU A 80 -40.20 -2.42 -51.52
N LYS A 81 -40.73 -3.52 -51.00
CA LYS A 81 -41.13 -4.65 -51.83
C LYS A 81 -42.32 -4.31 -52.73
N LYS A 82 -42.10 -4.33 -54.03
CA LYS A 82 -43.13 -4.05 -55.03
C LYS A 82 -44.28 -5.05 -54.92
N GLY A 83 -45.50 -4.54 -54.96
CA GLY A 83 -46.69 -5.37 -54.89
C GLY A 83 -47.05 -5.75 -53.46
N ARG A 84 -46.31 -5.18 -52.51
CA ARG A 84 -46.52 -5.50 -51.11
C ARG A 84 -46.57 -4.22 -50.26
N VAL A 85 -45.68 -3.28 -50.57
CA VAL A 85 -45.64 -2.02 -49.85
C VAL A 85 -46.13 -0.89 -50.75
N LYS A 86 -46.98 -0.01 -50.21
CA LYS A 86 -47.42 1.16 -50.98
C LYS A 86 -46.71 2.42 -50.46
N PHE A 87 -45.98 3.07 -51.35
CA PHE A 87 -45.25 4.28 -51.00
C PHE A 87 -46.19 5.49 -50.94
N LYS A 88 -46.19 6.20 -49.82
CA LYS A 88 -47.09 7.35 -49.64
C LYS A 88 -46.37 8.71 -49.63
N SER A 89 -45.17 8.76 -49.06
CA SER A 89 -44.37 9.98 -49.03
C SER A 89 -42.99 9.70 -48.47
N GLN A 90 -42.08 10.64 -48.71
CA GLN A 90 -40.70 10.50 -48.25
C GLN A 90 -40.28 11.83 -47.64
N GLU A 91 -39.49 11.76 -46.56
CA GLU A 91 -38.98 12.97 -45.93
C GLU A 91 -37.52 12.80 -45.51
N ILE A 92 -36.72 13.84 -45.71
CA ILE A 92 -35.34 13.81 -45.23
C ILE A 92 -35.07 14.98 -44.29
N ILE A 93 -34.51 14.66 -43.13
CA ILE A 93 -34.23 15.66 -42.11
C ILE A 93 -32.73 15.68 -41.81
N PRO A 94 -32.10 16.85 -41.98
CA PRO A 94 -30.65 16.99 -41.80
C PRO A 94 -30.26 16.95 -40.32
N PHE A 95 -29.02 16.53 -40.06
CA PHE A 95 -28.41 16.72 -38.74
C PHE A 95 -27.46 17.90 -38.91
N PRO A 96 -27.90 19.10 -38.51
CA PRO A 96 -27.18 20.36 -38.76
C PRO A 96 -25.72 20.32 -38.35
N ASN A 97 -25.41 19.60 -37.29
CA ASN A 97 -24.05 19.58 -36.76
C ASN A 97 -23.24 18.34 -37.16
N THR A 98 -23.76 17.53 -38.07
CA THR A 98 -23.00 16.36 -38.50
C THR A 98 -21.71 16.77 -39.21
N LYS A 99 -20.67 15.95 -39.04
CA LYS A 99 -19.42 16.15 -39.76
C LYS A 99 -19.26 15.03 -40.77
N MET A 100 -20.26 14.17 -40.86
CA MET A 100 -20.16 12.97 -41.70
C MET A 100 -21.39 12.77 -42.59
N MET A 101 -22.06 13.86 -42.93
CA MET A 101 -23.22 13.85 -43.85
C MET A 101 -24.39 12.97 -43.38
N ARG A 102 -24.52 12.77 -42.08
CA ARG A 102 -25.57 11.90 -41.58
C ARG A 102 -26.90 12.65 -41.52
N ASN A 103 -28.00 11.91 -41.66
CA ASN A 103 -29.33 12.52 -41.62
C ASN A 103 -30.40 11.50 -41.25
N LEU A 104 -31.65 11.95 -41.25
CA LEU A 104 -32.77 11.06 -40.96
C LEU A 104 -33.63 10.89 -42.20
N LEU A 105 -33.75 9.65 -42.67
CA LEU A 105 -34.59 9.33 -43.81
C LEU A 105 -35.88 8.71 -43.32
N CYS A 106 -37.01 9.32 -43.66
CA CYS A 106 -38.33 8.82 -43.27
C CYS A 106 -39.18 8.49 -44.49
N VAL A 107 -39.76 7.29 -44.51
CA VAL A 107 -40.67 6.91 -45.58
C VAL A 107 -42.02 6.46 -44.99
N ASN A 108 -43.08 7.14 -45.41
CA ASN A 108 -44.42 6.75 -45.00
C ASN A 108 -45.03 5.79 -46.00
N VAL A 109 -45.54 4.67 -45.52
CA VAL A 109 -46.05 3.63 -46.39
C VAL A 109 -47.34 2.99 -45.86
N SER A 110 -47.96 2.21 -46.72
CA SER A 110 -49.04 1.32 -46.31
CA SER A 110 -49.04 1.31 -46.31
C SER A 110 -48.62 -0.11 -46.60
N LEU A 111 -48.83 -1.00 -45.63
CA LEU A 111 -48.39 -2.38 -45.75
C LEU A 111 -49.33 -3.27 -44.96
N GLY A 112 -49.92 -4.25 -45.64
CA GLY A 112 -50.87 -5.16 -45.01
C GLY A 112 -52.05 -4.42 -44.41
N GLY A 113 -52.46 -3.33 -45.05
CA GLY A 113 -53.61 -2.55 -44.60
C GLY A 113 -53.31 -1.57 -43.49
N ASN A 114 -52.04 -1.48 -43.09
CA ASN A 114 -51.65 -0.58 -42.00
C ASN A 114 -50.68 0.51 -42.44
N GLU A 115 -50.68 1.63 -41.71
CA GLU A 115 -49.81 2.76 -42.01
C GLU A 115 -48.54 2.69 -41.17
N PHE A 116 -47.39 2.92 -41.80
CA PHE A 116 -46.12 2.95 -41.08
C PHE A 116 -45.30 4.17 -41.45
N CYS A 117 -44.61 4.73 -40.46
CA CYS A 117 -43.54 5.67 -40.73
C CYS A 117 -42.24 4.92 -40.51
N LEU A 118 -41.52 4.63 -41.60
CA LEU A 118 -40.26 3.89 -41.52
C LEU A 118 -39.10 4.87 -41.56
N MET A 119 -38.17 4.72 -40.62
CA MET A 119 -37.05 5.65 -40.48
C MET A 119 -35.73 4.91 -40.44
N THR A 120 -34.70 5.48 -41.06
CA THR A 120 -33.35 4.97 -40.87
C THR A 120 -32.33 6.10 -40.78
N SER A 121 -31.23 5.80 -40.11
CA SER A 121 -30.12 6.74 -40.02
C SER A 121 -28.84 5.96 -39.75
N HIS A 122 -27.72 6.63 -39.98
CA HIS A 122 -26.41 6.09 -39.64
C HIS A 122 -25.80 7.14 -38.72
N LEU A 123 -25.95 6.97 -37.41
CA LEU A 123 -25.52 8.01 -36.48
C LEU A 123 -24.00 8.18 -36.48
N GLU A 124 -23.56 9.39 -36.12
CA GLU A 124 -22.16 9.80 -36.13
C GLU A 124 -21.22 8.73 -35.58
N SER A 125 -20.16 8.42 -36.33
CA SER A 125 -19.28 7.30 -35.99
C SER A 125 -18.12 7.66 -35.06
N THR A 126 -17.56 6.62 -34.44
CA THR A 126 -16.32 6.65 -33.62
C THR A 126 -16.47 7.15 -32.19
N ARG A 127 -15.56 6.71 -31.33
CA ARG A 127 -15.60 7.03 -29.91
C ARG A 127 -15.57 8.54 -29.68
N GLU A 128 -14.72 9.23 -30.43
CA GLU A 128 -14.47 10.65 -30.22
C GLU A 128 -15.65 11.55 -30.60
N HIS A 129 -16.63 11.00 -31.32
CA HIS A 129 -17.80 11.78 -31.73
CA HIS A 129 -17.78 11.79 -31.72
C HIS A 129 -19.03 11.41 -30.94
N SER A 130 -18.82 10.92 -29.73
CA SER A 130 -19.89 10.52 -28.82
C SER A 130 -20.94 11.61 -28.60
N ALA A 131 -20.49 12.84 -28.38
CA ALA A 131 -21.40 13.96 -28.10
C ALA A 131 -22.40 14.19 -29.23
N GLU A 132 -21.91 14.24 -30.47
CA GLU A 132 -22.78 14.47 -31.62
C GLU A 132 -23.68 13.26 -31.89
N ARG A 133 -23.15 12.06 -31.68
CA ARG A 133 -23.94 10.82 -31.80
C ARG A 133 -25.13 10.86 -30.84
N ILE A 134 -24.89 11.28 -29.61
CA ILE A 134 -25.95 11.39 -28.60
C ILE A 134 -26.98 12.46 -28.98
N ARG A 135 -26.50 13.60 -29.48
CA ARG A 135 -27.41 14.65 -29.95
C ARG A 135 -28.28 14.17 -31.11
N GLN A 136 -27.69 13.38 -32.01
CA GLN A 136 -28.46 12.82 -33.13
C GLN A 136 -29.48 11.80 -32.65
N LEU A 137 -29.09 10.98 -31.68
CA LEU A 137 -30.02 10.05 -31.06
C LEU A 137 -31.25 10.80 -30.52
N LYS A 138 -31.00 11.88 -29.79
CA LYS A 138 -32.09 12.68 -29.23
C LYS A 138 -33.01 13.24 -30.32
N THR A 139 -32.42 13.71 -31.42
CA THR A 139 -33.20 14.22 -32.55
C THR A 139 -34.10 13.13 -33.15
N VAL A 140 -33.54 11.94 -33.37
CA VAL A 140 -34.30 10.82 -33.88
C VAL A 140 -35.50 10.46 -32.98
N LEU A 141 -35.21 10.26 -31.69
CA LEU A 141 -36.26 9.96 -30.72
C LEU A 141 -37.32 11.05 -30.70
N GLY A 142 -36.88 12.30 -30.82
CA GLY A 142 -37.79 13.43 -30.89
C GLY A 142 -38.75 13.32 -32.06
N LYS A 143 -38.22 13.00 -33.24
CA LYS A 143 -39.05 12.87 -34.42
C LYS A 143 -40.00 11.68 -34.32
N MET A 144 -39.57 10.61 -33.67
CA MET A 144 -40.44 9.45 -33.45
C MET A 144 -41.65 9.86 -32.63
N GLN A 145 -41.42 10.67 -31.61
CA GLN A 145 -42.51 11.08 -30.71
C GLN A 145 -43.44 12.13 -31.33
N GLU A 146 -42.93 12.90 -32.27
CA GLU A 146 -43.73 13.95 -32.90
C GLU A 146 -44.61 13.42 -34.03
N ALA A 147 -44.43 12.14 -34.38
CA ALA A 147 -45.24 11.52 -35.42
C ALA A 147 -46.71 11.48 -35.01
N PRO A 148 -47.62 11.53 -36.00
CA PRO A 148 -49.05 11.41 -35.72
C PRO A 148 -49.33 10.08 -35.05
N ASP A 149 -50.15 10.06 -34.01
CA ASP A 149 -50.40 8.84 -33.26
C ASP A 149 -51.19 7.81 -34.07
N SER A 150 -51.70 8.25 -35.23
CA SER A 150 -52.38 7.34 -36.14
C SER A 150 -51.38 6.38 -36.80
N THR A 151 -50.11 6.76 -36.82
CA THR A 151 -49.11 5.93 -37.48
C THR A 151 -48.21 5.16 -36.50
N THR A 152 -47.73 4.03 -36.96
CA THR A 152 -46.76 3.24 -36.22
C THR A 152 -45.37 3.58 -36.72
N VAL A 153 -44.47 3.92 -35.81
CA VAL A 153 -43.12 4.33 -36.19
C VAL A 153 -42.11 3.24 -35.92
N ILE A 154 -41.33 2.90 -36.95
CA ILE A 154 -40.24 1.96 -36.80
C ILE A 154 -38.93 2.59 -37.25
N PHE A 155 -37.99 2.74 -36.32
CA PHE A 155 -36.64 3.13 -36.68
C PHE A 155 -35.78 1.89 -36.68
N ALA A 156 -34.97 1.74 -37.73
CA ALA A 156 -33.98 0.67 -37.74
C ALA A 156 -32.75 1.22 -38.45
N GLY A 157 -31.61 1.19 -37.75
CA GLY A 157 -30.41 1.79 -38.31
C GLY A 157 -29.15 1.43 -37.58
N ASP A 158 -28.03 1.94 -38.07
CA ASP A 158 -26.74 1.79 -37.41
C ASP A 158 -26.57 2.98 -36.49
N THR A 159 -26.75 2.74 -35.19
CA THR A 159 -26.70 3.82 -34.21
C THR A 159 -25.29 4.13 -33.71
N ASN A 160 -24.37 3.17 -33.88
CA ASN A 160 -23.00 3.32 -33.36
C ASN A 160 -22.93 3.51 -31.85
N LEU A 161 -24.01 3.17 -31.16
CA LEU A 161 -24.14 3.44 -29.74
C LEU A 161 -23.36 2.48 -28.85
N ARG A 162 -22.84 3.02 -27.76
CA ARG A 162 -22.33 2.21 -26.66
C ARG A 162 -23.40 2.28 -25.57
N ASP A 163 -23.54 1.22 -24.79
CA ASP A 163 -24.57 1.17 -23.75
C ASP A 163 -24.52 2.36 -22.80
N GLN A 164 -23.31 2.72 -22.35
CA GLN A 164 -23.12 3.83 -21.42
C GLN A 164 -23.64 5.15 -21.98
N GLU A 165 -23.60 5.30 -23.29
CA GLU A 165 -24.06 6.52 -23.93
C GLU A 165 -25.58 6.67 -23.82
N VAL A 166 -26.30 5.56 -23.94
CA VAL A 166 -27.75 5.58 -23.77
C VAL A 166 -28.08 5.90 -22.31
N ILE A 167 -27.32 5.29 -21.39
CA ILE A 167 -27.53 5.50 -19.96
C ILE A 167 -27.30 6.95 -19.58
N LYS A 168 -26.18 7.50 -20.04
CA LYS A 168 -25.79 8.85 -19.65
C LYS A 168 -26.76 9.91 -20.18
N CYS A 169 -27.51 9.58 -21.23
CA CYS A 169 -28.48 10.52 -21.76
C CYS A 169 -29.91 10.20 -21.30
N GLY A 170 -30.02 9.31 -20.32
CA GLY A 170 -31.29 9.06 -19.66
C GLY A 170 -32.07 7.85 -20.13
N GLY A 171 -31.57 7.18 -21.16
CA GLY A 171 -32.24 6.00 -21.69
C GLY A 171 -33.39 6.33 -22.61
N LEU A 172 -34.01 5.30 -23.18
CA LEU A 172 -35.15 5.51 -24.08
C LEU A 172 -36.33 6.08 -23.33
N PRO A 173 -37.16 6.87 -24.02
CA PRO A 173 -38.42 7.31 -23.44
C PRO A 173 -39.35 6.12 -23.19
N ASP A 174 -40.32 6.30 -22.31
CA ASP A 174 -41.21 5.20 -21.90
CA ASP A 174 -41.22 5.21 -21.90
C ASP A 174 -42.03 4.62 -23.06
N ASN A 175 -42.28 5.42 -24.09
CA ASN A 175 -43.09 4.95 -25.22
C ASN A 175 -42.30 4.52 -26.46
N VAL A 176 -40.99 4.42 -26.34
CA VAL A 176 -40.19 3.88 -27.43
C VAL A 176 -39.48 2.62 -26.97
N PHE A 177 -39.69 1.52 -27.72
CA PHE A 177 -39.12 0.24 -27.35
C PHE A 177 -37.98 -0.19 -28.26
N ASP A 178 -37.00 -0.87 -27.68
CA ASP A 178 -35.92 -1.50 -28.41
C ASP A 178 -36.34 -2.95 -28.64
N ALA A 179 -36.39 -3.36 -29.91
CA ALA A 179 -36.87 -4.70 -30.27
C ALA A 179 -36.08 -5.83 -29.61
N TRP A 180 -34.76 -5.67 -29.53
CA TRP A 180 -33.92 -6.68 -28.91
C TRP A 180 -34.22 -6.81 -27.42
N GLU A 181 -34.37 -5.67 -26.75
CA GLU A 181 -34.78 -5.67 -25.35
C GLU A 181 -36.18 -6.28 -25.19
N PHE A 182 -37.09 -5.94 -26.09
CA PHE A 182 -38.45 -6.44 -26.03
C PHE A 182 -38.49 -7.97 -26.10
N LEU A 183 -37.59 -8.54 -26.90
CA LEU A 183 -37.52 -9.99 -27.07
C LEU A 183 -36.75 -10.70 -25.94
N GLY A 184 -36.40 -9.95 -24.89
CA GLY A 184 -35.75 -10.55 -23.74
C GLY A 184 -34.23 -10.58 -23.85
N LYS A 185 -33.68 -9.71 -24.69
CA LYS A 185 -32.23 -9.62 -24.86
C LYS A 185 -31.56 -10.96 -25.25
N PRO A 186 -32.02 -11.61 -26.32
CA PRO A 186 -31.46 -12.92 -26.69
C PRO A 186 -29.98 -12.85 -27.05
N LYS A 187 -29.21 -13.81 -26.55
CA LYS A 187 -27.76 -13.83 -26.77
C LYS A 187 -27.38 -14.05 -28.23
N HIS A 188 -28.24 -14.73 -28.99
CA HIS A 188 -27.88 -15.10 -30.37
C HIS A 188 -27.69 -13.94 -31.34
N CYS A 189 -28.27 -12.78 -31.05
CA CYS A 189 -28.10 -11.62 -31.93
C CYS A 189 -27.67 -10.38 -31.15
N GLN A 190 -27.00 -10.60 -30.02
CA GLN A 190 -26.62 -9.51 -29.14
C GLN A 190 -25.59 -8.54 -29.74
N TYR A 191 -24.60 -9.06 -30.46
CA TYR A 191 -23.60 -8.19 -31.08
C TYR A 191 -23.74 -8.17 -32.60
N THR A 192 -23.69 -6.98 -33.19
CA THR A 192 -23.81 -6.85 -34.65
C THR A 192 -22.48 -6.42 -35.26
N TRP A 193 -21.50 -6.17 -34.41
CA TRP A 193 -20.17 -5.71 -34.81
C TRP A 193 -19.20 -6.38 -33.83
N ASP A 194 -18.34 -7.26 -34.34
CA ASP A 194 -17.65 -8.22 -33.49
C ASP A 194 -16.34 -8.64 -34.14
N THR A 195 -15.21 -8.11 -33.63
CA THR A 195 -13.90 -8.37 -34.25
C THR A 195 -13.38 -9.80 -34.11
N LYS A 196 -14.00 -10.60 -33.24
CA LYS A 196 -13.61 -11.99 -33.10
C LYS A 196 -14.39 -12.89 -34.07
N ALA A 197 -15.64 -12.54 -34.32
CA ALA A 197 -16.49 -13.34 -35.20
C ALA A 197 -16.44 -12.86 -36.64
N ASN A 198 -16.01 -11.61 -36.83
CA ASN A 198 -16.02 -10.98 -38.16
C ASN A 198 -14.63 -10.39 -38.42
N ASN A 199 -14.03 -10.77 -39.55
CA ASN A 199 -12.63 -10.42 -39.83
C ASN A 199 -12.43 -9.32 -40.87
N ASN A 200 -13.50 -8.64 -41.26
CA ASN A 200 -13.43 -7.66 -42.34
C ASN A 200 -12.50 -6.48 -42.09
N LEU A 201 -12.39 -6.05 -40.84
CA LEU A 201 -11.55 -4.90 -40.50
C LEU A 201 -10.09 -5.23 -40.13
N ARG A 202 -9.82 -6.51 -39.90
CA ARG A 202 -8.47 -6.97 -39.54
C ARG A 202 -7.96 -6.34 -38.24
N ILE A 203 -8.85 -6.22 -37.26
CA ILE A 203 -8.48 -5.69 -35.94
C ILE A 203 -8.03 -6.85 -35.04
N PRO A 204 -6.81 -6.76 -34.49
CA PRO A 204 -6.28 -7.86 -33.69
C PRO A 204 -7.01 -8.03 -32.36
N ALA A 205 -7.30 -6.92 -31.68
CA ALA A 205 -7.98 -6.98 -30.39
C ALA A 205 -9.44 -7.41 -30.55
N ALA A 206 -10.04 -7.83 -29.45
CA ALA A 206 -11.42 -8.30 -29.44
C ALA A 206 -12.36 -7.23 -28.92
N TYR A 207 -13.17 -6.69 -29.82
CA TYR A 207 -14.18 -5.70 -29.46
C TYR A 207 -15.52 -6.18 -29.97
N LYS A 208 -16.58 -5.90 -29.23
CA LYS A 208 -17.91 -6.22 -29.73
C LYS A 208 -18.96 -5.24 -29.25
N HIS A 209 -19.87 -4.88 -30.14
CA HIS A 209 -20.87 -3.88 -29.86
C HIS A 209 -22.20 -4.21 -30.51
N ARG A 210 -23.28 -3.70 -29.92
CA ARG A 210 -24.60 -3.75 -30.52
C ARG A 210 -24.89 -2.39 -31.17
N PHE A 211 -24.26 -2.15 -32.31
CA PHE A 211 -24.36 -0.86 -33.01
C PHE A 211 -25.70 -0.71 -33.73
N ASP A 212 -26.20 -1.81 -34.27
CA ASP A 212 -27.44 -1.78 -35.05
C ASP A 212 -28.64 -2.08 -34.16
N ARG A 213 -29.60 -1.16 -34.15
CA ARG A 213 -30.71 -1.24 -33.22
C ARG A 213 -32.03 -0.89 -33.89
N ILE A 214 -33.11 -1.42 -33.33
CA ILE A 214 -34.45 -1.20 -33.84
C ILE A 214 -35.30 -0.58 -32.74
N PHE A 215 -35.80 0.62 -32.99
CA PHE A 215 -36.70 1.30 -32.05
C PHE A 215 -38.09 1.37 -32.67
N PHE A 216 -39.12 1.24 -31.86
CA PHE A 216 -40.47 1.37 -32.38
C PHE A 216 -41.41 2.04 -31.40
N ARG A 217 -42.37 2.77 -31.96
CA ARG A 217 -43.38 3.41 -31.17
C ARG A 217 -44.72 3.00 -31.76
N ALA A 218 -45.59 2.46 -30.91
CA ALA A 218 -46.88 1.99 -31.37
C ALA A 218 -47.85 1.86 -30.20
N GLU A 219 -49.15 1.96 -30.49
CA GLU A 219 -50.17 1.78 -29.48
C GLU A 219 -50.02 0.39 -28.85
N GLU A 220 -50.46 0.25 -27.62
CA GLU A 220 -50.25 -0.97 -26.86
C GLU A 220 -50.80 -2.24 -27.53
N GLY A 221 -49.93 -3.23 -27.69
CA GLY A 221 -50.31 -4.52 -28.25
C GLY A 221 -50.37 -4.56 -29.78
N HIS A 222 -50.13 -3.41 -30.41
CA HIS A 222 -50.32 -3.27 -31.86
C HIS A 222 -49.20 -3.89 -32.69
N LEU A 223 -47.98 -3.81 -32.16
CA LEU A 223 -46.80 -4.24 -32.90
C LEU A 223 -45.97 -5.14 -32.01
N ILE A 224 -45.95 -6.43 -32.31
CA ILE A 224 -45.31 -7.41 -31.45
C ILE A 224 -44.16 -8.10 -32.18
N PRO A 225 -42.92 -7.72 -31.85
CA PRO A 225 -41.75 -8.36 -32.47
C PRO A 225 -41.80 -9.87 -32.24
N GLN A 226 -41.59 -10.65 -33.28
CA GLN A 226 -41.63 -12.11 -33.18
C GLN A 226 -40.25 -12.75 -33.19
N SER A 227 -39.35 -12.22 -34.01
CA SER A 227 -38.01 -12.81 -34.12
C SER A 227 -36.99 -11.75 -34.48
N LEU A 228 -35.74 -11.99 -34.10
CA LEU A 228 -34.64 -11.15 -34.51
C LEU A 228 -33.42 -12.06 -34.74
N ASP A 229 -32.87 -12.03 -35.95
CA ASP A 229 -31.72 -12.86 -36.28
C ASP A 229 -30.64 -12.09 -37.03
N LEU A 230 -29.39 -12.54 -36.87
CA LEU A 230 -28.27 -12.00 -37.63
C LEU A 230 -28.32 -12.49 -39.08
N VAL A 231 -27.97 -11.63 -40.02
CA VAL A 231 -27.80 -12.06 -41.42
C VAL A 231 -26.42 -11.60 -41.91
N GLY A 232 -25.97 -12.16 -43.03
CA GLY A 232 -24.65 -11.90 -43.54
C GLY A 232 -23.56 -12.70 -42.84
N LEU A 233 -23.91 -13.88 -42.35
CA LEU A 233 -22.98 -14.71 -41.57
C LEU A 233 -22.16 -15.68 -42.43
N GLU A 234 -22.53 -15.84 -43.69
CA GLU A 234 -21.80 -16.76 -44.54
C GLU A 234 -20.54 -16.11 -45.07
N LYS A 235 -19.38 -16.65 -44.68
CA LYS A 235 -18.11 -16.15 -45.20
C LYS A 235 -18.06 -16.41 -46.70
N LEU A 236 -17.61 -15.42 -47.47
CA LEU A 236 -17.65 -15.50 -48.93
C LEU A 236 -16.42 -16.22 -49.50
N ASP A 237 -16.41 -16.45 -50.82
CA ASP A 237 -15.31 -17.16 -51.46
C ASP A 237 -13.94 -16.53 -51.13
N CYS A 238 -13.90 -15.21 -51.06
CA CYS A 238 -12.66 -14.48 -50.77
C CYS A 238 -12.19 -14.61 -49.31
N GLY A 239 -13.04 -15.19 -48.46
CA GLY A 239 -12.66 -15.39 -47.06
C GLY A 239 -13.05 -14.24 -46.15
N ARG A 240 -13.87 -13.33 -46.66
CA ARG A 240 -14.39 -12.23 -45.86
C ARG A 240 -15.93 -12.29 -45.87
N PHE A 241 -16.56 -11.39 -45.12
CA PHE A 241 -18.01 -11.35 -45.02
C PHE A 241 -18.55 -10.21 -45.87
N PRO A 242 -19.86 -10.21 -46.17
CA PRO A 242 -20.44 -9.12 -46.96
C PRO A 242 -20.15 -7.75 -46.36
N SER A 243 -20.04 -7.66 -45.04
CA SER A 243 -19.78 -6.38 -44.39
C SER A 243 -19.08 -6.58 -43.05
N ASP A 244 -18.57 -5.50 -42.45
CA ASP A 244 -18.01 -5.58 -41.10
C ASP A 244 -19.12 -5.64 -40.05
N HIS A 245 -20.36 -5.35 -40.45
CA HIS A 245 -21.52 -5.51 -39.59
C HIS A 245 -22.27 -6.77 -39.96
N TRP A 246 -22.87 -7.42 -38.96
CA TRP A 246 -23.96 -8.33 -39.26
C TRP A 246 -25.19 -7.48 -39.55
N GLY A 247 -26.08 -7.95 -40.41
CA GLY A 247 -27.37 -7.30 -40.57
C GLY A 247 -28.35 -7.88 -39.56
N LEU A 248 -29.52 -7.26 -39.43
CA LEU A 248 -30.57 -7.78 -38.57
C LEU A 248 -31.83 -8.04 -39.36
N LEU A 249 -32.38 -9.24 -39.24
CA LEU A 249 -33.65 -9.58 -39.85
C LEU A 249 -34.68 -9.70 -38.74
N CYS A 250 -35.75 -8.91 -38.83
CA CYS A 250 -36.78 -8.86 -37.79
C CYS A 250 -38.14 -9.19 -38.39
N THR A 251 -38.92 -10.04 -37.73
CA THR A 251 -40.32 -10.19 -38.12
C THR A 251 -41.19 -9.73 -36.96
N LEU A 252 -42.32 -9.11 -37.29
CA LEU A 252 -43.23 -8.58 -36.28
C LEU A 252 -44.66 -8.89 -36.68
N ASN A 253 -45.48 -9.18 -35.68
CA ASN A 253 -46.91 -9.31 -35.91
C ASN A 253 -47.61 -7.98 -35.67
N VAL A 254 -48.57 -7.68 -36.54
CA VAL A 254 -49.32 -6.45 -36.45
C VAL A 254 -50.75 -6.82 -36.04
N VAL A 255 -51.19 -6.31 -34.90
CA VAL A 255 -52.51 -6.66 -34.39
C VAL A 255 -53.47 -5.48 -34.55
N LEU A 256 -54.51 -5.70 -35.35
CA LEU A 256 -55.47 -4.66 -35.69
C LEU A 256 -54.81 -3.36 -36.16
N SER B 7 1.29 -21.90 -19.59
CA SER B 7 0.96 -20.82 -20.51
C SER B 7 0.06 -19.78 -19.85
N SER B 8 -0.91 -20.27 -19.08
CA SER B 8 -1.74 -19.40 -18.25
C SER B 8 -1.08 -19.22 -16.88
N THR B 9 -0.06 -20.03 -16.62
CA THR B 9 0.80 -19.84 -15.45
C THR B 9 1.78 -18.71 -15.74
N ILE B 10 1.96 -17.80 -14.79
CA ILE B 10 2.94 -16.74 -14.93
C ILE B 10 3.97 -16.80 -13.81
N SER B 11 5.19 -16.30 -14.08
CA SER B 11 6.26 -16.40 -13.11
C SER B 11 7.03 -15.09 -12.99
N PHE B 12 7.53 -14.81 -11.79
CA PHE B 12 8.41 -13.66 -11.64
C PHE B 12 9.40 -13.82 -10.51
N ILE B 13 10.46 -13.01 -10.58
CA ILE B 13 11.41 -12.89 -9.50
C ILE B 13 11.43 -11.44 -9.02
N THR B 14 11.42 -11.22 -7.71
CA THR B 14 11.73 -9.90 -7.16
C THR B 14 13.00 -9.99 -6.29
N TRP B 15 13.90 -9.03 -6.45
CA TRP B 15 15.24 -9.15 -5.85
C TRP B 15 15.92 -7.80 -5.69
N ASN B 16 16.24 -7.45 -4.44
CA ASN B 16 17.14 -6.33 -4.15
C ASN B 16 18.55 -6.84 -4.30
N ILE B 17 19.27 -6.37 -5.31
CA ILE B 17 20.57 -6.95 -5.63
C ILE B 17 21.77 -6.20 -5.04
N ASP B 18 21.47 -5.17 -4.23
CA ASP B 18 22.48 -4.50 -3.41
C ASP B 18 23.61 -3.88 -4.23
N GLY B 19 23.27 -3.02 -5.16
CA GLY B 19 24.24 -2.36 -6.01
C GLY B 19 25.08 -1.33 -5.28
N LEU B 20 24.66 -0.96 -4.08
CA LEU B 20 25.41 -0.02 -3.24
C LEU B 20 26.63 -0.68 -2.61
N ASP B 21 26.68 -2.00 -2.61
CA ASP B 21 27.85 -2.72 -2.12
C ASP B 21 28.80 -2.92 -3.29
N GLY B 22 29.92 -2.20 -3.27
CA GLY B 22 30.92 -2.28 -4.32
C GLY B 22 31.81 -3.52 -4.28
N CYS B 23 31.85 -4.19 -3.12
CA CYS B 23 32.68 -5.38 -2.96
C CYS B 23 32.19 -6.57 -3.77
N ASN B 24 33.06 -7.10 -4.63
CA ASN B 24 32.76 -8.25 -5.49
C ASN B 24 31.57 -8.02 -6.40
N LEU B 25 31.30 -6.75 -6.73
CA LEU B 25 30.12 -6.41 -7.50
C LEU B 25 30.00 -7.09 -8.88
N PRO B 26 31.10 -7.12 -9.68
CA PRO B 26 31.01 -7.82 -10.96
C PRO B 26 30.72 -9.31 -10.83
N GLU B 27 31.34 -9.96 -9.86
CA GLU B 27 31.12 -11.39 -9.63
C GLU B 27 29.70 -11.64 -9.15
N ARG B 28 29.20 -10.74 -8.31
CA ARG B 28 27.85 -10.87 -7.79
C ARG B 28 26.82 -10.64 -8.88
N ALA B 29 27.10 -9.68 -9.76
CA ALA B 29 26.25 -9.42 -10.92
C ALA B 29 26.20 -10.63 -11.86
N ARG B 30 27.33 -11.31 -12.04
CA ARG B 30 27.35 -12.56 -12.80
C ARG B 30 26.44 -13.60 -12.14
N GLY B 31 26.42 -13.61 -10.81
CA GLY B 31 25.60 -14.55 -10.07
C GLY B 31 24.12 -14.30 -10.30
N VAL B 32 23.72 -13.03 -10.25
CA VAL B 32 22.33 -12.67 -10.49
C VAL B 32 21.90 -13.04 -11.91
N CYS B 33 22.69 -12.67 -12.91
CA CYS B 33 22.34 -12.97 -14.29
C CYS B 33 22.27 -14.46 -14.57
N SER B 34 23.11 -15.24 -13.87
CA SER B 34 23.09 -16.68 -14.00
C SER B 34 21.76 -17.21 -13.47
N CYS B 35 21.33 -16.71 -12.32
CA CYS B 35 20.07 -17.10 -11.73
CA CYS B 35 20.06 -17.11 -11.73
C CYS B 35 18.90 -16.79 -12.67
N LEU B 36 18.93 -15.59 -13.25
CA LEU B 36 17.88 -15.14 -14.16
C LEU B 36 17.84 -15.98 -15.43
N ALA B 37 19.01 -16.30 -15.99
CA ALA B 37 19.06 -17.12 -17.20
C ALA B 37 18.55 -18.54 -16.96
N LEU B 38 18.80 -19.07 -15.76
CA LEU B 38 18.47 -20.47 -15.48
C LEU B 38 16.99 -20.65 -15.12
N TYR B 39 16.43 -19.70 -14.38
CA TYR B 39 15.00 -19.74 -14.05
C TYR B 39 14.14 -19.13 -15.15
N SER B 40 14.70 -18.16 -15.88
CA SER B 40 14.00 -17.49 -16.99
C SER B 40 12.52 -17.13 -16.72
N PRO B 41 12.25 -16.33 -15.66
CA PRO B 41 10.86 -15.95 -15.37
C PRO B 41 10.28 -14.97 -16.40
N ASP B 42 8.95 -14.84 -16.44
CA ASP B 42 8.29 -13.89 -17.34
C ASP B 42 8.67 -12.45 -17.01
N VAL B 43 8.83 -12.15 -15.73
CA VAL B 43 9.08 -10.80 -15.27
C VAL B 43 10.13 -10.81 -14.15
N VAL B 44 11.00 -9.80 -14.12
CA VAL B 44 11.91 -9.63 -13.00
C VAL B 44 11.72 -8.22 -12.43
N PHE B 45 11.55 -8.13 -11.11
CA PHE B 45 11.51 -6.84 -10.41
C PHE B 45 12.84 -6.68 -9.67
N LEU B 46 13.57 -5.61 -9.94
CA LEU B 46 14.87 -5.43 -9.30
C LEU B 46 14.90 -4.15 -8.48
N GLN B 47 15.64 -4.17 -7.36
CA GLN B 47 15.83 -2.96 -6.55
C GLN B 47 17.30 -2.73 -6.30
N GLU B 48 17.64 -1.46 -6.06
CA GLU B 48 19.01 -1.06 -5.74
C GLU B 48 19.96 -1.36 -6.90
N VAL B 49 19.49 -1.12 -8.12
CA VAL B 49 20.31 -1.18 -9.32
C VAL B 49 21.05 0.15 -9.52
N ILE B 50 22.30 0.09 -9.95
CA ILE B 50 23.06 1.30 -10.28
C ILE B 50 23.37 1.29 -11.78
N PRO B 51 23.73 2.45 -12.37
CA PRO B 51 23.89 2.47 -13.84
C PRO B 51 24.81 1.40 -14.46
N PRO B 52 26.02 1.17 -13.93
CA PRO B 52 26.84 0.15 -14.59
C PRO B 52 26.30 -1.27 -14.45
N TYR B 53 25.51 -1.51 -13.40
CA TYR B 53 24.86 -2.81 -13.20
C TYR B 53 23.77 -2.95 -14.25
N CYS B 54 23.08 -1.84 -14.49
CA CYS B 54 22.03 -1.79 -15.49
C CYS B 54 22.59 -2.03 -16.90
N ALA B 55 23.78 -1.50 -17.16
CA ALA B 55 24.43 -1.71 -18.45
C ALA B 55 24.82 -3.17 -18.60
N TYR B 56 25.19 -3.80 -17.49
CA TYR B 56 25.56 -5.21 -17.52
C TYR B 56 24.35 -6.08 -17.81
N LEU B 57 23.21 -5.75 -17.19
CA LEU B 57 21.96 -6.46 -17.44
C LEU B 57 21.54 -6.41 -18.90
N LYS B 58 21.72 -5.24 -19.53
CA LYS B 58 21.37 -5.07 -20.94
C LYS B 58 22.20 -5.98 -21.84
N LYS B 59 23.40 -6.33 -21.39
CA LYS B 59 24.28 -7.22 -22.15
C LYS B 59 24.06 -8.69 -21.82
N ARG B 60 23.93 -9.00 -20.54
CA ARG B 60 23.87 -10.39 -20.09
C ARG B 60 22.47 -10.85 -19.71
N ALA B 61 21.47 -10.06 -20.07
CA ALA B 61 20.07 -10.48 -19.90
C ALA B 61 19.27 -9.92 -21.06
N ALA B 62 19.76 -10.17 -22.27
CA ALA B 62 19.25 -9.54 -23.47
C ALA B 62 17.86 -10.03 -23.91
N SER B 63 17.36 -11.08 -23.26
CA SER B 63 16.04 -11.59 -23.61
C SER B 63 14.94 -10.83 -22.85
N TYR B 64 15.35 -9.84 -22.07
CA TYR B 64 14.41 -9.01 -21.31
C TYR B 64 14.44 -7.55 -21.78
N THR B 65 13.27 -6.93 -21.85
CA THR B 65 13.19 -5.49 -22.04
C THR B 65 13.26 -4.85 -20.67
N ILE B 66 14.12 -3.85 -20.51
CA ILE B 66 14.35 -3.24 -19.21
C ILE B 66 13.71 -1.85 -19.07
N ILE B 67 12.91 -1.68 -18.02
CA ILE B 67 12.29 -0.40 -17.70
C ILE B 67 12.78 0.02 -16.34
N THR B 68 13.34 1.22 -16.22
CA THR B 68 13.96 1.65 -14.96
C THR B 68 13.18 2.74 -14.22
N GLY B 69 13.39 2.81 -12.90
CA GLY B 69 12.74 3.81 -12.06
C GLY B 69 13.50 5.14 -12.05
N ASN B 70 14.73 5.12 -12.52
CA ASN B 70 15.55 6.33 -12.61
C ASN B 70 16.75 6.04 -13.49
N GLU B 71 17.61 7.03 -13.68
CA GLU B 71 18.76 6.87 -14.54
CA GLU B 71 18.76 6.91 -14.56
C GLU B 71 20.06 7.16 -13.81
N GLU B 72 19.95 7.71 -12.61
CA GLU B 72 21.11 8.03 -11.79
C GLU B 72 20.96 7.53 -10.36
N GLY B 73 22.08 7.45 -9.64
CA GLY B 73 22.09 6.97 -8.27
C GLY B 73 21.81 5.48 -8.21
N TYR B 74 20.88 5.08 -7.33
CA TYR B 74 20.41 3.71 -7.34
C TYR B 74 18.90 3.71 -7.47
N PHE B 75 18.36 2.67 -8.09
CA PHE B 75 16.96 2.70 -8.51
C PHE B 75 16.41 1.30 -8.78
N THR B 76 15.11 1.26 -9.08
CA THR B 76 14.45 0.00 -9.36
C THR B 76 14.41 -0.28 -10.86
N ALA B 77 14.03 -1.49 -11.22
CA ALA B 77 13.85 -1.84 -12.62
C ALA B 77 12.83 -2.95 -12.75
N ILE B 78 12.11 -2.96 -13.86
CA ILE B 78 11.27 -4.09 -14.24
C ILE B 78 11.71 -4.64 -15.58
N LEU B 79 11.97 -5.95 -15.61
CA LEU B 79 12.40 -6.64 -16.82
C LEU B 79 11.26 -7.50 -17.38
N LEU B 80 10.99 -7.35 -18.66
CA LEU B 80 9.88 -8.06 -19.31
C LEU B 80 10.41 -9.03 -20.36
N LYS B 81 10.03 -10.30 -20.26
CA LYS B 81 10.51 -11.32 -21.20
C LYS B 81 10.00 -11.11 -22.63
N LYS B 82 10.93 -10.87 -23.55
CA LYS B 82 10.57 -10.68 -24.96
C LYS B 82 9.87 -11.92 -25.53
N GLY B 83 8.82 -11.69 -26.32
CA GLY B 83 8.09 -12.76 -26.97
C GLY B 83 7.04 -13.33 -26.06
N ARG B 84 7.13 -13.01 -24.78
CA ARG B 84 6.21 -13.54 -23.80
C ARG B 84 5.35 -12.43 -23.20
N VAL B 85 5.97 -11.33 -22.80
CA VAL B 85 5.26 -10.20 -22.22
C VAL B 85 5.14 -9.06 -23.24
N LYS B 86 3.95 -8.46 -23.35
CA LYS B 86 3.76 -7.33 -24.25
C LYS B 86 3.61 -6.03 -23.46
N PHE B 87 4.55 -5.11 -23.64
CA PHE B 87 4.47 -3.81 -22.97
C PHE B 87 3.29 -2.99 -23.49
N LYS B 88 2.54 -2.39 -22.56
CA LYS B 88 1.44 -1.50 -22.94
C LYS B 88 1.71 -0.04 -22.55
N SER B 89 1.99 0.21 -21.27
CA SER B 89 2.26 1.56 -20.81
C SER B 89 3.06 1.55 -19.52
N GLN B 90 3.58 2.71 -19.14
CA GLN B 90 4.40 2.85 -17.94
C GLN B 90 4.03 4.12 -17.18
N GLU B 91 4.19 4.09 -15.87
CA GLU B 91 4.00 5.29 -15.04
CA GLU B 91 4.05 5.31 -15.07
C GLU B 91 4.89 5.23 -13.81
N ILE B 92 5.39 6.38 -13.39
CA ILE B 92 6.17 6.47 -12.15
C ILE B 92 5.44 7.38 -11.18
N ILE B 93 5.11 6.85 -10.02
CA ILE B 93 4.48 7.65 -8.97
C ILE B 93 5.54 8.07 -7.98
N PRO B 94 5.76 9.39 -7.84
CA PRO B 94 6.80 9.87 -6.91
C PRO B 94 6.39 9.75 -5.46
N PHE B 95 7.37 9.64 -4.58
CA PHE B 95 7.16 9.74 -3.14
C PHE B 95 7.71 11.10 -2.73
N PRO B 96 6.84 12.12 -2.65
CA PRO B 96 7.28 13.51 -2.44
C PRO B 96 8.20 13.69 -1.23
N ASN B 97 8.04 12.85 -0.21
CA ASN B 97 8.78 13.04 1.04
C ASN B 97 9.99 12.12 1.22
N THR B 98 10.34 11.36 0.17
CA THR B 98 11.51 10.49 0.25
C THR B 98 12.80 11.28 0.44
N LYS B 99 13.71 10.73 1.22
CA LYS B 99 15.02 11.30 1.38
C LYS B 99 16.04 10.36 0.75
N MET B 100 15.54 9.39 -0.01
CA MET B 100 16.39 8.36 -0.60
C MET B 100 16.02 8.07 -2.06
N MET B 101 15.40 9.06 -2.71
CA MET B 101 15.02 8.96 -4.14
CA MET B 101 14.99 8.98 -4.13
C MET B 101 14.12 7.77 -4.46
N ARG B 102 13.35 7.30 -3.49
CA ARG B 102 12.50 6.14 -3.73
C ARG B 102 11.25 6.55 -4.48
N ASN B 103 10.66 5.62 -5.23
CA ASN B 103 9.43 5.90 -5.98
C ASN B 103 8.64 4.62 -6.29
N LEU B 104 7.51 4.77 -6.96
CA LEU B 104 6.70 3.61 -7.35
C LEU B 104 6.67 3.44 -8.86
N LEU B 105 7.29 2.37 -9.35
CA LEU B 105 7.36 2.11 -10.80
C LEU B 105 6.24 1.16 -11.20
N CYS B 106 5.42 1.58 -12.16
CA CYS B 106 4.29 0.78 -12.62
C CYS B 106 4.39 0.50 -14.11
N VAL B 107 4.18 -0.75 -14.49
CA VAL B 107 4.14 -1.10 -15.90
C VAL B 107 2.91 -1.94 -16.22
N ASN B 108 2.11 -1.48 -17.16
CA ASN B 108 0.96 -2.26 -17.63
C ASN B 108 1.35 -3.12 -18.82
N VAL B 109 0.98 -4.40 -18.77
CA VAL B 109 1.39 -5.35 -19.79
C VAL B 109 0.28 -6.33 -20.15
N SER B 110 0.50 -7.02 -21.26
CA SER B 110 -0.33 -8.16 -21.61
C SER B 110 0.57 -9.40 -21.55
N LEU B 111 0.06 -10.47 -20.94
CA LEU B 111 0.83 -11.70 -20.78
C LEU B 111 -0.11 -12.89 -20.77
N GLY B 112 0.12 -13.84 -21.67
CA GLY B 112 -0.69 -15.04 -21.77
C GLY B 112 -2.17 -14.75 -21.95
N GLY B 113 -2.47 -13.69 -22.70
CA GLY B 113 -3.86 -13.31 -22.96
C GLY B 113 -4.49 -12.43 -21.90
N ASN B 114 -3.81 -12.21 -20.78
CA ASN B 114 -4.38 -11.44 -19.69
C ASN B 114 -3.68 -10.11 -19.46
N GLU B 115 -4.40 -9.15 -18.90
CA GLU B 115 -3.87 -7.81 -18.63
C GLU B 115 -3.41 -7.68 -17.18
N PHE B 116 -2.21 -7.13 -16.99
CA PHE B 116 -1.63 -6.98 -15.66
C PHE B 116 -1.12 -5.55 -15.43
N CYS B 117 -1.26 -5.06 -14.21
CA CYS B 117 -0.54 -3.88 -13.78
C CYS B 117 0.55 -4.31 -12.80
N LEU B 118 1.80 -4.22 -13.24
CA LEU B 118 2.95 -4.65 -12.43
C LEU B 118 3.61 -3.46 -11.76
N MET B 119 3.95 -3.63 -10.49
CA MET B 119 4.47 -2.54 -9.68
C MET B 119 5.64 -2.99 -8.85
N THR B 120 6.65 -2.14 -8.70
CA THR B 120 7.70 -2.39 -7.73
C THR B 120 8.18 -1.11 -7.07
N SER B 121 8.77 -1.26 -5.90
CA SER B 121 9.31 -0.13 -5.16
C SER B 121 10.37 -0.64 -4.19
N HIS B 122 11.23 0.27 -3.76
CA HIS B 122 12.20 0.01 -2.70
C HIS B 122 11.87 1.01 -1.60
N LEU B 123 11.05 0.61 -0.63
CA LEU B 123 10.57 1.55 0.38
C LEU B 123 11.71 2.07 1.28
N GLU B 124 11.58 3.31 1.74
CA GLU B 124 12.54 3.99 2.62
C GLU B 124 13.21 3.04 3.62
N SER B 125 14.53 3.10 3.73
CA SER B 125 15.30 2.14 4.52
C SER B 125 15.58 2.57 5.97
N THR B 126 15.90 1.57 6.80
CA THR B 126 16.35 1.71 8.19
C THR B 126 15.24 1.95 9.22
N ARG B 127 15.53 1.61 10.47
CA ARG B 127 14.56 1.72 11.55
C ARG B 127 14.07 3.15 11.75
N GLU B 128 15.00 4.10 11.68
CA GLU B 128 14.72 5.49 11.98
C GLU B 128 13.81 6.20 10.97
N HIS B 129 13.63 5.58 9.80
CA HIS B 129 12.78 6.18 8.78
C HIS B 129 11.43 5.48 8.65
N SER B 130 10.99 4.91 9.76
CA SER B 130 9.74 4.14 9.85
C SER B 130 8.51 4.91 9.37
N ALA B 131 8.39 6.16 9.80
CA ALA B 131 7.22 6.98 9.46
C ALA B 131 7.04 7.16 7.95
N GLU B 132 8.13 7.47 7.25
CA GLU B 132 8.07 7.66 5.80
C GLU B 132 7.84 6.34 5.05
N ARG B 133 8.43 5.26 5.56
CA ARG B 133 8.22 3.93 5.00
C ARG B 133 6.73 3.59 5.02
N ILE B 134 6.09 3.88 6.14
CA ILE B 134 4.66 3.65 6.31
C ILE B 134 3.82 4.51 5.37
N ARG B 135 4.21 5.76 5.18
CA ARG B 135 3.50 6.62 4.24
C ARG B 135 3.64 6.14 2.79
N GLN B 136 4.81 5.63 2.44
CA GLN B 136 5.01 5.07 1.11
C GLN B 136 4.16 3.81 0.90
N LEU B 137 4.07 2.97 1.93
CA LEU B 137 3.23 1.77 1.86
C LEU B 137 1.77 2.15 1.60
N LYS B 138 1.27 3.16 2.31
CA LYS B 138 -0.08 3.68 2.08
C LYS B 138 -0.28 4.13 0.63
N THR B 139 0.72 4.83 0.09
CA THR B 139 0.69 5.28 -1.30
C THR B 139 0.65 4.10 -2.28
N VAL B 140 1.44 3.08 -2.00
CA VAL B 140 1.43 1.88 -2.83
C VAL B 140 0.05 1.19 -2.80
N LEU B 141 -0.47 0.95 -1.61
CA LEU B 141 -1.74 0.25 -1.47
C LEU B 141 -2.87 1.07 -2.09
N GLY B 142 -2.81 2.40 -1.93
CA GLY B 142 -3.78 3.28 -2.54
C GLY B 142 -3.78 3.17 -4.06
N LYS B 143 -2.58 3.07 -4.64
CA LYS B 143 -2.46 2.96 -6.09
C LYS B 143 -3.03 1.64 -6.60
N MET B 144 -2.84 0.58 -5.83
CA MET B 144 -3.35 -0.75 -6.21
C MET B 144 -4.87 -0.79 -6.38
N GLN B 145 -5.61 -0.12 -5.49
CA GLN B 145 -7.07 -0.08 -5.55
CA GLN B 145 -7.07 -0.12 -5.60
C GLN B 145 -7.59 0.88 -6.62
N GLU B 146 -6.72 1.73 -7.14
CA GLU B 146 -7.14 2.70 -8.16
C GLU B 146 -7.24 2.06 -9.53
N ALA B 147 -6.57 0.92 -9.71
CA ALA B 147 -6.55 0.25 -11.00
C ALA B 147 -7.92 -0.30 -11.39
N PRO B 148 -8.20 -0.34 -12.70
CA PRO B 148 -9.43 -0.92 -13.25
C PRO B 148 -9.70 -2.32 -12.71
N ASP B 149 -10.95 -2.62 -12.41
CA ASP B 149 -11.33 -3.88 -11.77
C ASP B 149 -11.06 -5.08 -12.67
N SER B 150 -10.96 -4.82 -13.97
CA SER B 150 -10.71 -5.87 -14.95
C SER B 150 -9.25 -6.32 -14.94
N THR B 151 -8.36 -5.43 -14.56
CA THR B 151 -6.93 -5.72 -14.60
CA THR B 151 -6.92 -5.70 -14.59
C THR B 151 -6.44 -6.29 -13.27
N THR B 152 -5.48 -7.21 -13.36
CA THR B 152 -4.86 -7.83 -12.20
C THR B 152 -3.63 -7.02 -11.81
N VAL B 153 -3.56 -6.64 -10.53
CA VAL B 153 -2.43 -5.87 -10.03
C VAL B 153 -1.50 -6.71 -9.19
N ILE B 154 -0.21 -6.62 -9.49
CA ILE B 154 0.82 -7.33 -8.72
C ILE B 154 1.90 -6.35 -8.30
N PHE B 155 2.10 -6.20 -7.00
CA PHE B 155 3.24 -5.46 -6.47
C PHE B 155 4.27 -6.46 -5.96
N ALA B 156 5.53 -6.24 -6.27
CA ALA B 156 6.62 -7.05 -5.74
C ALA B 156 7.84 -6.16 -5.55
N GLY B 157 8.35 -6.07 -4.33
CA GLY B 157 9.49 -5.21 -4.07
C GLY B 157 10.11 -5.34 -2.70
N ASP B 158 11.14 -4.55 -2.44
CA ASP B 158 11.79 -4.53 -1.15
C ASP B 158 11.11 -3.48 -0.28
N THR B 159 10.28 -3.95 0.63
CA THR B 159 9.45 -3.06 1.43
C THR B 159 10.16 -2.54 2.68
N ASN B 160 11.23 -3.23 3.09
CA ASN B 160 11.90 -2.90 4.36
C ASN B 160 10.97 -2.94 5.58
N LEU B 161 9.83 -3.60 5.43
CA LEU B 161 8.79 -3.55 6.46
C LEU B 161 9.10 -4.42 7.67
N ARG B 162 8.73 -3.90 8.84
CA ARG B 162 8.60 -4.71 10.04
C ARG B 162 7.10 -4.98 10.22
N ASP B 163 6.75 -6.13 10.81
CA ASP B 163 5.34 -6.52 10.96
C ASP B 163 4.53 -5.48 11.73
N GLN B 164 5.13 -4.91 12.77
CA GLN B 164 4.49 -3.89 13.58
C GLN B 164 4.09 -2.67 12.73
N GLU B 165 4.87 -2.39 11.70
CA GLU B 165 4.61 -1.25 10.81
C GLU B 165 3.37 -1.44 9.94
N VAL B 166 3.13 -2.68 9.50
CA VAL B 166 1.95 -2.98 8.71
C VAL B 166 0.71 -2.84 9.57
N ILE B 167 0.80 -3.34 10.80
CA ILE B 167 -0.28 -3.18 11.76
C ILE B 167 -0.61 -1.70 11.98
N LYS B 168 0.42 -0.91 12.28
CA LYS B 168 0.25 0.53 12.52
C LYS B 168 -0.36 1.23 11.30
N CYS B 169 -0.13 0.64 10.13
CA CYS B 169 -0.65 1.19 8.89
C CYS B 169 -2.15 0.92 8.78
N GLY B 170 -2.63 -0.02 9.60
CA GLY B 170 -4.02 -0.43 9.56
C GLY B 170 -4.21 -1.83 9.00
N GLY B 171 -3.11 -2.43 8.55
CA GLY B 171 -3.16 -3.74 7.91
C GLY B 171 -3.46 -3.64 6.43
N LEU B 172 -3.25 -4.74 5.71
CA LEU B 172 -3.62 -4.78 4.30
C LEU B 172 -5.12 -4.68 4.16
N PRO B 173 -5.60 -3.97 3.13
CA PRO B 173 -7.05 -3.92 2.86
C PRO B 173 -7.60 -5.28 2.44
N ASP B 174 -8.91 -5.43 2.52
CA ASP B 174 -9.58 -6.72 2.29
C ASP B 174 -9.38 -7.29 0.88
N ASN B 175 -9.13 -6.43 -0.09
CA ASN B 175 -8.96 -6.88 -1.46
C ASN B 175 -7.51 -6.93 -1.93
N VAL B 176 -6.57 -6.75 -1.01
CA VAL B 176 -5.14 -6.87 -1.35
C VAL B 176 -4.50 -7.99 -0.52
N PHE B 177 -3.95 -8.98 -1.20
CA PHE B 177 -3.39 -10.15 -0.53
C PHE B 177 -1.87 -10.17 -0.59
N ASP B 178 -1.26 -10.66 0.48
CA ASP B 178 0.18 -10.92 0.54
C ASP B 178 0.37 -12.37 0.10
N ALA B 179 1.19 -12.58 -0.94
CA ALA B 179 1.36 -13.92 -1.53
C ALA B 179 1.89 -14.95 -0.54
N TRP B 180 2.79 -14.53 0.34
CA TRP B 180 3.36 -15.41 1.35
C TRP B 180 2.30 -15.83 2.35
N GLU B 181 1.50 -14.86 2.79
CA GLU B 181 0.37 -15.14 3.68
C GLU B 181 -0.67 -16.03 3.00
N PHE B 182 -0.95 -15.73 1.73
CA PHE B 182 -1.92 -16.52 0.97
C PHE B 182 -1.50 -17.98 0.90
N LEU B 183 -0.19 -18.22 0.84
CA LEU B 183 0.35 -19.58 0.71
C LEU B 183 0.48 -20.31 2.06
N GLY B 184 0.04 -19.67 3.14
CA GLY B 184 0.04 -20.29 4.46
C GLY B 184 1.24 -19.96 5.33
N LYS B 185 1.93 -18.86 5.02
CA LYS B 185 3.13 -18.45 5.75
C LYS B 185 4.21 -19.53 5.86
N PRO B 186 4.62 -20.13 4.72
CA PRO B 186 5.57 -21.24 4.84
C PRO B 186 6.93 -20.79 5.37
N LYS B 187 7.52 -21.63 6.21
CA LYS B 187 8.81 -21.31 6.84
C LYS B 187 9.96 -21.26 5.86
N HIS B 188 9.86 -22.00 4.76
CA HIS B 188 11.00 -22.12 3.85
C HIS B 188 11.42 -20.78 3.23
N CYS B 189 10.49 -19.84 3.13
CA CYS B 189 10.84 -18.53 2.60
C CYS B 189 10.40 -17.37 3.50
N GLN B 190 10.33 -17.61 4.81
CA GLN B 190 9.86 -16.59 5.74
CA GLN B 190 9.86 -16.61 5.75
C GLN B 190 10.76 -15.36 5.80
N TYR B 191 12.07 -15.55 5.81
CA TYR B 191 12.99 -14.43 5.87
C TYR B 191 13.76 -14.23 4.57
N THR B 192 13.92 -12.98 4.16
CA THR B 192 14.59 -12.66 2.91
C THR B 192 15.86 -11.87 3.19
N TRP B 193 16.11 -11.60 4.46
CA TRP B 193 17.28 -10.85 4.91
C TRP B 193 17.62 -11.43 6.29
N ASP B 194 18.83 -11.95 6.44
CA ASP B 194 19.15 -12.85 7.55
C ASP B 194 20.65 -12.88 7.80
N THR B 195 21.08 -12.26 8.90
CA THR B 195 22.50 -12.08 9.18
C THR B 195 23.17 -13.37 9.63
N LYS B 196 22.37 -14.39 9.94
CA LYS B 196 22.93 -15.68 10.30
C LYS B 196 23.19 -16.53 9.06
N ALA B 197 22.27 -16.50 8.11
CA ALA B 197 22.39 -17.32 6.91
C ALA B 197 23.13 -16.62 5.78
N ASN B 198 23.24 -15.30 5.88
CA ASN B 198 23.86 -14.50 4.83
C ASN B 198 24.94 -13.60 5.43
N ASN B 199 26.16 -13.71 4.90
CA ASN B 199 27.30 -13.03 5.51
C ASN B 199 27.77 -11.77 4.77
N ASN B 200 26.98 -11.30 3.80
CA ASN B 200 27.43 -10.20 2.96
C ASN B 200 27.76 -8.90 3.70
N LEU B 201 26.96 -8.60 4.73
CA LEU B 201 27.13 -7.35 5.50
C LEU B 201 28.10 -7.44 6.69
N ARG B 202 28.48 -8.66 7.07
CA ARG B 202 29.42 -8.91 8.18
C ARG B 202 28.93 -8.41 9.54
N ILE B 203 27.61 -8.48 9.74
CA ILE B 203 27.00 -8.07 10.99
C ILE B 203 27.08 -9.23 12.01
N PRO B 204 27.78 -9.00 13.13
CA PRO B 204 28.01 -10.08 14.11
C PRO B 204 26.75 -10.59 14.79
N ALA B 205 25.79 -9.71 15.10
CA ALA B 205 24.57 -10.14 15.78
C ALA B 205 23.58 -10.82 14.81
N ALA B 206 22.57 -11.45 15.39
CA ALA B 206 21.56 -12.16 14.59
C ALA B 206 20.32 -11.30 14.38
N TYR B 207 20.03 -11.01 13.12
CA TYR B 207 18.83 -10.27 12.74
C TYR B 207 18.20 -10.96 11.54
N LYS B 208 16.87 -11.05 11.53
CA LYS B 208 16.19 -11.58 10.35
C LYS B 208 14.84 -10.90 10.13
N HIS B 209 14.52 -10.65 8.86
CA HIS B 209 13.32 -9.92 8.51
C HIS B 209 12.75 -10.41 7.20
N ARG B 210 11.45 -10.20 7.03
CA ARG B 210 10.78 -10.44 5.77
C ARG B 210 10.61 -9.10 5.04
N PHE B 211 11.73 -8.55 4.56
CA PHE B 211 11.73 -7.26 3.89
C PHE B 211 11.06 -7.33 2.52
N ASP B 212 11.27 -8.45 1.82
CA ASP B 212 10.80 -8.57 0.45
C ASP B 212 9.42 -9.22 0.39
N ARG B 213 8.45 -8.52 -0.19
CA ARG B 213 7.05 -8.95 -0.11
C ARG B 213 6.29 -8.79 -1.44
N ILE B 214 5.23 -9.57 -1.59
CA ILE B 214 4.45 -9.56 -2.81
C ILE B 214 2.99 -9.32 -2.48
N PHE B 215 2.39 -8.29 -3.09
CA PHE B 215 0.97 -7.98 -2.89
C PHE B 215 0.21 -8.15 -4.20
N PHE B 216 -1.03 -8.61 -4.12
CA PHE B 216 -1.81 -8.71 -5.35
C PHE B 216 -3.30 -8.41 -5.17
N ARG B 217 -3.90 -7.91 -6.24
CA ARG B 217 -5.33 -7.67 -6.28
CA ARG B 217 -5.33 -7.64 -6.29
C ARG B 217 -5.89 -8.23 -7.57
N ALA B 218 -6.93 -9.06 -7.44
CA ALA B 218 -7.54 -9.68 -8.59
C ALA B 218 -8.99 -10.03 -8.26
N GLU B 219 -9.79 -10.25 -9.30
CA GLU B 219 -11.15 -10.73 -9.10
C GLU B 219 -11.06 -12.12 -8.50
N GLU B 220 -12.00 -12.45 -7.62
CA GLU B 220 -11.95 -13.69 -6.83
C GLU B 220 -11.69 -14.92 -7.70
N GLY B 221 -10.68 -15.69 -7.30
CA GLY B 221 -10.37 -16.96 -7.96
C GLY B 221 -9.61 -16.86 -9.26
N HIS B 222 -9.32 -15.64 -9.70
CA HIS B 222 -8.67 -15.43 -10.99
C HIS B 222 -7.14 -15.48 -10.94
N LEU B 223 -6.57 -15.23 -9.76
CA LEU B 223 -5.11 -15.28 -9.60
C LEU B 223 -4.75 -16.09 -8.36
N ILE B 224 -4.18 -17.27 -8.58
CA ILE B 224 -3.88 -18.19 -7.49
C ILE B 224 -2.39 -18.52 -7.42
N PRO B 225 -1.68 -17.96 -6.43
CA PRO B 225 -0.26 -18.27 -6.24
C PRO B 225 -0.04 -19.77 -6.09
N GLN B 226 0.99 -20.29 -6.75
CA GLN B 226 1.28 -21.72 -6.69
C GLN B 226 2.52 -22.00 -5.86
N SER B 227 3.53 -21.15 -6.01
CA SER B 227 4.80 -21.40 -5.33
C SER B 227 5.54 -20.11 -5.00
N LEU B 228 6.37 -20.19 -3.98
CA LEU B 228 7.22 -19.09 -3.57
C LEU B 228 8.50 -19.68 -2.97
N ASP B 229 9.64 -19.32 -3.54
CA ASP B 229 10.92 -19.88 -3.08
C ASP B 229 12.00 -18.81 -3.07
N LEU B 230 13.01 -19.04 -2.25
CA LEU B 230 14.14 -18.13 -2.14
C LEU B 230 15.05 -18.36 -3.34
N VAL B 231 15.69 -17.31 -3.84
CA VAL B 231 16.76 -17.47 -4.81
C VAL B 231 18.00 -16.69 -4.38
N GLY B 232 19.16 -17.05 -4.94
CA GLY B 232 20.41 -16.42 -4.59
C GLY B 232 21.07 -17.09 -3.39
N LEU B 233 20.77 -18.37 -3.20
CA LEU B 233 21.22 -19.12 -2.02
C LEU B 233 22.60 -19.73 -2.18
N GLU B 234 23.11 -19.73 -3.40
CA GLU B 234 24.39 -20.37 -3.67
C GLU B 234 25.52 -19.39 -3.38
N LYS B 235 26.36 -19.71 -2.42
CA LYS B 235 27.52 -18.88 -2.13
C LYS B 235 28.47 -18.89 -3.33
N LEU B 236 28.97 -17.71 -3.70
CA LEU B 236 29.82 -17.57 -4.88
C LEU B 236 31.26 -17.96 -4.59
N ASP B 237 32.09 -18.01 -5.64
CA ASP B 237 33.49 -18.38 -5.51
C ASP B 237 34.25 -17.49 -4.51
N CYS B 238 33.83 -16.23 -4.37
CA CYS B 238 34.49 -15.29 -3.49
C CYS B 238 34.09 -15.48 -2.01
N GLY B 239 33.15 -16.38 -1.75
CA GLY B 239 32.76 -16.69 -0.38
C GLY B 239 31.61 -15.83 0.12
N ARG B 240 30.98 -15.09 -0.78
CA ARG B 240 29.84 -14.25 -0.43
C ARG B 240 28.68 -14.55 -1.36
N PHE B 241 27.53 -13.97 -1.07
CA PHE B 241 26.32 -14.23 -1.85
C PHE B 241 26.10 -13.13 -2.90
N PRO B 242 25.23 -13.38 -3.89
CA PRO B 242 24.97 -12.33 -4.89
C PRO B 242 24.46 -11.05 -4.26
N SER B 243 23.80 -11.16 -3.11
CA SER B 243 23.24 -9.99 -2.43
C SER B 243 23.10 -10.25 -0.93
N ASP B 244 22.90 -9.19 -0.15
CA ASP B 244 22.55 -9.37 1.26
C ASP B 244 21.09 -9.80 1.43
N HIS B 245 20.30 -9.70 0.36
CA HIS B 245 18.93 -10.22 0.35
C HIS B 245 18.86 -11.53 -0.43
N TRP B 246 17.96 -12.41 -0.01
CA TRP B 246 17.53 -13.49 -0.90
C TRP B 246 16.52 -12.88 -1.86
N GLY B 247 16.45 -13.42 -3.08
CA GLY B 247 15.39 -13.04 -4.00
C GLY B 247 14.17 -13.92 -3.76
N LEU B 248 13.03 -13.53 -4.31
CA LEU B 248 11.84 -14.39 -4.27
C LEU B 248 11.40 -14.77 -5.69
N LEU B 249 11.16 -16.05 -5.87
CA LEU B 249 10.65 -16.57 -7.13
CA LEU B 249 10.65 -16.57 -7.13
C LEU B 249 9.22 -17.04 -6.89
N CYS B 250 8.29 -16.48 -7.64
CA CYS B 250 6.87 -16.82 -7.47
C CYS B 250 6.23 -17.28 -8.77
N THR B 251 5.44 -18.36 -8.72
CA THR B 251 4.60 -18.72 -9.87
C THR B 251 3.14 -18.64 -9.46
N LEU B 252 2.28 -18.28 -10.42
CA LEU B 252 0.86 -18.11 -10.17
C LEU B 252 0.02 -18.62 -11.32
N ASN B 253 -1.14 -19.19 -11.01
CA ASN B 253 -2.10 -19.56 -12.04
C ASN B 253 -3.11 -18.45 -12.27
N VAL B 254 -3.44 -18.21 -13.53
CA VAL B 254 -4.43 -17.21 -13.89
C VAL B 254 -5.65 -17.94 -14.45
N VAL B 255 -6.75 -17.90 -13.70
CA VAL B 255 -7.95 -18.62 -14.09
C VAL B 255 -8.94 -17.71 -14.79
N LEU B 256 -9.10 -17.92 -16.09
CA LEU B 256 -10.01 -17.10 -16.90
C LEU B 256 -11.45 -17.59 -16.80
N SER E 7 -16.30 -60.82 -9.81
CA SER E 7 -16.06 -61.70 -8.69
C SER E 7 -14.85 -61.25 -7.86
N SER E 8 -14.04 -60.37 -8.43
CA SER E 8 -12.91 -59.78 -7.71
C SER E 8 -13.21 -58.35 -7.29
N THR E 9 -14.50 -58.03 -7.25
CA THR E 9 -14.96 -56.72 -6.80
C THR E 9 -15.15 -56.73 -5.29
N ILE E 10 -14.73 -55.65 -4.62
CA ILE E 10 -15.00 -55.52 -3.20
C ILE E 10 -15.83 -54.27 -2.94
N SER E 11 -16.53 -54.25 -1.81
CA SER E 11 -17.38 -53.11 -1.52
C SER E 11 -17.36 -52.76 -0.04
N PHE E 12 -17.55 -51.48 0.23
CA PHE E 12 -17.67 -51.04 1.61
C PHE E 12 -18.55 -49.82 1.73
N ILE E 13 -19.00 -49.59 2.96
CA ILE E 13 -19.67 -48.36 3.30
C ILE E 13 -18.88 -47.71 4.42
N THR E 14 -18.68 -46.40 4.33
CA THR E 14 -18.20 -45.65 5.50
C THR E 14 -19.26 -44.62 5.87
N TRP E 15 -19.49 -44.46 7.17
CA TRP E 15 -20.63 -43.68 7.63
C TRP E 15 -20.46 -43.23 9.07
N ASN E 16 -20.46 -41.92 9.29
CA ASN E 16 -20.61 -41.38 10.65
C ASN E 16 -22.09 -41.42 10.95
N ILE E 17 -22.49 -42.27 11.89
CA ILE E 17 -23.91 -42.51 12.16
C ILE E 17 -24.44 -41.67 13.32
N ASP E 18 -23.62 -40.74 13.79
CA ASP E 18 -24.06 -39.72 14.77
C ASP E 18 -24.74 -40.34 16.00
N GLY E 19 -24.03 -41.24 16.67
CA GLY E 19 -24.53 -41.90 17.85
C GLY E 19 -24.64 -40.96 19.03
N LEU E 20 -24.06 -39.77 18.91
CA LEU E 20 -24.18 -38.76 19.96
C LEU E 20 -25.54 -38.05 19.90
N ASP E 21 -26.22 -38.16 18.77
CA ASP E 21 -27.58 -37.61 18.68
C ASP E 21 -28.57 -38.62 19.23
N GLY E 22 -29.15 -38.32 20.38
CA GLY E 22 -30.06 -39.24 21.04
C GLY E 22 -31.49 -39.21 20.54
N CYS E 23 -31.81 -38.21 19.70
CA CYS E 23 -33.17 -38.07 19.17
C CYS E 23 -33.46 -39.03 18.00
N ASN E 24 -34.56 -39.79 18.12
CA ASN E 24 -35.03 -40.73 17.10
C ASN E 24 -34.04 -41.85 16.83
N LEU E 25 -33.18 -42.12 17.80
CA LEU E 25 -32.11 -43.10 17.65
C LEU E 25 -32.59 -44.51 17.23
N PRO E 26 -33.66 -45.04 17.84
CA PRO E 26 -34.15 -46.35 17.37
C PRO E 26 -34.56 -46.38 15.88
N GLU E 27 -35.33 -45.39 15.43
CA GLU E 27 -35.72 -45.32 14.03
C GLU E 27 -34.52 -45.10 13.12
N ARG E 28 -33.58 -44.27 13.57
CA ARG E 28 -32.38 -43.98 12.78
C ARG E 28 -31.46 -45.19 12.67
N ALA E 29 -31.32 -45.93 13.75
CA ALA E 29 -30.53 -47.16 13.74
C ALA E 29 -31.17 -48.22 12.84
N ARG E 30 -32.50 -48.28 12.82
CA ARG E 30 -33.21 -49.17 11.89
C ARG E 30 -32.88 -48.77 10.46
N GLY E 31 -32.81 -47.47 10.21
CA GLY E 31 -32.46 -46.94 8.90
C GLY E 31 -31.08 -47.37 8.47
N VAL E 32 -30.12 -47.28 9.37
CA VAL E 32 -28.75 -47.70 9.07
C VAL E 32 -28.72 -49.20 8.77
N CYS E 33 -29.38 -49.98 9.61
CA CYS E 33 -29.35 -51.43 9.43
C CYS E 33 -30.08 -51.89 8.17
N SER E 34 -31.13 -51.16 7.81
CA SER E 34 -31.83 -51.40 6.55
C SER E 34 -30.90 -51.18 5.36
N CYS E 35 -30.17 -50.07 5.37
CA CYS E 35 -29.21 -49.80 4.32
CA CYS E 35 -29.20 -49.80 4.31
C CYS E 35 -28.17 -50.92 4.24
N LEU E 36 -27.65 -51.33 5.38
CA LEU E 36 -26.64 -52.39 5.44
C LEU E 36 -27.18 -53.72 4.92
N ALA E 37 -28.47 -53.97 5.18
CA ALA E 37 -29.10 -55.19 4.72
C ALA E 37 -29.34 -55.19 3.22
N LEU E 38 -29.76 -54.04 2.68
CA LEU E 38 -30.15 -53.97 1.27
C LEU E 38 -28.94 -53.88 0.35
N TYR E 39 -27.87 -53.26 0.83
CA TYR E 39 -26.64 -53.15 0.05
C TYR E 39 -25.66 -54.28 0.35
N SER E 40 -25.64 -54.72 1.61
CA SER E 40 -24.76 -55.82 2.05
C SER E 40 -23.30 -55.72 1.60
N PRO E 41 -22.59 -54.64 1.99
CA PRO E 41 -21.19 -54.51 1.58
C PRO E 41 -20.26 -55.46 2.34
N ASP E 42 -19.07 -55.71 1.79
CA ASP E 42 -18.06 -56.57 2.44
C ASP E 42 -17.59 -56.00 3.77
N VAL E 43 -17.44 -54.68 3.82
CA VAL E 43 -16.86 -54.02 4.98
C VAL E 43 -17.69 -52.78 5.30
N VAL E 44 -17.84 -52.47 6.59
CA VAL E 44 -18.46 -51.22 6.99
C VAL E 44 -17.54 -50.49 7.97
N PHE E 45 -17.21 -49.23 7.64
CA PHE E 45 -16.47 -48.38 8.57
C PHE E 45 -17.47 -47.44 9.25
N LEU E 46 -17.53 -47.45 10.58
CA LEU E 46 -18.50 -46.62 11.29
C LEU E 46 -17.81 -45.65 12.24
N GLN E 47 -18.36 -44.44 12.34
CA GLN E 47 -17.86 -43.48 13.32
C GLN E 47 -18.99 -43.00 14.22
N GLU E 48 -18.62 -42.54 15.41
CA GLU E 48 -19.57 -42.11 16.42
C GLU E 48 -20.53 -43.22 16.80
N VAL E 49 -19.97 -44.40 17.03
CA VAL E 49 -20.72 -45.52 17.57
C VAL E 49 -20.69 -45.44 19.09
N ILE E 50 -21.78 -45.86 19.74
CA ILE E 50 -21.81 -45.96 21.20
C ILE E 50 -22.13 -47.42 21.55
N PRO E 51 -21.88 -47.83 22.82
CA PRO E 51 -22.10 -49.25 23.13
C PRO E 51 -23.51 -49.80 22.80
N PRO E 52 -24.60 -49.08 23.14
CA PRO E 52 -25.91 -49.63 22.76
C PRO E 52 -26.10 -49.74 21.24
N TYR E 53 -25.39 -48.92 20.48
CA TYR E 53 -25.42 -49.03 19.03
C TYR E 53 -24.71 -50.30 18.56
N CYS E 54 -23.63 -50.67 19.24
CA CYS E 54 -22.98 -51.95 18.97
C CYS E 54 -23.91 -53.12 19.23
N ALA E 55 -24.59 -53.09 20.37
CA ALA E 55 -25.48 -54.18 20.75
C ALA E 55 -26.57 -54.33 19.70
N TYR E 56 -27.07 -53.20 19.23
CA TYR E 56 -28.12 -53.18 18.22
C TYR E 56 -27.62 -53.81 16.91
N LEU E 57 -26.39 -53.48 16.53
CA LEU E 57 -25.77 -54.00 15.32
C LEU E 57 -25.55 -55.51 15.39
N LYS E 58 -25.16 -56.00 16.56
CA LYS E 58 -25.02 -57.45 16.76
C LYS E 58 -26.32 -58.20 16.55
N LYS E 59 -27.44 -57.52 16.75
CA LYS E 59 -28.74 -58.15 16.58
C LYS E 59 -29.31 -57.97 15.17
N ARG E 60 -29.16 -56.77 14.61
CA ARG E 60 -29.82 -56.42 13.35
C ARG E 60 -28.89 -56.36 12.14
N ALA E 61 -27.61 -56.65 12.37
CA ALA E 61 -26.63 -56.76 11.30
C ALA E 61 -25.68 -57.89 11.68
N ALA E 62 -26.26 -59.02 12.03
CA ALA E 62 -25.55 -60.15 12.63
C ALA E 62 -24.60 -60.87 11.67
N SER E 63 -24.63 -60.52 10.40
CA SER E 63 -23.71 -61.15 9.45
C SER E 63 -22.36 -60.45 9.43
N TYR E 64 -22.19 -59.46 10.30
CA TYR E 64 -20.91 -58.76 10.43
C TYR E 64 -20.23 -59.03 11.78
N THR E 65 -18.91 -59.25 11.74
CA THR E 65 -18.09 -59.26 12.95
C THR E 65 -17.68 -57.82 13.25
N ILE E 66 -17.78 -57.41 14.51
CA ILE E 66 -17.51 -56.02 14.89
C ILE E 66 -16.19 -55.85 15.66
N ILE E 67 -15.34 -54.96 15.17
CA ILE E 67 -14.12 -54.54 15.87
C ILE E 67 -14.27 -53.05 16.23
N THR E 68 -14.09 -52.70 17.50
CA THR E 68 -14.34 -51.32 17.95
C THR E 68 -13.08 -50.55 18.34
N GLY E 69 -13.13 -49.22 18.18
CA GLY E 69 -12.00 -48.37 18.50
C GLY E 69 -11.85 -48.01 19.98
N ASN E 70 -12.86 -48.34 20.78
CA ASN E 70 -12.81 -48.14 22.23
C ASN E 70 -13.93 -48.94 22.88
N GLU E 71 -14.01 -48.90 24.21
CA GLU E 71 -15.05 -49.65 24.90
CA GLU E 71 -15.02 -49.66 24.95
C GLU E 71 -16.09 -48.76 25.55
N GLU E 72 -15.75 -47.49 25.74
CA GLU E 72 -16.68 -46.55 26.37
C GLU E 72 -16.75 -45.23 25.61
N GLY E 73 -17.77 -44.43 25.94
CA GLY E 73 -17.95 -43.13 25.30
C GLY E 73 -18.46 -43.33 23.89
N TYR E 74 -17.82 -42.67 22.93
CA TYR E 74 -18.15 -42.89 21.53
C TYR E 74 -16.87 -43.19 20.78
N PHE E 75 -16.98 -43.98 19.72
CA PHE E 75 -15.80 -44.53 19.06
C PHE E 75 -16.12 -45.02 17.66
N THR E 76 -15.10 -45.50 16.98
CA THR E 76 -15.26 -46.01 15.63
C THR E 76 -15.42 -47.51 15.68
N ALA E 77 -15.79 -48.11 14.57
CA ALA E 77 -15.87 -49.54 14.46
C ALA E 77 -15.62 -49.97 13.03
N ILE E 78 -15.12 -51.18 12.87
CA ILE E 78 -15.03 -51.78 11.55
C ILE E 78 -15.78 -53.09 11.58
N LEU E 79 -16.68 -53.27 10.61
CA LEU E 79 -17.52 -54.46 10.50
C LEU E 79 -17.06 -55.30 9.32
N LEU E 80 -16.94 -56.61 9.53
CA LEU E 80 -16.44 -57.50 8.51
C LEU E 80 -17.48 -58.57 8.18
N LYS E 81 -17.83 -58.68 6.90
CA LYS E 81 -18.83 -59.66 6.47
C LYS E 81 -18.34 -61.10 6.67
N LYS E 82 -19.08 -61.85 7.49
CA LYS E 82 -18.75 -63.24 7.78
C LYS E 82 -18.85 -64.11 6.53
N GLY E 83 -17.86 -64.97 6.33
CA GLY E 83 -17.86 -65.86 5.19
C GLY E 83 -17.27 -65.19 3.96
N ARG E 84 -16.84 -63.94 4.13
CA ARG E 84 -16.30 -63.17 3.03
C ARG E 84 -14.96 -62.54 3.41
N VAL E 85 -14.91 -61.95 4.61
CA VAL E 85 -13.70 -61.32 5.12
C VAL E 85 -13.10 -62.16 6.25
N LYS E 86 -11.78 -62.31 6.25
CA LYS E 86 -11.09 -63.06 7.29
C LYS E 86 -10.23 -62.14 8.16
N PHE E 87 -10.60 -62.01 9.43
CA PHE E 87 -9.85 -61.19 10.37
C PHE E 87 -8.48 -61.79 10.63
N LYS E 88 -7.45 -60.95 10.69
CA LYS E 88 -6.10 -61.42 10.99
C LYS E 88 -5.54 -60.79 12.26
N SER E 89 -5.58 -59.46 12.33
CA SER E 89 -5.13 -58.75 13.53
C SER E 89 -5.68 -57.33 13.56
N GLN E 90 -5.56 -56.69 14.72
CA GLN E 90 -6.01 -55.32 14.88
C GLN E 90 -4.99 -54.53 15.68
N GLU E 91 -5.04 -53.22 15.55
CA GLU E 91 -4.13 -52.34 16.27
C GLU E 91 -4.77 -50.98 16.42
N ILE E 92 -4.62 -50.37 17.59
CA ILE E 92 -5.15 -49.04 17.81
C ILE E 92 -4.01 -48.03 18.07
N ILE E 93 -3.90 -47.05 17.18
CA ILE E 93 -2.89 -46.01 17.29
C ILE E 93 -3.50 -44.80 17.98
N PRO E 94 -2.92 -44.37 19.10
CA PRO E 94 -3.46 -43.22 19.83
C PRO E 94 -3.17 -41.90 19.13
N PHE E 95 -4.02 -40.90 19.37
CA PHE E 95 -3.74 -39.52 19.02
C PHE E 95 -3.45 -38.82 20.36
N PRO E 96 -2.16 -38.74 20.74
CA PRO E 96 -1.79 -38.29 22.09
C PRO E 96 -2.41 -36.95 22.48
N ASN E 97 -2.63 -36.08 21.50
CA ASN E 97 -3.13 -34.74 21.78
C ASN E 97 -4.62 -34.54 21.54
N THR E 98 -5.38 -35.61 21.33
CA THR E 98 -6.83 -35.47 21.15
C THR E 98 -7.51 -34.97 22.42
N LYS E 99 -8.58 -34.21 22.26
CA LYS E 99 -9.40 -33.77 23.38
C LYS E 99 -10.76 -34.44 23.25
N MET E 100 -10.88 -35.34 22.29
CA MET E 100 -12.15 -35.95 21.97
C MET E 100 -12.05 -37.48 21.82
N MET E 101 -11.04 -38.08 22.45
CA MET E 101 -10.85 -39.54 22.45
C MET E 101 -10.72 -40.14 21.04
N ARG E 102 -10.24 -39.36 20.10
CA ARG E 102 -10.11 -39.85 18.74
C ARG E 102 -8.83 -40.68 18.61
N ASN E 103 -8.86 -41.66 17.72
CA ASN E 103 -7.69 -42.50 17.47
C ASN E 103 -7.72 -43.10 16.08
N LEU E 104 -6.76 -43.97 15.79
CA LEU E 104 -6.73 -44.67 14.50
C LEU E 104 -6.88 -46.16 14.73
N LEU E 105 -7.97 -46.72 14.24
CA LEU E 105 -8.24 -48.14 14.33
C LEU E 105 -7.77 -48.85 13.07
N CYS E 106 -6.86 -49.81 13.22
CA CYS E 106 -6.34 -50.56 12.08
C CYS E 106 -6.71 -52.05 12.19
N VAL E 107 -7.27 -52.60 11.13
CA VAL E 107 -7.65 -53.99 11.11
C VAL E 107 -7.08 -54.68 9.87
N ASN E 108 -6.21 -55.65 10.09
CA ASN E 108 -5.65 -56.42 8.98
C ASN E 108 -6.53 -57.62 8.65
N VAL E 109 -6.85 -57.79 7.38
CA VAL E 109 -7.75 -58.86 6.96
C VAL E 109 -7.29 -59.51 5.66
N SER E 110 -7.94 -60.61 5.32
CA SER E 110 -7.80 -61.25 4.02
C SER E 110 -9.15 -61.18 3.32
N LEU E 111 -9.14 -60.81 2.04
CA LEU E 111 -10.39 -60.65 1.31
C LEU E 111 -10.17 -60.92 -0.18
N GLY E 112 -10.86 -61.93 -0.71
CA GLY E 112 -10.68 -62.33 -2.09
C GLY E 112 -9.28 -62.84 -2.37
N GLY E 113 -8.62 -63.37 -1.35
CA GLY E 113 -7.26 -63.87 -1.49
C GLY E 113 -6.18 -62.81 -1.40
N ASN E 114 -6.56 -61.58 -1.08
CA ASN E 114 -5.59 -60.49 -0.92
C ASN E 114 -5.52 -59.93 0.49
N GLU E 115 -4.35 -59.38 0.86
CA GLU E 115 -4.18 -58.74 2.16
C GLU E 115 -4.59 -57.27 2.11
N PHE E 116 -5.35 -56.84 3.12
CA PHE E 116 -5.70 -55.43 3.28
C PHE E 116 -5.47 -54.99 4.72
N CYS E 117 -4.99 -53.76 4.87
CA CYS E 117 -5.00 -53.09 6.15
C CYS E 117 -6.12 -52.05 6.08
N LEU E 118 -7.21 -52.30 6.79
CA LEU E 118 -8.36 -51.40 6.81
C LEU E 118 -8.21 -50.42 7.97
N MET E 119 -8.38 -49.13 7.69
CA MET E 119 -8.18 -48.10 8.70
C MET E 119 -9.37 -47.18 8.77
N THR E 120 -9.74 -46.76 9.98
CA THR E 120 -10.74 -45.72 10.13
C THR E 120 -10.41 -44.83 11.31
N SER E 121 -10.88 -43.60 11.22
CA SER E 121 -10.71 -42.64 12.27
C SER E 121 -11.82 -41.61 12.12
N HIS E 122 -12.05 -40.89 13.20
CA HIS E 122 -13.00 -39.80 13.23
C HIS E 122 -12.16 -38.62 13.68
N LEU E 123 -11.64 -37.84 12.73
CA LEU E 123 -10.68 -36.80 13.08
C LEU E 123 -11.32 -35.67 13.89
N GLU E 124 -10.54 -35.06 14.78
CA GLU E 124 -10.96 -33.96 15.66
C GLU E 124 -11.99 -33.04 14.98
N SER E 125 -13.10 -32.78 15.67
CA SER E 125 -14.24 -32.08 15.07
C SER E 125 -14.20 -30.56 15.27
N THR E 126 -14.94 -29.84 14.42
CA THR E 126 -15.21 -28.39 14.51
C THR E 126 -14.09 -27.48 13.98
N ARG E 127 -14.50 -26.29 13.53
CA ARG E 127 -13.59 -25.33 12.92
C ARG E 127 -12.37 -24.99 13.78
N GLU E 128 -12.60 -24.79 15.08
CA GLU E 128 -11.55 -24.32 15.98
C GLU E 128 -10.46 -25.34 16.30
N HIS E 129 -10.72 -26.61 16.02
CA HIS E 129 -9.71 -27.64 16.28
C HIS E 129 -9.00 -28.06 15.00
N SER E 130 -8.93 -27.13 14.05
CA SER E 130 -8.28 -27.35 12.77
C SER E 130 -6.84 -27.83 12.90
N ALA E 131 -6.08 -27.24 13.83
CA ALA E 131 -4.67 -27.57 14.00
C ALA E 131 -4.45 -29.02 14.43
N GLU E 132 -5.20 -29.46 15.43
CA GLU E 132 -5.11 -30.85 15.87
C GLU E 132 -5.66 -31.83 14.82
N ARG E 133 -6.69 -31.41 14.08
CA ARG E 133 -7.22 -32.22 12.98
C ARG E 133 -6.14 -32.44 11.91
N ILE E 134 -5.39 -31.40 11.58
CA ILE E 134 -4.31 -31.52 10.60
C ILE E 134 -3.19 -32.44 11.11
N ARG E 135 -2.86 -32.33 12.39
CA ARG E 135 -1.84 -33.20 12.97
C ARG E 135 -2.28 -34.67 12.97
N GLN E 136 -3.57 -34.90 13.17
CA GLN E 136 -4.10 -36.26 13.11
C GLN E 136 -4.06 -36.81 11.70
N LEU E 137 -4.38 -35.96 10.73
CA LEU E 137 -4.31 -36.35 9.33
C LEU E 137 -2.88 -36.77 8.98
N LYS E 138 -1.90 -35.98 9.42
CA LYS E 138 -0.49 -36.31 9.20
C LYS E 138 -0.12 -37.64 9.81
N THR E 139 -0.67 -37.91 10.99
CA THR E 139 -0.40 -39.17 11.68
C THR E 139 -0.95 -40.34 10.87
N VAL E 140 -2.19 -40.20 10.41
CA VAL E 140 -2.83 -41.23 9.60
C VAL E 140 -2.05 -41.50 8.31
N LEU E 141 -1.73 -40.43 7.57
CA LEU E 141 -0.99 -40.57 6.32
C LEU E 141 0.39 -41.17 6.57
N GLY E 142 0.97 -40.87 7.72
CA GLY E 142 2.23 -41.47 8.13
C GLY E 142 2.09 -42.98 8.31
N LYS E 143 1.01 -43.40 8.93
CA LYS E 143 0.76 -44.83 9.14
C LYS E 143 0.48 -45.56 7.83
N MET E 144 -0.20 -44.88 6.89
CA MET E 144 -0.45 -45.50 5.58
C MET E 144 0.87 -45.78 4.86
N GLN E 145 1.80 -44.83 4.92
CA GLN E 145 3.11 -44.99 4.29
C GLN E 145 3.94 -46.09 4.95
N GLU E 146 3.80 -46.23 6.26
CA GLU E 146 4.61 -47.18 7.03
C GLU E 146 4.12 -48.63 6.97
N ALA E 147 2.88 -48.83 6.51
CA ALA E 147 2.34 -50.17 6.41
C ALA E 147 3.20 -51.03 5.49
N PRO E 148 3.31 -52.34 5.79
CA PRO E 148 4.18 -53.22 5.02
C PRO E 148 3.82 -53.20 3.54
N ASP E 149 4.84 -53.29 2.68
CA ASP E 149 4.64 -53.21 1.23
CA ASP E 149 4.63 -53.21 1.24
C ASP E 149 3.76 -54.33 0.71
N SER E 150 3.63 -55.41 1.49
CA SER E 150 2.84 -56.58 1.09
C SER E 150 1.34 -56.39 1.28
N THR E 151 0.92 -55.21 1.72
CA THR E 151 -0.49 -55.00 1.98
C THR E 151 -1.05 -53.79 1.24
N THR E 152 -2.35 -53.83 0.97
CA THR E 152 -3.05 -52.71 0.39
C THR E 152 -3.74 -51.99 1.54
N VAL E 153 -3.57 -50.67 1.62
CA VAL E 153 -4.15 -49.91 2.73
C VAL E 153 -5.37 -49.14 2.24
N ILE E 154 -6.48 -49.29 2.94
CA ILE E 154 -7.66 -48.49 2.64
C ILE E 154 -8.06 -47.77 3.91
N PHE E 155 -7.99 -46.44 3.88
CA PHE E 155 -8.56 -45.64 4.94
C PHE E 155 -9.91 -45.11 4.48
N ALA E 156 -10.93 -45.25 5.31
CA ALA E 156 -12.21 -44.62 5.04
C ALA E 156 -12.75 -44.12 6.37
N GLY E 157 -13.09 -42.83 6.43
CA GLY E 157 -13.55 -42.28 7.70
C GLY E 157 -14.10 -40.88 7.60
N ASP E 158 -14.47 -40.33 8.75
CA ASP E 158 -14.96 -38.96 8.83
C ASP E 158 -13.78 -38.09 9.21
N THR E 159 -13.25 -37.39 8.22
CA THR E 159 -12.03 -36.61 8.40
C THR E 159 -12.30 -35.19 8.90
N ASN E 160 -13.56 -34.76 8.83
CA ASN E 160 -13.92 -33.37 9.15
C ASN E 160 -13.10 -32.30 8.40
N LEU E 161 -12.49 -32.69 7.29
CA LEU E 161 -11.56 -31.80 6.58
C LEU E 161 -12.25 -30.74 5.73
N ARG E 162 -11.63 -29.57 5.69
CA ARG E 162 -11.95 -28.54 4.71
C ARG E 162 -10.83 -28.66 3.68
N ASP E 163 -11.12 -28.33 2.42
CA ASP E 163 -10.11 -28.41 1.36
C ASP E 163 -8.83 -27.63 1.67
N GLN E 164 -8.98 -26.44 2.28
CA GLN E 164 -7.82 -25.62 2.61
C GLN E 164 -6.89 -26.27 3.63
N GLU E 165 -7.45 -27.08 4.53
CA GLU E 165 -6.64 -27.78 5.52
C GLU E 165 -5.74 -28.83 4.87
N VAL E 166 -6.27 -29.51 3.86
CA VAL E 166 -5.49 -30.50 3.12
C VAL E 166 -4.35 -29.81 2.37
N ILE E 167 -4.67 -28.66 1.78
CA ILE E 167 -3.64 -27.85 1.11
C ILE E 167 -2.56 -27.37 2.10
N LYS E 168 -2.97 -26.90 3.27
CA LYS E 168 -2.03 -26.44 4.28
C LYS E 168 -1.13 -27.57 4.76
N CYS E 169 -1.71 -28.77 4.83
CA CYS E 169 -0.99 -29.96 5.25
C CYS E 169 0.10 -30.35 4.24
N GLY E 170 -0.03 -29.87 3.01
CA GLY E 170 0.88 -30.23 1.93
C GLY E 170 0.23 -31.16 0.92
N GLY E 171 -1.01 -31.56 1.20
CA GLY E 171 -1.74 -32.48 0.34
C GLY E 171 -1.45 -33.93 0.68
N LEU E 172 -2.18 -34.84 0.03
CA LEU E 172 -1.90 -36.27 0.17
C LEU E 172 -0.54 -36.55 -0.46
N PRO E 173 0.20 -37.50 0.10
CA PRO E 173 1.39 -38.03 -0.59
C PRO E 173 0.96 -38.50 -1.99
N ASP E 174 1.82 -38.34 -2.99
CA ASP E 174 1.38 -38.62 -4.36
C ASP E 174 1.02 -40.10 -4.59
N ASN E 175 1.51 -40.99 -3.75
CA ASN E 175 1.18 -42.41 -3.86
C ASN E 175 0.01 -42.83 -2.96
N VAL E 176 -0.72 -41.85 -2.44
CA VAL E 176 -1.97 -42.15 -1.73
C VAL E 176 -3.12 -41.47 -2.46
N PHE E 177 -4.08 -42.25 -2.94
CA PHE E 177 -5.14 -41.71 -3.78
C PHE E 177 -6.42 -41.49 -2.96
N ASP E 178 -7.15 -40.45 -3.30
CA ASP E 178 -8.50 -40.22 -2.79
C ASP E 178 -9.47 -40.83 -3.82
N ALA E 179 -10.34 -41.73 -3.36
CA ALA E 179 -11.27 -42.43 -4.26
C ALA E 179 -12.17 -41.49 -5.07
N TRP E 180 -12.69 -40.46 -4.42
CA TRP E 180 -13.56 -39.51 -5.10
C TRP E 180 -12.79 -38.76 -6.20
N GLU E 181 -11.55 -38.38 -5.89
CA GLU E 181 -10.69 -37.75 -6.90
C GLU E 181 -10.37 -38.71 -8.05
N PHE E 182 -10.11 -39.97 -7.72
CA PHE E 182 -9.78 -41.00 -8.71
C PHE E 182 -10.90 -41.12 -9.74
N LEU E 183 -12.14 -41.04 -9.26
CA LEU E 183 -13.32 -41.23 -10.10
C LEU E 183 -13.72 -39.97 -10.89
N GLY E 184 -12.87 -38.95 -10.85
CA GLY E 184 -13.11 -37.74 -11.63
C GLY E 184 -13.93 -36.69 -10.91
N LYS E 185 -13.90 -36.72 -9.59
CA LYS E 185 -14.65 -35.77 -8.76
C LYS E 185 -16.13 -35.64 -9.12
N PRO E 186 -16.87 -36.77 -9.13
CA PRO E 186 -18.26 -36.71 -9.58
C PRO E 186 -19.15 -35.87 -8.67
N LYS E 187 -20.00 -35.06 -9.27
CA LYS E 187 -20.85 -34.17 -8.49
C LYS E 187 -21.86 -34.91 -7.61
N HIS E 188 -22.33 -36.08 -8.07
CA HIS E 188 -23.41 -36.76 -7.37
C HIS E 188 -23.11 -37.17 -5.92
N CYS E 189 -21.83 -37.32 -5.57
CA CYS E 189 -21.49 -37.68 -4.20
C CYS E 189 -20.43 -36.75 -3.59
N GLN E 190 -20.32 -35.54 -4.15
CA GLN E 190 -19.34 -34.59 -3.68
C GLN E 190 -19.49 -34.16 -2.21
N TYR E 191 -20.72 -33.89 -1.77
CA TYR E 191 -20.91 -33.47 -0.38
C TYR E 191 -21.54 -34.58 0.47
N THR E 192 -20.95 -34.84 1.63
CA THR E 192 -21.43 -35.89 2.52
C THR E 192 -22.06 -35.31 3.79
N TRP E 193 -22.13 -33.98 3.83
CA TRP E 193 -22.66 -33.24 4.97
C TRP E 193 -23.16 -31.93 4.40
N ASP E 194 -24.47 -31.70 4.48
CA ASP E 194 -25.13 -30.68 3.65
C ASP E 194 -26.39 -30.19 4.34
N THR E 195 -26.37 -28.98 4.88
CA THR E 195 -27.50 -28.47 5.67
C THR E 195 -28.73 -28.13 4.83
N LYS E 196 -28.57 -28.03 3.52
CA LYS E 196 -29.70 -27.79 2.64
C LYS E 196 -30.41 -29.08 2.27
N ALA E 197 -29.64 -30.16 2.11
CA ALA E 197 -30.22 -31.45 1.74
C ALA E 197 -30.52 -32.35 2.95
N ASN E 198 -29.96 -32.01 4.11
CA ASN E 198 -30.10 -32.84 5.29
C ASN E 198 -30.51 -31.95 6.46
N ASN E 199 -31.60 -32.30 7.13
CA ASN E 199 -32.15 -31.44 8.18
C ASN E 199 -31.93 -31.92 9.62
N ASN E 200 -31.05 -32.89 9.81
CA ASN E 200 -30.83 -33.45 11.16
C ASN E 200 -30.35 -32.44 12.20
N LEU E 201 -29.52 -31.49 11.80
CA LEU E 201 -28.97 -30.52 12.75
C LEU E 201 -29.81 -29.24 12.91
N ARG E 202 -30.80 -29.08 12.04
CA ARG E 202 -31.70 -27.92 12.09
CA ARG E 202 -31.70 -27.92 12.09
C ARG E 202 -30.95 -26.60 11.96
N ILE E 203 -29.93 -26.58 11.11
CA ILE E 203 -29.17 -25.37 10.85
C ILE E 203 -29.84 -24.60 9.71
N PRO E 204 -30.12 -23.31 9.92
CA PRO E 204 -30.83 -22.52 8.89
C PRO E 204 -29.94 -22.07 7.73
N ALA E 205 -28.67 -21.78 7.99
CA ALA E 205 -27.76 -21.36 6.93
C ALA E 205 -27.31 -22.57 6.08
N ALA E 206 -26.88 -22.29 4.86
CA ALA E 206 -26.47 -23.33 3.94
C ALA E 206 -24.97 -23.60 4.00
N TYR E 207 -24.61 -24.76 4.53
CA TYR E 207 -23.21 -25.18 4.57
C TYR E 207 -23.13 -26.58 4.00
N LYS E 208 -22.05 -26.88 3.29
CA LYS E 208 -21.84 -28.23 2.76
C LYS E 208 -20.35 -28.55 2.67
N HIS E 209 -20.01 -29.79 2.97
CA HIS E 209 -18.61 -30.19 3.02
C HIS E 209 -18.46 -31.64 2.60
N ARG E 210 -17.25 -31.99 2.16
CA ARG E 210 -16.90 -33.39 1.90
C ARG E 210 -16.07 -33.88 3.08
N PHE E 211 -16.75 -34.16 4.19
CA PHE E 211 -16.09 -34.54 5.44
C PHE E 211 -15.61 -35.99 5.39
N ASP E 212 -16.40 -36.83 4.72
CA ASP E 212 -16.13 -38.25 4.68
C ASP E 212 -15.32 -38.59 3.43
N ARG E 213 -14.17 -39.23 3.61
CA ARG E 213 -13.22 -39.43 2.53
C ARG E 213 -12.56 -40.81 2.58
N ILE E 214 -12.13 -41.28 1.42
CA ILE E 214 -11.51 -42.57 1.28
C ILE E 214 -10.13 -42.40 0.68
N PHE E 215 -9.10 -42.84 1.41
CA PHE E 215 -7.72 -42.80 0.91
C PHE E 215 -7.22 -44.22 0.72
N PHE E 216 -6.45 -44.47 -0.33
CA PHE E 216 -5.87 -45.80 -0.47
C PHE E 216 -4.43 -45.79 -0.98
N ARG E 217 -3.67 -46.78 -0.53
CA ARG E 217 -2.31 -47.01 -1.01
C ARG E 217 -2.25 -48.44 -1.50
N ALA E 218 -1.93 -48.61 -2.78
CA ALA E 218 -1.81 -49.95 -3.35
C ALA E 218 -0.78 -49.96 -4.48
N GLU E 219 -0.22 -51.14 -4.76
CA GLU E 219 0.67 -51.32 -5.91
C GLU E 219 -0.03 -50.88 -7.18
N GLU E 220 0.76 -50.42 -8.14
CA GLU E 220 0.27 -49.91 -9.42
C GLU E 220 -0.81 -50.78 -10.07
N GLY E 221 -1.98 -50.19 -10.31
CA GLY E 221 -3.06 -50.86 -11.01
C GLY E 221 -3.83 -51.95 -10.27
N HIS E 222 -3.45 -52.19 -9.02
CA HIS E 222 -4.00 -53.28 -8.22
C HIS E 222 -5.40 -53.02 -7.66
N LEU E 223 -5.69 -51.76 -7.30
CA LEU E 223 -6.98 -51.41 -6.72
C LEU E 223 -7.64 -50.25 -7.49
N ILE E 224 -8.77 -50.54 -8.14
CA ILE E 224 -9.41 -49.56 -9.02
C ILE E 224 -10.85 -49.28 -8.61
N PRO E 225 -11.09 -48.10 -8.02
CA PRO E 225 -12.46 -47.70 -7.67
C PRO E 225 -13.36 -47.72 -8.89
N GLN E 226 -14.59 -48.21 -8.73
CA GLN E 226 -15.53 -48.33 -9.83
C GLN E 226 -16.71 -47.40 -9.65
N SER E 227 -17.15 -47.23 -8.41
CA SER E 227 -18.30 -46.38 -8.15
C SER E 227 -18.26 -45.84 -6.75
N LEU E 228 -18.93 -44.71 -6.57
CA LEU E 228 -19.05 -44.10 -5.26
C LEU E 228 -20.44 -43.45 -5.24
N ASP E 229 -21.23 -43.76 -4.21
CA ASP E 229 -22.58 -43.22 -4.08
C ASP E 229 -22.90 -42.89 -2.63
N LEU E 230 -23.81 -41.94 -2.44
CA LEU E 230 -24.28 -41.58 -1.11
C LEU E 230 -25.30 -42.61 -0.66
N VAL E 231 -25.35 -42.87 0.64
CA VAL E 231 -26.40 -43.71 1.22
C VAL E 231 -26.98 -42.99 2.43
N GLY E 232 -28.15 -43.43 2.88
CA GLY E 232 -28.85 -42.79 3.98
C GLY E 232 -29.66 -41.60 3.50
N LEU E 233 -30.06 -41.62 2.23
CA LEU E 233 -30.77 -40.50 1.60
C LEU E 233 -32.28 -40.56 1.82
N GLU E 234 -32.78 -41.69 2.30
CA GLU E 234 -34.22 -41.81 2.51
C GLU E 234 -34.64 -41.18 3.83
N LYS E 235 -35.44 -40.11 3.75
CA LYS E 235 -35.97 -39.48 4.95
C LYS E 235 -36.88 -40.47 5.68
N LEU E 236 -36.69 -40.62 6.98
CA LEU E 236 -37.41 -41.62 7.77
C LEU E 236 -38.81 -41.15 8.20
N ASP E 237 -39.58 -42.04 8.82
CA ASP E 237 -40.94 -41.73 9.25
C ASP E 237 -41.03 -40.46 10.10
N CYS E 238 -40.01 -40.23 10.92
CA CYS E 238 -39.98 -39.11 11.85
C CYS E 238 -39.63 -37.79 11.15
N GLY E 239 -39.28 -37.86 9.87
CA GLY E 239 -38.98 -36.67 9.11
C GLY E 239 -37.53 -36.24 9.20
N ARG E 240 -36.68 -37.14 9.70
CA ARG E 240 -35.25 -36.90 9.74
C ARG E 240 -34.54 -38.04 9.03
N PHE E 241 -33.23 -37.92 8.86
CA PHE E 241 -32.43 -38.93 8.18
C PHE E 241 -31.69 -39.79 9.23
N PRO E 242 -31.14 -40.94 8.82
CA PRO E 242 -30.37 -41.76 9.77
C PRO E 242 -29.24 -41.01 10.46
N SER E 243 -28.63 -40.05 9.77
CA SER E 243 -27.51 -39.32 10.36
C SER E 243 -27.44 -37.91 9.78
N ASP E 244 -26.68 -37.02 10.42
CA ASP E 244 -26.41 -35.72 9.83
C ASP E 244 -25.43 -35.86 8.65
N HIS E 245 -24.77 -37.01 8.55
CA HIS E 245 -23.91 -37.32 7.41
C HIS E 245 -24.61 -38.27 6.46
N TRP E 246 -24.36 -38.12 5.17
CA TRP E 246 -24.61 -39.21 4.23
C TRP E 246 -23.47 -40.21 4.40
N GLY E 247 -23.76 -41.49 4.19
CA GLY E 247 -22.71 -42.49 4.14
C GLY E 247 -22.18 -42.58 2.72
N LEU E 248 -21.05 -43.26 2.54
CA LEU E 248 -20.51 -43.48 1.21
C LEU E 248 -20.44 -44.96 0.92
N LEU E 249 -21.00 -45.36 -0.23
CA LEU E 249 -20.90 -46.73 -0.70
C LEU E 249 -19.94 -46.78 -1.88
N CYS E 250 -18.86 -47.54 -1.71
CA CYS E 250 -17.80 -47.60 -2.70
C CYS E 250 -17.61 -49.03 -3.18
N THR E 251 -17.53 -49.22 -4.49
CA THR E 251 -17.14 -50.54 -5.01
C THR E 251 -15.85 -50.38 -5.81
N LEU E 252 -14.96 -51.36 -5.68
CA LEU E 252 -13.65 -51.31 -6.32
C LEU E 252 -13.29 -52.66 -6.90
N ASN E 253 -12.63 -52.66 -8.05
CA ASN E 253 -12.10 -53.88 -8.60
CA ASN E 253 -12.10 -53.88 -8.61
C ASN E 253 -10.68 -54.11 -8.09
N VAL E 254 -10.39 -55.35 -7.70
CA VAL E 254 -9.05 -55.71 -7.27
C VAL E 254 -8.44 -56.51 -8.41
N VAL E 255 -7.32 -56.02 -8.94
CA VAL E 255 -6.70 -56.66 -10.09
C VAL E 255 -5.53 -57.53 -9.63
N LEU E 256 -5.68 -58.84 -9.79
CA LEU E 256 -4.71 -59.83 -9.29
C LEU E 256 -4.33 -59.63 -7.83
N SER G 8 -1.28 17.00 45.26
CA SER G 8 0.09 16.48 45.33
C SER G 8 0.13 14.96 45.23
N THR G 9 -0.81 14.29 45.88
CA THR G 9 -0.89 12.83 45.87
C THR G 9 -2.33 12.36 45.77
N ILE G 10 -2.62 11.54 44.76
CA ILE G 10 -3.97 11.00 44.61
C ILE G 10 -3.96 9.47 44.57
N SER G 11 -5.12 8.88 44.80
CA SER G 11 -5.22 7.43 44.92
C SER G 11 -6.52 6.91 44.34
N PHE G 12 -6.48 5.69 43.82
CA PHE G 12 -7.70 5.04 43.35
C PHE G 12 -7.61 3.52 43.38
N ILE G 13 -8.78 2.89 43.30
CA ILE G 13 -8.88 1.44 43.15
C ILE G 13 -9.68 1.12 41.89
N THR G 14 -9.23 0.11 41.13
CA THR G 14 -10.06 -0.43 40.05
C THR G 14 -10.32 -1.91 40.36
N TRP G 15 -11.56 -2.35 40.14
CA TRP G 15 -11.95 -3.65 40.65
C TRP G 15 -13.20 -4.22 39.98
N ASN G 16 -13.04 -5.33 39.27
CA ASN G 16 -14.18 -6.11 38.81
C ASN G 16 -14.68 -6.91 40.01
N ILE G 17 -15.87 -6.59 40.50
CA ILE G 17 -16.35 -7.20 41.75
C ILE G 17 -17.25 -8.42 41.52
N ASP G 18 -17.34 -8.85 40.27
CA ASP G 18 -18.03 -10.08 39.87
C ASP G 18 -19.48 -10.20 40.38
N GLY G 19 -20.28 -9.19 40.08
CA GLY G 19 -21.68 -9.18 40.46
C GLY G 19 -22.52 -10.27 39.81
N LEU G 20 -22.01 -10.85 38.73
CA LEU G 20 -22.70 -11.94 38.06
C LEU G 20 -22.66 -13.24 38.87
N ASP G 21 -21.70 -13.33 39.79
CA ASP G 21 -21.62 -14.46 40.70
C ASP G 21 -22.50 -14.18 41.92
N GLY G 22 -23.65 -14.87 41.99
CA GLY G 22 -24.59 -14.68 43.08
C GLY G 22 -24.22 -15.36 44.38
N CYS G 23 -23.28 -16.29 44.33
CA CYS G 23 -22.85 -17.03 45.52
CA CYS G 23 -22.85 -17.03 45.52
C CYS G 23 -22.14 -16.11 46.52
N ASN G 24 -22.61 -16.11 47.77
CA ASN G 24 -22.06 -15.26 48.84
C ASN G 24 -21.98 -13.77 48.50
N LEU G 25 -22.80 -13.31 47.56
CA LEU G 25 -22.72 -11.92 47.11
C LEU G 25 -22.87 -10.85 48.20
N PRO G 26 -23.86 -10.98 49.11
CA PRO G 26 -23.96 -9.99 50.19
C PRO G 26 -22.69 -9.88 51.04
N GLU G 27 -22.15 -11.02 51.46
CA GLU G 27 -20.92 -11.04 52.24
C GLU G 27 -19.71 -10.52 51.43
N ARG G 28 -19.63 -10.90 50.17
CA ARG G 28 -18.57 -10.40 49.30
C ARG G 28 -18.65 -8.88 49.10
N ALA G 29 -19.87 -8.37 48.96
CA ALA G 29 -20.08 -6.92 48.84
C ALA G 29 -19.68 -6.21 50.14
N ARG G 30 -19.84 -6.89 51.27
CA ARG G 30 -19.38 -6.36 52.54
CA ARG G 30 -19.38 -6.36 52.54
C ARG G 30 -17.86 -6.34 52.57
N GLY G 31 -17.24 -7.36 51.99
CA GLY G 31 -15.79 -7.43 51.94
C GLY G 31 -15.19 -6.29 51.12
N VAL G 32 -15.85 -5.98 50.01
CA VAL G 32 -15.43 -4.88 49.15
C VAL G 32 -15.57 -3.54 49.86
N CYS G 33 -16.71 -3.28 50.47
CA CYS G 33 -16.92 -2.03 51.18
C CYS G 33 -15.94 -1.88 52.35
N SER G 34 -15.62 -3.00 53.00
CA SER G 34 -14.63 -2.98 54.06
C SER G 34 -13.27 -2.52 53.52
N CYS G 35 -12.91 -3.04 52.35
CA CYS G 35 -11.67 -2.61 51.69
CA CYS G 35 -11.68 -2.62 51.68
C CYS G 35 -11.69 -1.13 51.36
N LEU G 36 -12.79 -0.65 50.78
CA LEU G 36 -12.90 0.75 50.43
C LEU G 36 -12.83 1.64 51.67
N ALA G 37 -13.39 1.17 52.78
CA ALA G 37 -13.37 1.93 54.02
C ALA G 37 -11.96 2.03 54.63
N LEU G 38 -11.20 0.94 54.55
CA LEU G 38 -9.89 0.88 55.19
C LEU G 38 -8.80 1.60 54.37
N TYR G 39 -8.93 1.58 53.05
CA TYR G 39 -7.95 2.25 52.19
C TYR G 39 -8.40 3.66 51.86
N SER G 40 -9.72 3.86 51.82
CA SER G 40 -10.33 5.16 51.49
C SER G 40 -9.70 5.93 50.32
N PRO G 41 -9.69 5.34 49.11
CA PRO G 41 -9.15 6.04 47.94
C PRO G 41 -10.04 7.19 47.44
N ASP G 42 -9.48 8.07 46.62
CA ASP G 42 -10.21 9.20 46.05
C ASP G 42 -11.27 8.77 45.04
N VAL G 43 -10.92 7.78 44.23
CA VAL G 43 -11.81 7.30 43.17
C VAL G 43 -11.83 5.77 43.19
N VAL G 44 -12.98 5.19 42.88
CA VAL G 44 -13.07 3.75 42.71
C VAL G 44 -13.68 3.44 41.34
N PHE G 45 -12.97 2.64 40.53
CA PHE G 45 -13.51 2.16 39.27
C PHE G 45 -14.03 0.73 39.46
N LEU G 46 -15.32 0.51 39.21
CA LEU G 46 -15.88 -0.83 39.39
C LEU G 46 -16.42 -1.42 38.09
N GLN G 47 -16.36 -2.75 37.96
CA GLN G 47 -16.95 -3.46 36.82
C GLN G 47 -17.82 -4.62 37.30
N GLU G 48 -18.75 -5.04 36.44
CA GLU G 48 -19.70 -6.10 36.76
C GLU G 48 -20.57 -5.76 37.97
N VAL G 49 -21.05 -4.53 38.04
CA VAL G 49 -22.00 -4.14 39.06
C VAL G 49 -23.42 -4.49 38.58
N ILE G 50 -24.26 -4.94 39.50
CA ILE G 50 -25.68 -5.18 39.21
C ILE G 50 -26.51 -4.28 40.12
N PRO G 51 -27.79 -4.03 39.76
CA PRO G 51 -28.62 -3.11 40.54
C PRO G 51 -28.64 -3.34 42.07
N PRO G 52 -28.80 -4.59 42.55
CA PRO G 52 -28.78 -4.72 44.02
C PRO G 52 -27.40 -4.46 44.65
N TYR G 53 -26.34 -4.67 43.88
CA TYR G 53 -25.00 -4.38 44.38
C TYR G 53 -24.84 -2.86 44.47
N CYS G 54 -25.47 -2.17 43.52
CA CYS G 54 -25.43 -0.72 43.47
C CYS G 54 -26.13 -0.11 44.69
N ALA G 55 -27.20 -0.75 45.14
CA ALA G 55 -27.91 -0.31 46.33
C ALA G 55 -27.08 -0.55 47.58
N TYR G 56 -26.35 -1.67 47.58
CA TYR G 56 -25.50 -2.02 48.71
C TYR G 56 -24.39 -0.98 48.87
N LEU G 57 -23.88 -0.48 47.75
CA LEU G 57 -22.79 0.49 47.78
C LEU G 57 -23.27 1.84 48.32
N LYS G 58 -24.49 2.22 47.97
CA LYS G 58 -25.07 3.47 48.44
C LYS G 58 -25.25 3.50 49.96
N LYS G 59 -25.39 2.34 50.57
CA LYS G 59 -25.57 2.25 52.02
C LYS G 59 -24.24 2.12 52.78
N ARG G 60 -23.36 1.25 52.29
CA ARG G 60 -22.13 0.96 53.02
C ARG G 60 -20.85 1.58 52.43
N ALA G 61 -21.03 2.48 51.47
CA ALA G 61 -19.92 3.25 50.92
C ALA G 61 -20.44 4.65 50.62
N ALA G 62 -21.17 5.21 51.57
CA ALA G 62 -21.91 6.44 51.36
C ALA G 62 -21.05 7.70 51.26
N SER G 63 -19.76 7.58 51.53
CA SER G 63 -18.87 8.73 51.35
C SER G 63 -18.46 8.91 49.88
N TYR G 64 -18.98 8.02 49.03
CA TYR G 64 -18.72 8.09 47.58
C TYR G 64 -19.97 8.42 46.78
N THR G 65 -19.82 9.29 45.79
CA THR G 65 -20.88 9.56 44.83
C THR G 65 -20.75 8.54 43.70
N ILE G 66 -21.87 7.95 43.31
CA ILE G 66 -21.85 6.84 42.34
C ILE G 66 -22.38 7.22 40.96
N ILE G 67 -21.56 7.00 39.94
CA ILE G 67 -21.96 7.19 38.54
C ILE G 67 -21.95 5.84 37.84
N THR G 68 -23.02 5.51 37.12
CA THR G 68 -23.14 4.18 36.52
C THR G 68 -23.13 4.17 34.99
N GLY G 69 -22.64 3.07 34.42
CA GLY G 69 -22.58 2.89 32.98
C GLY G 69 -23.89 2.39 32.42
N ASN G 70 -24.80 2.04 33.31
CA ASN G 70 -26.14 1.57 32.95
C ASN G 70 -27.00 1.48 34.19
N GLU G 71 -28.18 0.88 34.05
CA GLU G 71 -29.06 0.68 35.21
C GLU G 71 -29.72 -0.69 35.14
N GLU G 72 -29.42 -1.44 34.10
CA GLU G 72 -30.04 -2.74 33.89
C GLU G 72 -28.97 -3.77 33.52
N GLY G 73 -29.21 -5.04 33.84
CA GLY G 73 -28.25 -6.09 33.57
C GLY G 73 -27.03 -5.97 34.47
N TYR G 74 -25.83 -6.01 33.88
CA TYR G 74 -24.62 -5.72 34.62
C TYR G 74 -23.82 -4.61 33.95
N PHE G 75 -23.12 -3.80 34.75
CA PHE G 75 -22.52 -2.59 34.22
C PHE G 75 -21.34 -2.09 35.06
N THR G 76 -20.73 -1.01 34.62
CA THR G 76 -19.61 -0.41 35.33
C THR G 76 -20.07 0.75 36.19
N ALA G 77 -19.17 1.27 37.01
CA ALA G 77 -19.45 2.43 37.84
C ALA G 77 -18.17 3.15 38.25
N ILE G 78 -18.29 4.46 38.46
CA ILE G 78 -17.18 5.25 38.98
C ILE G 78 -17.63 5.95 40.26
N LEU G 79 -16.89 5.72 41.34
CA LEU G 79 -17.20 6.30 42.64
C LEU G 79 -16.25 7.45 42.95
N LEU G 80 -16.80 8.59 43.37
CA LEU G 80 -15.99 9.76 43.67
C LEU G 80 -16.10 10.13 45.14
N LYS G 81 -14.95 10.27 45.80
CA LYS G 81 -14.91 10.63 47.22
C LYS G 81 -15.48 12.03 47.46
N LYS G 82 -16.56 12.12 48.23
CA LYS G 82 -17.14 13.41 48.58
C LYS G 82 -16.16 14.20 49.44
N GLY G 83 -16.00 15.47 49.13
CA GLY G 83 -15.08 16.32 49.88
C GLY G 83 -13.68 16.34 49.31
N ARG G 84 -13.43 15.52 48.29
CA ARG G 84 -12.15 15.55 47.59
C ARG G 84 -12.30 15.66 46.08
N VAL G 85 -13.31 15.00 45.53
CA VAL G 85 -13.53 15.01 44.08
C VAL G 85 -14.81 15.77 43.73
N LYS G 86 -14.69 16.72 42.81
CA LYS G 86 -15.84 17.49 42.36
C LYS G 86 -16.26 17.06 40.95
N PHE G 87 -17.49 16.57 40.84
CA PHE G 87 -18.04 16.09 39.57
C PHE G 87 -18.36 17.25 38.63
N LYS G 88 -18.06 17.07 37.35
CA LYS G 88 -18.35 18.11 36.36
C LYS G 88 -19.29 17.63 35.26
N SER G 89 -18.92 16.56 34.58
CA SER G 89 -19.77 16.02 33.52
C SER G 89 -19.59 14.52 33.33
N GLN G 90 -20.58 13.92 32.69
CA GLN G 90 -20.63 12.48 32.49
C GLN G 90 -20.98 12.14 31.05
N GLU G 91 -20.23 11.22 30.46
CA GLU G 91 -20.50 10.80 29.09
C GLU G 91 -20.36 9.29 28.93
N ILE G 92 -21.36 8.68 28.30
CA ILE G 92 -21.31 7.25 28.01
C ILE G 92 -21.17 7.01 26.52
N ILE G 93 -20.07 6.37 26.15
CA ILE G 93 -19.79 6.04 24.75
C ILE G 93 -20.06 4.56 24.50
N PRO G 94 -20.91 4.27 23.51
CA PRO G 94 -21.32 2.88 23.25
C PRO G 94 -20.27 2.10 22.47
N PHE G 95 -20.31 0.77 22.62
CA PHE G 95 -19.58 -0.13 21.74
C PHE G 95 -20.62 -0.80 20.85
N PRO G 96 -20.80 -0.28 19.62
CA PRO G 96 -21.86 -0.71 18.69
C PRO G 96 -21.93 -2.22 18.45
N ASN G 97 -20.79 -2.90 18.43
CA ASN G 97 -20.77 -4.33 18.11
C ASN G 97 -20.71 -5.27 19.32
N THR G 98 -20.95 -4.74 20.51
CA THR G 98 -20.89 -5.56 21.71
C THR G 98 -22.03 -6.59 21.75
N LYS G 99 -21.71 -7.77 22.27
CA LYS G 99 -22.71 -8.80 22.52
C LYS G 99 -22.96 -8.94 24.03
N MET G 100 -22.29 -8.11 24.81
CA MET G 100 -22.33 -8.22 26.27
C MET G 100 -22.65 -6.90 26.96
N MET G 101 -23.36 -6.02 26.25
CA MET G 101 -23.76 -4.71 26.79
C MET G 101 -22.59 -3.84 27.25
N ARG G 102 -21.38 -4.13 26.78
CA ARG G 102 -20.20 -3.40 27.23
C ARG G 102 -20.14 -2.00 26.61
N ASN G 103 -19.56 -1.06 27.34
CA ASN G 103 -19.45 0.32 26.89
C ASN G 103 -18.30 1.06 27.56
N LEU G 104 -18.23 2.37 27.35
CA LEU G 104 -17.16 3.18 27.91
C LEU G 104 -17.70 4.36 28.70
N LEU G 105 -17.51 4.31 30.02
CA LEU G 105 -17.97 5.37 30.92
C LEU G 105 -16.87 6.40 31.14
N CYS G 106 -17.17 7.66 30.80
CA CYS G 106 -16.23 8.76 30.96
C CYS G 106 -16.79 9.77 31.94
N VAL G 107 -15.98 10.22 32.88
CA VAL G 107 -16.41 11.18 33.88
C VAL G 107 -15.36 12.28 34.07
N ASN G 108 -15.78 13.52 33.89
CA ASN G 108 -14.89 14.66 34.08
C ASN G 108 -15.01 15.23 35.49
N VAL G 109 -13.88 15.41 36.15
CA VAL G 109 -13.87 15.89 37.53
C VAL G 109 -12.70 16.85 37.78
N SER G 110 -12.69 17.41 38.99
CA SER G 110 -11.55 18.17 39.47
C SER G 110 -11.09 17.58 40.79
N LEU G 111 -9.81 17.21 40.86
CA LEU G 111 -9.25 16.61 42.07
C LEU G 111 -8.01 17.37 42.49
N GLY G 112 -8.12 18.10 43.59
CA GLY G 112 -7.10 19.05 43.98
C GLY G 112 -7.35 20.34 43.23
N GLY G 113 -6.39 20.74 42.42
CA GLY G 113 -6.56 21.92 41.58
C GLY G 113 -6.54 21.54 40.11
N ASN G 114 -6.49 20.24 39.84
CA ASN G 114 -6.33 19.74 38.48
C ASN G 114 -7.58 19.09 37.91
N GLU G 115 -7.72 19.16 36.59
CA GLU G 115 -8.83 18.54 35.88
C GLU G 115 -8.49 17.12 35.47
N PHE G 116 -9.48 16.23 35.51
CA PHE G 116 -9.29 14.84 35.15
C PHE G 116 -10.42 14.31 34.29
N CYS G 117 -10.09 13.45 33.33
CA CYS G 117 -11.09 12.64 32.67
C CYS G 117 -10.90 11.19 33.11
N LEU G 118 -11.82 10.71 33.93
CA LEU G 118 -11.75 9.34 34.43
C LEU G 118 -12.53 8.42 33.52
N MET G 119 -11.91 7.32 33.11
CA MET G 119 -12.55 6.38 32.20
C MET G 119 -12.49 4.96 32.72
N THR G 120 -13.56 4.21 32.51
CA THR G 120 -13.54 2.79 32.81
C THR G 120 -14.37 2.00 31.81
N SER G 121 -14.01 0.74 31.64
CA SER G 121 -14.74 -0.16 30.77
C SER G 121 -14.48 -1.58 31.20
N HIS G 122 -15.38 -2.48 30.81
CA HIS G 122 -15.20 -3.90 31.01
C HIS G 122 -15.22 -4.53 29.62
N LEU G 123 -14.05 -4.71 29.02
CA LEU G 123 -13.97 -5.13 27.63
C LEU G 123 -14.53 -6.54 27.42
N GLU G 124 -15.04 -6.77 26.21
CA GLU G 124 -15.63 -8.04 25.78
C GLU G 124 -14.84 -9.23 26.34
N SER G 125 -15.55 -10.15 27.01
CA SER G 125 -14.88 -11.23 27.73
C SER G 125 -14.64 -12.47 26.86
N THR G 126 -13.80 -13.37 27.37
CA THR G 126 -13.50 -14.67 26.77
C THR G 126 -12.58 -14.59 25.55
N ARG G 127 -11.80 -15.64 25.34
CA ARG G 127 -10.85 -15.66 24.23
C ARG G 127 -11.56 -15.74 22.89
N GLU G 128 -12.80 -16.24 22.91
CA GLU G 128 -13.57 -16.39 21.68
C GLU G 128 -13.94 -15.04 21.09
N HIS G 129 -14.03 -14.02 21.94
CA HIS G 129 -14.42 -12.68 21.49
C HIS G 129 -13.22 -11.74 21.39
N SER G 130 -12.07 -12.30 21.05
CA SER G 130 -10.83 -11.55 20.89
C SER G 130 -10.97 -10.33 19.96
N ALA G 131 -11.48 -10.56 18.76
CA ALA G 131 -11.56 -9.49 17.75
C ALA G 131 -12.37 -8.28 18.23
N GLU G 132 -13.53 -8.53 18.82
CA GLU G 132 -14.36 -7.44 19.32
C GLU G 132 -13.66 -6.72 20.48
N ARG G 133 -13.01 -7.49 21.34
CA ARG G 133 -12.22 -6.93 22.45
C ARG G 133 -11.16 -5.95 21.94
N ILE G 134 -10.48 -6.34 20.87
CA ILE G 134 -9.44 -5.50 20.28
C ILE G 134 -10.03 -4.22 19.70
N ARG G 135 -11.17 -4.34 19.03
CA ARG G 135 -11.85 -3.16 18.47
C ARG G 135 -12.31 -2.20 19.55
N GLN G 136 -12.71 -2.75 20.69
CA GLN G 136 -13.10 -1.93 21.85
C GLN G 136 -11.89 -1.21 22.43
N LEU G 137 -10.77 -1.93 22.55
CA LEU G 137 -9.52 -1.34 23.01
C LEU G 137 -9.13 -0.13 22.16
N LYS G 138 -9.29 -0.26 20.84
CA LYS G 138 -8.96 0.82 19.92
C LYS G 138 -9.89 2.03 20.13
N THR G 139 -11.16 1.75 20.39
CA THR G 139 -12.12 2.81 20.64
C THR G 139 -11.74 3.57 21.92
N VAL G 140 -11.29 2.83 22.93
CA VAL G 140 -10.87 3.44 24.20
C VAL G 140 -9.62 4.32 24.02
N LEU G 141 -8.60 3.77 23.36
CA LEU G 141 -7.37 4.52 23.13
C LEU G 141 -7.62 5.74 22.27
N GLY G 142 -8.57 5.63 21.34
CA GLY G 142 -8.97 6.76 20.52
C GLY G 142 -9.58 7.87 21.35
N LYS G 143 -10.50 7.53 22.24
CA LYS G 143 -11.15 8.52 23.08
C LYS G 143 -10.19 9.19 24.06
N MET G 144 -9.17 8.44 24.49
CA MET G 144 -8.13 9.01 25.33
C MET G 144 -7.35 10.10 24.59
N GLN G 145 -7.26 9.95 23.27
CA GLN G 145 -6.52 10.91 22.45
C GLN G 145 -7.26 12.23 22.29
N GLU G 146 -8.58 12.14 22.05
CA GLU G 146 -9.35 13.32 21.66
C GLU G 146 -9.75 14.22 22.84
N ALA G 147 -9.16 13.97 24.00
CA ALA G 147 -9.38 14.83 25.16
C ALA G 147 -8.41 15.99 25.11
N PRO G 148 -8.83 17.17 25.62
CA PRO G 148 -8.01 18.39 25.72
C PRO G 148 -6.59 18.10 26.19
N ASP G 149 -5.62 18.83 25.66
CA ASP G 149 -4.22 18.61 26.01
C ASP G 149 -3.94 18.99 27.47
N SER G 150 -4.79 19.85 28.02
CA SER G 150 -4.63 20.30 29.40
C SER G 150 -4.98 19.22 30.41
N THR G 151 -6.15 18.62 30.25
CA THR G 151 -6.67 17.65 31.22
C THR G 151 -5.91 16.33 31.24
N THR G 152 -5.83 15.72 32.41
CA THR G 152 -5.18 14.43 32.59
C THR G 152 -6.21 13.31 32.43
N VAL G 153 -5.86 12.32 31.64
CA VAL G 153 -6.77 11.21 31.36
C VAL G 153 -6.31 9.94 32.06
N ILE G 154 -7.22 9.30 32.79
CA ILE G 154 -6.92 8.04 33.45
C ILE G 154 -7.95 6.98 33.07
N PHE G 155 -7.48 5.93 32.42
CA PHE G 155 -8.33 4.76 32.20
C PHE G 155 -7.96 3.64 33.16
N ALA G 156 -8.97 3.05 33.78
CA ALA G 156 -8.76 1.92 34.67
C ALA G 156 -9.95 0.99 34.56
N GLY G 157 -9.68 -0.25 34.18
CA GLY G 157 -10.76 -1.20 33.98
C GLY G 157 -10.31 -2.64 33.80
N ASP G 158 -11.31 -3.51 33.66
CA ASP G 158 -11.08 -4.91 33.34
C ASP G 158 -11.02 -5.02 31.83
N THR G 159 -9.81 -5.23 31.29
CA THR G 159 -9.60 -5.21 29.85
C THR G 159 -9.75 -6.59 29.22
N ASN G 160 -9.59 -7.65 30.03
CA ASN G 160 -9.57 -9.02 29.52
C ASN G 160 -8.47 -9.28 28.49
N LEU G 161 -7.49 -8.40 28.45
CA LEU G 161 -6.42 -8.48 27.46
C LEU G 161 -5.41 -9.59 27.73
N ARG G 162 -5.01 -10.26 26.65
CA ARG G 162 -3.82 -11.09 26.61
C ARG G 162 -2.75 -10.23 25.95
N ASP G 163 -1.49 -10.42 26.34
CA ASP G 163 -0.40 -9.59 25.82
C ASP G 163 -0.32 -9.57 24.29
N GLN G 164 -0.58 -10.71 23.66
CA GLN G 164 -0.51 -10.81 22.20
CA GLN G 164 -0.51 -10.83 22.21
C GLN G 164 -1.57 -9.94 21.53
N GLU G 165 -2.68 -9.73 22.23
CA GLU G 165 -3.76 -8.91 21.69
C GLU G 165 -3.38 -7.43 21.61
N VAL G 166 -2.57 -6.97 22.55
CA VAL G 166 -2.07 -5.60 22.50
C VAL G 166 -1.14 -5.42 21.31
N ILE G 167 -0.30 -6.42 21.07
CA ILE G 167 0.59 -6.42 19.91
C ILE G 167 -0.18 -6.40 18.59
N LYS G 168 -1.22 -7.22 18.48
CA LYS G 168 -2.05 -7.26 17.27
C LYS G 168 -2.75 -5.91 17.07
N CYS G 169 -2.85 -5.15 18.15
CA CYS G 169 -3.52 -3.86 18.12
C CYS G 169 -2.53 -2.79 17.66
N GLY G 170 -1.25 -3.14 17.65
CA GLY G 170 -0.19 -2.20 17.28
C GLY G 170 0.56 -1.67 18.49
N GLY G 171 0.14 -2.10 19.67
CA GLY G 171 0.73 -1.62 20.91
C GLY G 171 0.10 -0.31 21.37
N LEU G 172 0.41 0.09 22.59
CA LEU G 172 -0.06 1.37 23.12
C LEU G 172 0.59 2.52 22.36
N PRO G 173 -0.19 3.58 22.07
CA PRO G 173 0.35 4.78 21.43
C PRO G 173 1.38 5.47 22.32
N ASP G 174 2.27 6.23 21.70
CA ASP G 174 3.43 6.82 22.38
C ASP G 174 3.09 7.75 23.54
N ASN G 175 1.88 8.30 23.54
CA ASN G 175 1.48 9.23 24.60
C ASN G 175 0.59 8.59 25.66
N VAL G 176 0.47 7.26 25.62
CA VAL G 176 -0.35 6.55 26.58
C VAL G 176 0.47 5.49 27.32
N PHE G 177 0.54 5.63 28.64
CA PHE G 177 1.38 4.76 29.46
C PHE G 177 0.57 3.76 30.26
N ASP G 178 1.12 2.56 30.42
CA ASP G 178 0.56 1.55 31.32
C ASP G 178 1.22 1.75 32.69
N ALA G 179 0.42 1.94 33.73
CA ALA G 179 0.96 2.23 35.06
C ALA G 179 1.87 1.12 35.59
N TRP G 180 1.46 -0.13 35.40
CA TRP G 180 2.26 -1.27 35.82
C TRP G 180 3.61 -1.30 35.09
N GLU G 181 3.59 -0.94 33.81
CA GLU G 181 4.80 -0.87 33.02
C GLU G 181 5.69 0.30 33.46
N PHE G 182 5.07 1.43 33.77
CA PHE G 182 5.79 2.61 34.25
C PHE G 182 6.56 2.30 35.53
N LEU G 183 5.98 1.47 36.39
CA LEU G 183 6.59 1.14 37.67
C LEU G 183 7.64 0.02 37.55
N GLY G 184 8.00 -0.34 36.33
CA GLY G 184 9.01 -1.36 36.10
C GLY G 184 8.48 -2.78 36.16
N LYS G 185 7.19 -2.95 35.89
CA LYS G 185 6.56 -4.26 35.86
C LYS G 185 6.77 -5.08 37.14
N PRO G 186 6.44 -4.51 38.31
CA PRO G 186 6.68 -5.25 39.56
C PRO G 186 5.93 -6.58 39.60
N LYS G 187 6.57 -7.62 40.11
CA LYS G 187 5.93 -8.94 40.15
C LYS G 187 4.80 -9.06 41.17
N HIS G 188 4.83 -8.24 42.22
CA HIS G 188 3.91 -8.42 43.33
C HIS G 188 2.44 -8.12 42.96
N CYS G 189 2.24 -7.40 41.86
CA CYS G 189 0.89 -7.11 41.40
C CYS G 189 0.72 -7.39 39.90
N GLN G 190 1.47 -8.36 39.39
CA GLN G 190 1.43 -8.67 37.97
C GLN G 190 0.12 -9.34 37.52
N TYR G 191 -0.37 -10.29 38.30
CA TYR G 191 -1.59 -11.01 37.94
C TYR G 191 -2.77 -10.58 38.79
N THR G 192 -3.88 -10.25 38.14
CA THR G 192 -5.07 -9.76 38.84
C THR G 192 -6.20 -10.80 38.76
N TRP G 193 -5.92 -11.89 38.07
CA TRP G 193 -6.87 -12.99 37.92
C TRP G 193 -6.01 -14.26 37.93
N ASP G 194 -6.22 -15.13 38.91
CA ASP G 194 -5.27 -16.21 39.19
C ASP G 194 -5.97 -17.38 39.85
N THR G 195 -6.20 -18.45 39.08
CA THR G 195 -7.02 -19.57 39.57
C THR G 195 -6.31 -20.39 40.64
N LYS G 196 -5.01 -20.15 40.83
CA LYS G 196 -4.27 -20.82 41.89
C LYS G 196 -4.36 -20.04 43.21
N ALA G 197 -4.29 -18.72 43.12
CA ALA G 197 -4.34 -17.88 44.31
C ALA G 197 -5.77 -17.50 44.71
N ASN G 198 -6.70 -17.66 43.78
CA ASN G 198 -8.08 -17.26 43.97
C ASN G 198 -9.01 -18.43 43.63
N ASN G 199 -9.84 -18.84 44.58
CA ASN G 199 -10.65 -20.05 44.41
C ASN G 199 -12.10 -19.80 44.03
N ASN G 200 -12.46 -18.55 43.73
CA ASN G 200 -13.86 -18.20 43.51
C ASN G 200 -14.56 -18.94 42.37
N LEU G 201 -13.84 -19.18 41.28
CA LEU G 201 -14.47 -19.75 40.08
C LEU G 201 -14.53 -21.28 40.05
N ARG G 202 -13.82 -21.92 40.98
CA ARG G 202 -13.76 -23.39 41.05
CA ARG G 202 -13.75 -23.38 41.05
C ARG G 202 -13.14 -23.97 39.79
N ILE G 203 -11.99 -23.43 39.39
CA ILE G 203 -11.26 -23.90 38.23
C ILE G 203 -10.05 -24.72 38.69
N PRO G 204 -10.05 -26.02 38.40
CA PRO G 204 -9.00 -26.94 38.84
C PRO G 204 -7.62 -26.55 38.31
N ALA G 205 -7.53 -26.26 37.01
CA ALA G 205 -6.26 -25.95 36.38
C ALA G 205 -5.74 -24.57 36.79
N ALA G 206 -4.44 -24.35 36.59
CA ALA G 206 -3.82 -23.08 36.96
C ALA G 206 -3.73 -22.11 35.77
N TYR G 207 -4.46 -21.00 35.87
CA TYR G 207 -4.40 -19.96 34.85
C TYR G 207 -4.20 -18.63 35.56
N LYS G 208 -3.48 -17.71 34.90
CA LYS G 208 -3.33 -16.37 35.45
C LYS G 208 -3.11 -15.32 34.38
N HIS G 209 -3.71 -14.15 34.59
CA HIS G 209 -3.64 -13.08 33.61
C HIS G 209 -3.61 -11.72 34.28
N ARG G 210 -3.03 -10.74 33.59
CA ARG G 210 -3.12 -9.34 33.97
C ARG G 210 -4.29 -8.72 33.22
N PHE G 211 -5.50 -9.03 33.66
CA PHE G 211 -6.71 -8.57 32.99
C PHE G 211 -7.02 -7.11 33.30
N ASP G 212 -6.75 -6.72 34.52
CA ASP G 212 -7.06 -5.37 34.99
C ASP G 212 -5.86 -4.45 34.77
N ARG G 213 -6.07 -3.37 34.03
CA ARG G 213 -4.98 -2.51 33.64
C ARG G 213 -5.32 -1.03 33.79
N ILE G 214 -4.27 -0.21 33.93
CA ILE G 214 -4.43 1.22 34.08
C ILE G 214 -3.65 1.93 32.99
N PHE G 215 -4.35 2.69 32.14
CA PHE G 215 -3.69 3.51 31.14
C PHE G 215 -3.84 4.98 31.51
N PHE G 216 -2.83 5.79 31.24
CA PHE G 216 -2.97 7.22 31.47
C PHE G 216 -2.26 8.10 30.44
N ARG G 217 -2.81 9.29 30.24
CA ARG G 217 -2.24 10.28 29.35
C ARG G 217 -2.13 11.60 30.10
N ALA G 218 -0.92 12.13 30.20
CA ALA G 218 -0.69 13.40 30.87
C ALA G 218 0.54 14.09 30.30
N GLU G 219 0.63 15.39 30.50
CA GLU G 219 1.81 16.15 30.10
C GLU G 219 3.00 15.62 30.89
N GLU G 220 4.17 15.58 30.24
CA GLU G 220 5.35 14.94 30.82
C GLU G 220 5.72 15.45 32.20
N GLY G 221 5.71 14.54 33.18
CA GLY G 221 6.15 14.83 34.52
C GLY G 221 5.06 15.31 35.46
N HIS G 222 3.83 15.40 34.94
CA HIS G 222 2.72 15.91 35.75
C HIS G 222 1.97 14.80 36.50
N LEU G 223 2.08 13.58 36.00
CA LEU G 223 1.45 12.44 36.67
C LEU G 223 2.44 11.28 36.81
N ILE G 224 2.88 11.05 38.03
CA ILE G 224 3.86 9.99 38.28
C ILE G 224 3.34 8.95 39.25
N PRO G 225 3.05 7.74 38.75
CA PRO G 225 2.64 6.61 39.60
C PRO G 225 3.70 6.32 40.65
N GLN G 226 3.27 6.10 41.89
CA GLN G 226 4.17 5.86 43.01
C GLN G 226 4.11 4.40 43.49
N SER G 227 2.90 3.85 43.50
CA SER G 227 2.72 2.48 43.97
C SER G 227 1.55 1.78 43.29
N LEU G 228 1.59 0.47 43.30
CA LEU G 228 0.52 -0.34 42.73
C LEU G 228 0.45 -1.62 43.54
N ASP G 229 -0.70 -1.88 44.15
CA ASP G 229 -0.86 -3.04 45.00
C ASP G 229 -2.17 -3.76 44.72
N LEU G 230 -2.19 -5.07 44.98
CA LEU G 230 -3.41 -5.84 44.91
C LEU G 230 -4.26 -5.58 46.15
N VAL G 231 -5.58 -5.59 45.99
CA VAL G 231 -6.48 -5.53 47.14
C VAL G 231 -7.53 -6.63 47.01
N GLY G 232 -8.23 -6.92 48.10
CA GLY G 232 -9.19 -8.01 48.11
C GLY G 232 -8.53 -9.35 48.34
N LEU G 233 -7.39 -9.34 49.03
CA LEU G 233 -6.57 -10.53 49.23
C LEU G 233 -6.99 -11.38 50.42
N GLU G 234 -7.83 -10.83 51.28
CA GLU G 234 -8.20 -11.55 52.49
C GLU G 234 -9.40 -12.44 52.19
N LYS G 235 -9.23 -13.74 52.40
CA LYS G 235 -10.33 -14.68 52.22
C LYS G 235 -11.39 -14.42 53.29
N LEU G 236 -12.66 -14.43 52.90
CA LEU G 236 -13.75 -14.08 53.80
C LEU G 236 -14.16 -15.25 54.70
N ASP G 237 -15.04 -14.98 55.65
CA ASP G 237 -15.52 -16.03 56.58
C ASP G 237 -16.09 -17.23 55.81
N CYS G 238 -16.68 -16.97 54.65
CA CYS G 238 -17.29 -18.02 53.85
C CYS G 238 -16.28 -18.92 53.12
N GLY G 239 -15.01 -18.51 53.13
CA GLY G 239 -13.98 -19.31 52.50
C GLY G 239 -13.69 -18.91 51.06
N ARG G 240 -14.26 -17.80 50.62
CA ARG G 240 -14.00 -17.31 49.27
C ARG G 240 -13.61 -15.85 49.32
N PHE G 241 -13.24 -15.28 48.18
CA PHE G 241 -12.76 -13.91 48.15
C PHE G 241 -13.89 -12.97 47.74
N PRO G 242 -13.69 -11.65 47.91
CA PRO G 242 -14.72 -10.71 47.45
C PRO G 242 -15.03 -10.86 45.97
N SER G 243 -14.04 -11.24 45.16
CA SER G 243 -14.25 -11.40 43.72
C SER G 243 -13.30 -12.44 43.15
N ASP G 244 -13.54 -12.85 41.90
CA ASP G 244 -12.57 -13.70 41.21
C ASP G 244 -11.35 -12.88 40.75
N HIS G 245 -11.50 -11.56 40.77
CA HIS G 245 -10.40 -10.66 40.47
C HIS G 245 -9.81 -10.09 41.74
N TRP G 246 -8.50 -9.86 41.75
CA TRP G 246 -7.91 -8.96 42.72
C TRP G 246 -8.20 -7.54 42.24
N GLY G 247 -8.32 -6.61 43.18
CA GLY G 247 -8.41 -5.22 42.81
C GLY G 247 -7.02 -4.64 42.69
N LEU G 248 -6.90 -3.46 42.10
CA LEU G 248 -5.63 -2.75 42.04
C LEU G 248 -5.77 -1.41 42.75
N LEU G 249 -4.86 -1.15 43.69
CA LEU G 249 -4.80 0.14 44.37
C LEU G 249 -3.56 0.90 43.88
N CYS G 250 -3.78 2.10 43.37
CA CYS G 250 -2.70 2.88 42.79
C CYS G 250 -2.62 4.26 43.44
N THR G 251 -1.41 4.70 43.77
CA THR G 251 -1.20 6.06 44.24
C THR G 251 -0.26 6.77 43.27
N LEU G 252 -0.59 8.02 42.95
CA LEU G 252 0.17 8.79 41.97
C LEU G 252 0.46 10.18 42.51
N ASN G 253 1.65 10.70 42.22
CA ASN G 253 1.96 12.09 42.53
C ASN G 253 1.58 13.01 41.39
N VAL G 254 0.90 14.10 41.72
CA VAL G 254 0.57 15.11 40.73
C VAL G 254 1.53 16.28 40.88
N VAL G 255 2.38 16.48 39.88
CA VAL G 255 3.32 17.59 39.89
C VAL G 255 2.85 18.69 38.95
N LEU G 256 2.26 19.72 39.53
CA LEU G 256 1.72 20.83 38.76
C LEU G 256 2.75 21.94 38.62
N SER I 8 27.52 39.03 -15.66
CA SER I 8 26.66 38.12 -14.91
C SER I 8 25.42 37.75 -15.72
N THR I 9 25.41 38.13 -16.99
CA THR I 9 24.28 37.85 -17.86
C THR I 9 24.55 36.62 -18.72
N ILE I 10 23.55 35.75 -18.83
CA ILE I 10 23.63 34.64 -19.78
C ILE I 10 22.51 34.75 -20.81
N SER I 11 22.70 34.10 -21.95
CA SER I 11 21.76 34.20 -23.06
C SER I 11 21.57 32.84 -23.73
N PHE I 12 20.36 32.57 -24.17
CA PHE I 12 20.09 31.35 -24.92
C PHE I 12 18.98 31.50 -25.95
N ILE I 13 19.03 30.62 -26.95
CA ILE I 13 17.96 30.48 -27.92
C ILE I 13 17.38 29.07 -27.81
N THR I 14 16.05 28.97 -27.83
CA THR I 14 15.38 27.69 -28.02
C THR I 14 14.54 27.73 -29.30
N TRP I 15 14.61 26.66 -30.10
CA TRP I 15 14.02 26.71 -31.44
C TRP I 15 13.75 25.31 -32.01
N ASN I 16 12.48 25.04 -32.36
CA ASN I 16 12.14 23.89 -33.16
C ASN I 16 12.38 24.28 -34.62
N ILE I 17 13.38 23.66 -35.24
CA ILE I 17 13.79 24.09 -36.57
C ILE I 17 13.19 23.26 -37.71
N ASP I 18 12.28 22.35 -37.33
CA ASP I 18 11.42 21.63 -38.29
C ASP I 18 12.21 20.87 -39.36
N GLY I 19 13.13 20.02 -38.93
CA GLY I 19 13.90 19.18 -39.83
C GLY I 19 13.08 18.15 -40.58
N LEU I 20 11.85 17.91 -40.12
CA LEU I 20 10.97 16.96 -40.79
C LEU I 20 10.40 17.53 -42.09
N ASP I 21 10.38 18.86 -42.21
CA ASP I 21 9.97 19.50 -43.46
C ASP I 21 11.14 19.54 -44.44
N GLY I 22 11.06 18.70 -45.48
CA GLY I 22 12.13 18.61 -46.46
C GLY I 22 12.23 19.80 -47.41
N CYS I 23 11.15 20.58 -47.51
CA CYS I 23 11.12 21.68 -48.48
C CYS I 23 12.07 22.82 -48.11
N ASN I 24 12.96 23.16 -49.04
CA ASN I 24 13.93 24.24 -48.85
C ASN I 24 14.81 24.07 -47.62
N LEU I 25 14.97 22.82 -47.16
CA LEU I 25 15.70 22.56 -45.91
C LEU I 25 17.13 23.13 -45.82
N PRO I 26 17.97 22.93 -46.86
CA PRO I 26 19.33 23.49 -46.76
C PRO I 26 19.34 25.01 -46.66
N GLU I 27 18.49 25.68 -47.44
CA GLU I 27 18.39 27.13 -47.36
C GLU I 27 17.89 27.55 -45.98
N ARG I 28 16.91 26.82 -45.46
CA ARG I 28 16.37 27.11 -44.14
C ARG I 28 17.40 26.89 -43.03
N ALA I 29 18.20 25.84 -43.18
CA ALA I 29 19.30 25.59 -42.25
C ALA I 29 20.33 26.71 -42.28
N ARG I 30 20.60 27.24 -43.47
CA ARG I 30 21.50 28.38 -43.57
C ARG I 30 20.91 29.60 -42.86
N GLY I 31 19.59 29.73 -42.91
CA GLY I 31 18.90 30.80 -42.21
C GLY I 31 19.03 30.69 -40.69
N VAL I 32 18.86 29.47 -40.18
CA VAL I 32 19.03 29.22 -38.75
C VAL I 32 20.45 29.51 -38.29
N CYS I 33 21.43 29.02 -39.05
CA CYS I 33 22.82 29.25 -38.68
C CYS I 33 23.19 30.74 -38.76
N SER I 34 22.56 31.48 -39.66
CA SER I 34 22.78 32.92 -39.75
CA SER I 34 22.80 32.92 -39.74
C SER I 34 22.35 33.61 -38.46
N CYS I 35 21.16 33.24 -37.99
CA CYS I 35 20.63 33.76 -36.74
CA CYS I 35 20.63 33.76 -36.73
C CYS I 35 21.55 33.45 -35.56
N LEU I 36 21.99 32.20 -35.47
CA LEU I 36 22.87 31.78 -34.37
C LEU I 36 24.21 32.52 -34.41
N ALA I 37 24.71 32.77 -35.61
CA ALA I 37 25.98 33.49 -35.74
C ALA I 37 25.86 34.96 -35.33
N LEU I 38 24.73 35.57 -35.67
CA LEU I 38 24.57 37.02 -35.45
C LEU I 38 24.20 37.33 -33.98
N TYR I 39 23.38 36.49 -33.37
CA TYR I 39 23.04 36.68 -31.97
C TYR I 39 24.09 36.08 -31.04
N SER I 40 24.72 35.00 -31.48
CA SER I 40 25.76 34.32 -30.71
C SER I 40 25.44 34.05 -29.24
N PRO I 41 24.33 33.34 -28.96
CA PRO I 41 24.02 33.06 -27.55
C PRO I 41 24.98 32.05 -26.91
N ASP I 42 24.99 31.99 -25.59
CA ASP I 42 25.81 31.04 -24.86
C ASP I 42 25.34 29.61 -25.10
N VAL I 43 24.03 29.43 -25.19
CA VAL I 43 23.44 28.11 -25.33
C VAL I 43 22.31 28.12 -26.36
N VAL I 44 22.22 27.06 -27.16
CA VAL I 44 21.09 26.89 -28.06
C VAL I 44 20.39 25.55 -27.77
N PHE I 45 19.07 25.61 -27.58
CA PHE I 45 18.27 24.39 -27.46
C PHE I 45 17.54 24.17 -28.78
N LEU I 46 17.77 23.02 -29.42
CA LEU I 46 17.12 22.74 -30.69
C LEU I 46 16.21 21.53 -30.63
N GLN I 47 15.07 21.61 -31.32
CA GLN I 47 14.18 20.45 -31.46
C GLN I 47 13.95 20.10 -32.93
N GLU I 48 13.62 18.84 -33.18
CA GLU I 48 13.32 18.35 -34.53
C GLU I 48 14.53 18.46 -35.46
N VAL I 49 15.70 18.18 -34.91
CA VAL I 49 16.92 18.06 -35.69
C VAL I 49 16.93 16.65 -36.32
N ILE I 50 17.40 16.55 -37.57
CA ILE I 50 17.62 15.25 -38.21
C ILE I 50 19.13 15.08 -38.47
N PRO I 51 19.59 13.84 -38.72
CA PRO I 51 21.05 13.66 -38.85
C PRO I 51 21.77 14.55 -39.90
N PRO I 52 21.22 14.71 -41.11
CA PRO I 52 21.92 15.63 -42.02
C PRO I 52 21.87 17.09 -41.55
N TYR I 53 20.87 17.45 -40.75
CA TYR I 53 20.80 18.79 -40.19
C TYR I 53 21.92 18.96 -39.16
N CYS I 54 22.11 17.92 -38.36
CA CYS I 54 23.18 17.86 -37.38
C CYS I 54 24.54 18.06 -38.09
N ALA I 55 24.60 17.61 -39.34
CA ALA I 55 25.78 17.85 -40.16
C ALA I 55 25.92 19.31 -40.59
N TYR I 56 24.81 19.94 -41.00
CA TYR I 56 24.82 21.36 -41.35
C TYR I 56 25.40 22.17 -40.19
N LEU I 57 24.97 21.84 -38.98
CA LEU I 57 25.36 22.55 -37.77
C LEU I 57 26.87 22.46 -37.50
N LYS I 58 27.49 21.36 -37.86
CA LYS I 58 28.93 21.21 -37.66
C LYS I 58 29.73 22.14 -38.56
N LYS I 59 29.22 22.38 -39.76
CA LYS I 59 29.89 23.27 -40.71
C LYS I 59 29.62 24.75 -40.44
N ARG I 60 28.35 25.11 -40.26
CA ARG I 60 27.97 26.52 -40.18
C ARG I 60 27.67 27.02 -38.77
N ALA I 61 27.99 26.21 -37.77
CA ALA I 61 27.83 26.63 -36.38
C ALA I 61 28.93 25.97 -35.53
N ALA I 62 30.15 25.99 -36.07
CA ALA I 62 31.28 25.28 -35.48
C ALA I 62 31.77 25.86 -34.15
N SER I 63 31.26 27.03 -33.78
CA SER I 63 31.61 27.64 -32.51
C SER I 63 30.89 26.98 -31.33
N TYR I 64 30.01 26.03 -31.64
CA TYR I 64 29.28 25.30 -30.61
C TYR I 64 29.65 23.81 -30.57
N THR I 65 29.69 23.27 -29.35
CA THR I 65 29.77 21.83 -29.17
C THR I 65 28.35 21.29 -29.11
N ILE I 66 28.07 20.22 -29.87
CA ILE I 66 26.73 19.68 -29.99
C ILE I 66 26.51 18.43 -29.14
N ILE I 67 25.44 18.44 -28.35
CA ILE I 67 24.99 17.26 -27.61
C ILE I 67 23.60 16.90 -28.12
N THR I 68 23.40 15.68 -28.59
CA THR I 68 22.12 15.30 -29.19
C THR I 68 21.28 14.36 -28.32
N GLY I 69 19.97 14.35 -28.57
CA GLY I 69 19.05 13.52 -27.80
C GLY I 69 18.86 12.13 -28.39
N ASN I 70 19.40 11.93 -29.59
CA ASN I 70 19.35 10.66 -30.29
C ASN I 70 20.28 10.70 -31.49
N GLU I 71 20.38 9.57 -32.19
CA GLU I 71 21.30 9.46 -33.31
CA GLU I 71 21.29 9.45 -33.32
C GLU I 71 20.54 9.30 -34.63
N GLU I 72 19.29 8.86 -34.54
CA GLU I 72 18.48 8.60 -35.74
C GLU I 72 17.08 9.18 -35.61
N GLY I 73 16.36 9.19 -36.72
CA GLY I 73 15.02 9.77 -36.76
C GLY I 73 15.13 11.27 -36.60
N TYR I 74 14.35 11.83 -35.68
CA TYR I 74 14.49 13.24 -35.33
C TYR I 74 14.59 13.38 -33.82
N PHE I 75 15.29 14.41 -33.39
CA PHE I 75 15.69 14.52 -32.00
C PHE I 75 16.05 15.95 -31.64
N THR I 76 16.30 16.16 -30.35
CA THR I 76 16.66 17.47 -29.85
C THR I 76 18.16 17.59 -29.79
N ALA I 77 18.65 18.79 -29.51
CA ALA I 77 20.08 18.99 -29.32
C ALA I 77 20.33 20.21 -28.44
N ILE I 78 21.44 20.18 -27.72
CA ILE I 78 21.88 21.34 -26.96
C ILE I 78 23.27 21.75 -27.43
N LEU I 79 23.40 23.01 -27.83
CA LEU I 79 24.65 23.55 -28.34
C LEU I 79 25.28 24.45 -27.28
N LEU I 80 26.55 24.20 -26.98
CA LEU I 80 27.27 24.96 -25.96
C LEU I 80 28.39 25.78 -26.58
N LYS I 81 28.42 27.08 -26.30
CA LYS I 81 29.42 27.99 -26.86
C LYS I 81 30.83 27.69 -26.36
N LYS I 82 31.72 27.33 -27.27
CA LYS I 82 33.10 27.03 -26.91
C LYS I 82 33.78 28.26 -26.32
N GLY I 83 34.54 28.04 -25.24
CA GLY I 83 35.29 29.11 -24.61
C GLY I 83 34.44 29.91 -23.64
N ARG I 84 33.16 29.59 -23.59
CA ARG I 84 32.23 30.29 -22.70
C ARG I 84 31.56 29.29 -21.76
N VAL I 85 31.15 28.15 -22.31
CA VAL I 85 30.50 27.12 -21.53
C VAL I 85 31.42 25.91 -21.37
N LYS I 86 31.57 25.44 -20.13
CA LYS I 86 32.33 24.21 -19.87
C LYS I 86 31.39 23.05 -19.61
N PHE I 87 31.47 22.02 -20.44
CA PHE I 87 30.65 20.81 -20.28
C PHE I 87 31.13 19.98 -19.09
N LYS I 88 30.19 19.47 -18.30
CA LYS I 88 30.52 18.62 -17.16
C LYS I 88 30.00 17.19 -17.34
N SER I 89 28.70 17.06 -17.62
CA SER I 89 28.10 15.76 -17.86
C SER I 89 26.76 15.87 -18.57
N GLN I 90 26.23 14.72 -19.03
CA GLN I 90 24.94 14.70 -19.69
C GLN I 90 24.10 13.52 -19.21
N GLU I 91 22.81 13.57 -19.55
CA GLU I 91 21.87 12.53 -19.12
C GLU I 91 20.60 12.60 -19.97
N ILE I 92 20.25 11.48 -20.59
CA ILE I 92 19.02 11.39 -21.36
C ILE I 92 17.97 10.57 -20.61
N ILE I 93 16.86 11.22 -20.30
CA ILE I 93 15.78 10.58 -19.57
C ILE I 93 14.68 10.17 -20.55
N PRO I 94 14.40 8.86 -20.63
CA PRO I 94 13.44 8.36 -21.62
C PRO I 94 12.00 8.70 -21.26
N PHE I 95 11.15 8.80 -22.27
CA PHE I 95 9.70 8.86 -22.09
C PHE I 95 9.17 7.53 -22.61
N PRO I 96 9.07 6.51 -21.74
CA PRO I 96 8.74 5.14 -22.15
C PRO I 96 7.43 5.02 -22.92
N ASN I 97 6.53 5.99 -22.78
CA ASN I 97 5.22 5.93 -23.42
C ASN I 97 5.15 6.70 -24.73
N THR I 98 6.25 7.34 -25.13
CA THR I 98 6.20 8.16 -26.33
C THR I 98 5.96 7.33 -27.58
N LYS I 99 5.21 7.88 -28.52
CA LYS I 99 5.02 7.24 -29.81
C LYS I 99 5.73 8.04 -30.90
N MET I 100 6.48 9.04 -30.45
CA MET I 100 7.16 9.95 -31.37
C MET I 100 8.64 10.14 -31.02
N MET I 101 9.22 9.16 -30.33
CA MET I 101 10.65 9.14 -29.98
C MET I 101 11.11 10.30 -29.08
N ARG I 102 10.18 10.94 -28.40
CA ARG I 102 10.52 12.09 -27.54
C ARG I 102 11.22 11.65 -26.25
N ASN I 103 12.05 12.53 -25.72
CA ASN I 103 12.73 12.30 -24.44
C ASN I 103 13.14 13.61 -23.80
N LEU I 104 13.88 13.50 -22.69
CA LEU I 104 14.39 14.69 -21.99
C LEU I 104 15.90 14.67 -21.96
N LEU I 105 16.52 15.64 -22.62
CA LEU I 105 17.97 15.74 -22.67
C LEU I 105 18.47 16.73 -21.61
N CYS I 106 19.34 16.25 -20.72
CA CYS I 106 19.88 17.07 -19.64
C CYS I 106 21.39 17.21 -19.79
N VAL I 107 21.88 18.42 -19.64
CA VAL I 107 23.32 18.69 -19.67
C VAL I 107 23.73 19.57 -18.49
N ASN I 108 24.71 19.10 -17.72
CA ASN I 108 25.25 19.87 -16.61
C ASN I 108 26.50 20.62 -17.05
N VAL I 109 26.56 21.92 -16.77
CA VAL I 109 27.67 22.73 -17.23
C VAL I 109 28.10 23.81 -16.24
N SER I 110 29.26 24.41 -16.53
CA SER I 110 29.73 25.57 -15.81
CA SER I 110 29.73 25.57 -15.81
C SER I 110 29.70 26.78 -16.74
N LEU I 111 29.16 27.90 -16.25
CA LEU I 111 29.05 29.11 -17.05
C LEU I 111 29.05 30.35 -16.17
N GLY I 112 30.00 31.25 -16.41
CA GLY I 112 30.14 32.45 -15.61
C GLY I 112 30.48 32.14 -14.16
N GLY I 113 31.06 30.96 -13.93
CA GLY I 113 31.43 30.54 -12.59
C GLY I 113 30.33 29.81 -11.86
N ASN I 114 29.11 29.87 -12.40
CA ASN I 114 27.97 29.20 -11.79
C ASN I 114 27.69 27.83 -12.43
N GLU I 115 27.03 26.97 -11.68
CA GLU I 115 26.67 25.64 -12.17
C GLU I 115 25.23 25.64 -12.69
N PHE I 116 25.01 24.96 -13.80
CA PHE I 116 23.69 24.92 -14.42
C PHE I 116 23.30 23.50 -14.85
N CYS I 117 22.00 23.21 -14.73
CA CYS I 117 21.44 22.02 -15.37
C CYS I 117 20.50 22.47 -16.49
N LEU I 118 20.96 22.31 -17.72
CA LEU I 118 20.20 22.73 -18.90
C LEU I 118 19.37 21.58 -19.45
N MET I 119 18.09 21.82 -19.68
CA MET I 119 17.16 20.77 -20.12
C MET I 119 16.39 21.15 -21.36
N THR I 120 16.25 20.21 -22.29
CA THR I 120 15.34 20.41 -23.41
C THR I 120 14.54 19.16 -23.76
N SER I 121 13.35 19.39 -24.30
CA SER I 121 12.49 18.31 -24.77
C SER I 121 11.55 18.84 -25.84
N HIS I 122 11.03 17.94 -26.65
CA HIS I 122 10.03 18.25 -27.64
C HIS I 122 8.83 17.39 -27.27
N LEU I 123 7.92 17.94 -26.46
CA LEU I 123 6.85 17.13 -25.89
C LEU I 123 5.90 16.61 -26.98
N GLU I 124 5.31 15.45 -26.71
CA GLU I 124 4.38 14.77 -27.62
C GLU I 124 3.45 15.74 -28.37
N SER I 125 3.33 15.55 -29.69
CA SER I 125 2.63 16.51 -30.55
C SER I 125 1.16 16.18 -30.79
N THR I 126 0.41 17.19 -31.26
CA THR I 126 -1.00 17.12 -31.70
C THR I 126 -2.01 17.08 -30.56
N ARG I 127 -3.22 17.56 -30.83
CA ARG I 127 -4.23 17.61 -29.78
C ARG I 127 -4.64 16.21 -29.30
N GLU I 128 -4.55 15.23 -30.19
CA GLU I 128 -4.90 13.84 -29.89
C GLU I 128 -4.03 13.24 -28.78
N HIS I 129 -2.80 13.73 -28.65
CA HIS I 129 -1.86 13.18 -27.67
C HIS I 129 -1.71 14.06 -26.43
N SER I 130 -2.79 14.76 -26.09
CA SER I 130 -2.82 15.63 -24.92
C SER I 130 -2.44 14.92 -23.61
N ALA I 131 -3.02 13.73 -23.40
CA ALA I 131 -2.75 12.99 -22.17
C ALA I 131 -1.26 12.68 -21.99
N GLU I 132 -0.61 12.18 -23.03
CA GLU I 132 0.80 11.84 -22.93
C GLU I 132 1.71 13.06 -22.82
N ARG I 133 1.34 14.14 -23.51
CA ARG I 133 2.05 15.42 -23.40
C ARG I 133 2.05 15.90 -21.95
N ILE I 134 0.88 15.85 -21.32
CA ILE I 134 0.75 16.25 -19.91
C ILE I 134 1.61 15.38 -18.99
N ARG I 135 1.63 14.08 -19.25
CA ARG I 135 2.46 13.17 -18.46
C ARG I 135 3.95 13.49 -18.64
N GLN I 136 4.34 13.85 -19.87
CA GLN I 136 5.72 14.24 -20.12
C GLN I 136 6.10 15.53 -19.40
N LEU I 137 5.17 16.48 -19.36
CA LEU I 137 5.37 17.73 -18.64
C LEU I 137 5.62 17.45 -17.15
N LYS I 138 4.80 16.59 -16.56
CA LYS I 138 4.98 16.21 -15.16
C LYS I 138 6.34 15.59 -14.92
N THR I 139 6.79 14.77 -15.87
CA THR I 139 8.10 14.15 -15.78
C THR I 139 9.19 15.21 -15.79
N VAL I 140 9.06 16.19 -16.68
CA VAL I 140 10.02 17.28 -16.78
C VAL I 140 10.08 18.11 -15.50
N LEU I 141 8.91 18.55 -15.03
CA LEU I 141 8.83 19.33 -13.79
C LEU I 141 9.38 18.54 -12.61
N GLY I 142 9.22 17.22 -12.66
CA GLY I 142 9.74 16.35 -11.63
C GLY I 142 11.26 16.37 -11.58
N LYS I 143 11.90 16.26 -12.75
CA LYS I 143 13.35 16.22 -12.79
C LYS I 143 13.96 17.55 -12.39
N MET I 144 13.23 18.63 -12.68
CA MET I 144 13.67 19.98 -12.32
C MET I 144 13.77 20.11 -10.80
N GLN I 145 12.77 19.56 -10.12
CA GLN I 145 12.72 19.63 -8.66
C GLN I 145 13.71 18.67 -8.03
N GLU I 146 13.93 17.53 -8.66
CA GLU I 146 14.81 16.50 -8.12
C GLU I 146 16.28 16.80 -8.43
N ALA I 147 16.52 17.88 -9.16
CA ALA I 147 17.88 18.31 -9.43
C ALA I 147 18.53 18.79 -8.15
N PRO I 148 19.85 18.59 -8.02
CA PRO I 148 20.61 19.03 -6.83
C PRO I 148 20.37 20.51 -6.51
N ASP I 149 20.39 20.84 -5.23
CA ASP I 149 20.09 22.21 -4.79
C ASP I 149 21.24 23.16 -5.12
N SER I 150 22.40 22.61 -5.42
CA SER I 150 23.59 23.40 -5.70
C SER I 150 23.71 23.81 -7.17
N THR I 151 22.62 23.67 -7.92
CA THR I 151 22.63 24.04 -9.33
C THR I 151 21.41 24.86 -9.72
N THR I 152 21.54 25.63 -10.80
CA THR I 152 20.43 26.37 -11.36
C THR I 152 19.85 25.57 -12.53
N VAL I 153 18.54 25.41 -12.54
CA VAL I 153 17.88 24.58 -13.55
C VAL I 153 17.11 25.43 -14.55
N ILE I 154 17.38 25.21 -15.84
CA ILE I 154 16.67 25.90 -16.91
C ILE I 154 16.16 24.90 -17.93
N PHE I 155 14.84 24.83 -18.08
CA PHE I 155 14.24 24.07 -19.17
C PHE I 155 13.82 25.02 -20.27
N ALA I 156 14.12 24.65 -21.51
CA ALA I 156 13.67 25.41 -22.67
C ALA I 156 13.42 24.44 -23.80
N GLY I 157 12.19 24.42 -24.32
CA GLY I 157 11.86 23.53 -25.41
C GLY I 157 10.50 23.76 -26.03
N ASP I 158 10.14 22.86 -26.95
CA ASP I 158 8.86 22.89 -27.63
C ASP I 158 7.89 22.02 -26.85
N THR I 159 7.03 22.66 -26.06
CA THR I 159 6.15 21.92 -25.15
C THR I 159 4.87 21.45 -25.82
N ASN I 160 4.54 22.05 -26.96
CA ASN I 160 3.27 21.79 -27.64
C ASN I 160 2.04 22.02 -26.74
N LEU I 161 2.22 22.75 -25.66
CA LEU I 161 1.16 22.92 -24.67
C LEU I 161 0.04 23.85 -25.12
N ARG I 162 -1.18 23.49 -24.77
CA ARG I 162 -2.33 24.37 -24.84
C ARG I 162 -2.58 24.82 -23.40
N ASP I 163 -2.97 26.08 -23.20
CA ASP I 163 -3.09 26.67 -21.87
C ASP I 163 -3.97 25.87 -20.90
N GLN I 164 -5.02 25.23 -21.43
CA GLN I 164 -5.92 24.44 -20.61
C GLN I 164 -5.26 23.16 -20.09
N GLU I 165 -4.20 22.72 -20.75
CA GLU I 165 -3.49 21.51 -20.34
C GLU I 165 -2.60 21.76 -19.12
N VAL I 166 -2.06 22.96 -19.00
CA VAL I 166 -1.25 23.29 -17.84
C VAL I 166 -2.14 23.35 -16.60
N ILE I 167 -3.36 23.85 -16.79
CA ILE I 167 -4.34 23.91 -15.70
C ILE I 167 -4.75 22.51 -15.24
N LYS I 168 -5.03 21.62 -16.20
CA LYS I 168 -5.40 20.24 -15.88
C LYS I 168 -4.26 19.51 -15.18
N CYS I 169 -3.03 19.94 -15.48
CA CYS I 169 -1.85 19.35 -14.88
C CYS I 169 -1.70 19.81 -13.43
N GLY I 170 -2.46 20.85 -13.07
CA GLY I 170 -2.39 21.42 -11.73
C GLY I 170 -1.69 22.76 -11.70
N GLY I 171 -1.02 23.11 -12.80
CA GLY I 171 -0.25 24.34 -12.87
C GLY I 171 1.21 24.09 -12.53
N LEU I 172 2.05 25.10 -12.73
CA LEU I 172 3.47 25.00 -12.40
C LEU I 172 3.65 24.97 -10.88
N PRO I 173 4.62 24.16 -10.41
CA PRO I 173 4.96 24.14 -8.97
C PRO I 173 5.49 25.48 -8.49
N ASP I 174 5.51 25.67 -7.17
CA ASP I 174 5.85 26.95 -6.57
C ASP I 174 7.26 27.44 -6.88
N ASN I 175 8.21 26.50 -6.97
CA ASN I 175 9.60 26.87 -7.20
C ASN I 175 10.04 26.80 -8.66
N VAL I 176 9.09 26.62 -9.56
CA VAL I 176 9.38 26.64 -11.00
C VAL I 176 8.65 27.78 -11.69
N PHE I 177 9.38 28.60 -12.44
CA PHE I 177 8.79 29.76 -13.10
C PHE I 177 8.83 29.70 -14.63
N ASP I 178 7.77 30.20 -15.26
CA ASP I 178 7.74 30.41 -16.70
C ASP I 178 8.26 31.81 -17.03
N ALA I 179 9.34 31.88 -17.81
CA ALA I 179 10.01 33.15 -18.08
C ALA I 179 9.11 34.20 -18.74
N TRP I 180 8.26 33.77 -19.66
CA TRP I 180 7.33 34.67 -20.34
C TRP I 180 6.36 35.27 -19.33
N GLU I 181 5.85 34.44 -18.43
CA GLU I 181 4.99 34.89 -17.35
C GLU I 181 5.74 35.81 -16.39
N PHE I 182 7.01 35.49 -16.15
CA PHE I 182 7.84 36.29 -15.24
C PHE I 182 8.00 37.72 -15.76
N LEU I 183 8.14 37.84 -17.07
CA LEU I 183 8.34 39.13 -17.71
C LEU I 183 7.03 39.89 -17.93
N GLY I 184 5.94 39.36 -17.39
CA GLY I 184 4.65 40.04 -17.45
C GLY I 184 3.84 39.76 -18.71
N LYS I 185 4.04 38.58 -19.28
CA LYS I 185 3.31 38.16 -20.48
C LYS I 185 3.31 39.13 -21.66
N PRO I 186 4.50 39.55 -22.12
CA PRO I 186 4.56 40.51 -23.24
C PRO I 186 3.96 39.97 -24.53
N LYS I 187 3.13 40.78 -25.17
CA LYS I 187 2.45 40.38 -26.41
C LYS I 187 3.40 40.10 -27.56
N HIS I 188 4.52 40.80 -27.59
CA HIS I 188 5.41 40.74 -28.77
C HIS I 188 5.99 39.35 -29.02
N CYS I 189 6.06 38.51 -27.99
CA CYS I 189 6.61 37.16 -28.16
C CYS I 189 5.68 36.10 -27.61
N GLN I 190 4.38 36.40 -27.59
CA GLN I 190 3.40 35.49 -27.03
C GLN I 190 3.21 34.21 -27.86
N TYR I 191 3.04 34.36 -29.17
CA TYR I 191 2.86 33.19 -30.03
C TYR I 191 4.15 32.80 -30.73
N THR I 192 4.48 31.51 -30.71
CA THR I 192 5.71 31.03 -31.33
C THR I 192 5.42 30.12 -32.52
N TRP I 193 4.12 29.93 -32.81
CA TRP I 193 3.63 29.10 -33.91
C TRP I 193 2.34 29.76 -34.37
N ASP I 194 2.27 30.19 -35.64
CA ASP I 194 1.23 31.11 -36.07
C ASP I 194 0.97 31.03 -37.58
N THR I 195 -0.14 30.42 -37.98
CA THR I 195 -0.43 30.16 -39.38
C THR I 195 -0.78 31.40 -40.19
N LYS I 196 -1.05 32.52 -39.52
CA LYS I 196 -1.25 33.76 -40.25
C LYS I 196 0.07 34.49 -40.52
N ALA I 197 0.98 34.48 -39.56
CA ALA I 197 2.26 35.18 -39.69
C ALA I 197 3.35 34.32 -40.30
N ASN I 198 3.10 33.01 -40.37
CA ASN I 198 4.09 32.07 -40.84
C ASN I 198 3.43 31.13 -41.86
N ASN I 199 3.99 31.10 -43.08
CA ASN I 199 3.35 30.36 -44.17
C ASN I 199 3.99 29.00 -44.46
N ASN I 200 4.90 28.54 -43.61
CA ASN I 200 5.67 27.33 -43.91
C ASN I 200 4.78 26.11 -44.09
N LEU I 201 3.80 25.97 -43.21
CA LEU I 201 2.78 24.93 -43.37
C LEU I 201 1.66 25.56 -44.19
N ARG I 202 1.18 24.83 -45.19
CA ARG I 202 0.15 25.36 -46.06
C ARG I 202 -1.22 25.22 -45.40
N ILE I 203 -1.40 25.90 -44.29
CA ILE I 203 -2.65 25.83 -43.56
C ILE I 203 -3.49 27.08 -43.79
N PRO I 204 -4.63 26.91 -44.49
CA PRO I 204 -5.54 28.02 -44.84
C PRO I 204 -6.11 28.76 -43.62
N ALA I 205 -6.52 28.02 -42.60
CA ALA I 205 -7.14 28.62 -41.42
C ALA I 205 -6.12 29.30 -40.51
N ALA I 206 -6.60 30.20 -39.65
CA ALA I 206 -5.74 30.91 -38.71
C ALA I 206 -5.66 30.20 -37.35
N TYR I 207 -4.47 29.71 -37.01
CA TYR I 207 -4.23 29.10 -35.71
C TYR I 207 -2.96 29.70 -35.13
N LYS I 208 -2.93 29.93 -33.81
CA LYS I 208 -1.71 30.40 -33.15
CA LYS I 208 -1.71 30.40 -33.16
C LYS I 208 -1.60 29.91 -31.71
N HIS I 209 -0.38 29.58 -31.30
CA HIS I 209 -0.13 28.99 -29.99
C HIS I 209 1.24 29.37 -29.43
N ARG I 210 1.31 29.39 -28.10
CA ARG I 210 2.59 29.55 -27.40
C ARG I 210 3.15 28.15 -27.12
N PHE I 211 3.64 27.49 -28.15
CA PHE I 211 4.12 26.11 -28.02
C PHE I 211 5.47 26.03 -27.33
N ASP I 212 6.29 27.07 -27.52
CA ASP I 212 7.66 27.04 -27.04
C ASP I 212 7.79 27.83 -25.74
N ARG I 213 8.32 27.19 -24.72
CA ARG I 213 8.34 27.78 -23.38
C ARG I 213 9.64 27.54 -22.63
N ILE I 214 9.89 28.40 -21.66
CA ILE I 214 11.10 28.35 -20.84
C ILE I 214 10.73 28.27 -19.37
N PHE I 215 11.18 27.22 -18.68
CA PHE I 215 10.96 27.09 -17.24
C PHE I 215 12.30 27.16 -16.50
N PHE I 216 12.29 27.73 -15.30
CA PHE I 216 13.50 27.73 -14.47
C PHE I 216 13.22 27.59 -12.98
N ARG I 217 14.12 26.93 -12.25
CA ARG I 217 13.92 26.69 -10.83
C ARG I 217 14.45 27.81 -9.95
N ALA I 218 13.55 28.38 -9.15
CA ALA I 218 13.74 29.59 -8.35
C ALA I 218 15.08 30.11 -7.82
N GLU I 219 15.63 29.43 -6.81
CA GLU I 219 16.82 29.93 -6.13
C GLU I 219 16.66 31.43 -5.88
N GLU I 220 15.46 31.79 -5.41
CA GLU I 220 14.93 33.17 -5.52
C GLU I 220 15.93 34.33 -5.40
N GLY I 221 15.86 35.23 -6.37
CA GLY I 221 16.74 36.38 -6.42
C GLY I 221 17.99 36.13 -7.25
N HIS I 222 18.34 34.86 -7.43
CA HIS I 222 19.59 34.52 -8.12
C HIS I 222 19.50 34.59 -9.65
N LEU I 223 18.36 34.19 -10.21
CA LEU I 223 18.21 34.18 -11.67
C LEU I 223 17.07 35.09 -12.12
N ILE I 224 17.41 36.15 -12.85
CA ILE I 224 16.44 37.18 -13.21
C ILE I 224 16.31 37.38 -14.72
N PRO I 225 15.21 36.90 -15.32
CA PRO I 225 14.98 37.11 -16.75
C PRO I 225 14.96 38.60 -17.10
N GLN I 226 15.69 38.97 -18.16
CA GLN I 226 15.80 40.37 -18.57
C GLN I 226 15.03 40.65 -19.85
N SER I 227 15.10 39.73 -20.80
CA SER I 227 14.42 39.92 -22.08
C SER I 227 13.97 38.60 -22.72
N LEU I 228 13.03 38.71 -23.65
CA LEU I 228 12.57 37.56 -24.41
C LEU I 228 12.09 38.06 -25.77
N ASP I 229 12.65 37.51 -26.84
CA ASP I 229 12.32 37.95 -28.19
C ASP I 229 12.18 36.77 -29.16
N LEU I 230 11.34 36.95 -30.18
CA LEU I 230 11.20 35.97 -31.26
C LEU I 230 12.39 36.07 -32.19
N VAL I 231 12.83 34.95 -32.75
CA VAL I 231 13.84 34.97 -33.80
C VAL I 231 13.40 34.10 -34.98
N GLY I 232 14.03 34.30 -36.13
CA GLY I 232 13.67 33.60 -37.35
C GLY I 232 12.52 34.28 -38.07
N LEU I 233 12.43 35.60 -37.94
CA LEU I 233 11.31 36.38 -38.47
C LEU I 233 11.54 36.83 -39.90
N GLU I 234 12.75 36.65 -40.40
CA GLU I 234 13.06 37.14 -41.73
C GLU I 234 12.73 36.07 -42.76
N LYS I 235 11.86 36.42 -43.70
CA LYS I 235 11.49 35.49 -44.76
C LYS I 235 12.69 35.34 -45.69
N LEU I 236 13.01 34.09 -46.03
CA LEU I 236 14.21 33.80 -46.82
C LEU I 236 13.98 34.03 -48.31
N ASP I 237 15.05 33.91 -49.09
CA ASP I 237 14.97 34.12 -50.54
C ASP I 237 13.90 33.26 -51.21
N CYS I 238 13.68 32.07 -50.68
CA CYS I 238 12.71 31.13 -51.27
C CYS I 238 11.26 31.51 -50.94
N GLY I 239 11.07 32.48 -50.05
CA GLY I 239 9.73 32.96 -49.75
C GLY I 239 9.11 32.27 -48.56
N ARG I 240 9.89 31.47 -47.85
CA ARG I 240 9.41 30.79 -46.64
C ARG I 240 10.37 31.13 -45.50
N PHE I 241 10.00 30.73 -44.28
CA PHE I 241 10.79 31.05 -43.10
C PHE I 241 11.71 29.88 -42.74
N PRO I 242 12.70 30.12 -41.85
CA PRO I 242 13.57 29.02 -41.42
C PRO I 242 12.81 27.84 -40.82
N SER I 243 11.65 28.11 -40.22
CA SER I 243 10.90 27.05 -39.58
C SER I 243 9.43 27.42 -39.51
N ASP I 244 8.57 26.44 -39.23
CA ASP I 244 7.17 26.73 -38.97
C ASP I 244 7.01 27.37 -37.60
N HIS I 245 8.05 27.25 -36.76
CA HIS I 245 8.11 27.93 -35.46
C HIS I 245 8.98 29.19 -35.50
N TRP I 246 8.63 30.18 -34.66
CA TRP I 246 9.59 31.21 -34.30
C TRP I 246 10.47 30.65 -33.18
N GLY I 247 11.72 31.07 -33.14
CA GLY I 247 12.56 30.73 -32.00
C GLY I 247 12.37 31.76 -30.88
N LEU I 248 12.87 31.43 -29.69
CA LEU I 248 12.87 32.36 -28.57
C LEU I 248 14.30 32.67 -28.13
N LEU I 249 14.63 33.95 -28.03
CA LEU I 249 15.93 34.37 -27.53
C LEU I 249 15.74 35.01 -26.16
N CYS I 250 16.42 34.46 -25.16
CA CYS I 250 16.25 34.92 -23.79
C CYS I 250 17.58 35.30 -23.17
N THR I 251 17.59 36.43 -22.45
CA THR I 251 18.76 36.82 -21.65
C THR I 251 18.34 36.92 -20.19
N LEU I 252 19.25 36.52 -19.29
CA LEU I 252 18.97 36.52 -17.85
C LEU I 252 20.18 36.99 -17.07
N ASN I 253 19.95 37.72 -15.99
CA ASN I 253 21.03 38.08 -15.08
C ASN I 253 21.18 37.06 -13.94
N VAL I 254 22.42 36.70 -13.66
CA VAL I 254 22.72 35.79 -12.55
C VAL I 254 23.26 36.58 -11.37
N VAL I 255 22.50 36.60 -10.28
CA VAL I 255 22.84 37.42 -9.12
C VAL I 255 23.36 36.54 -7.97
N LEU I 256 24.51 36.92 -7.42
CA LEU I 256 25.13 36.21 -6.30
C LEU I 256 25.42 34.76 -6.65
N SER K 7 41.53 45.43 42.88
CA SER K 7 41.89 44.02 43.00
C SER K 7 40.65 43.15 43.20
N SER K 8 39.50 43.80 43.38
CA SER K 8 38.23 43.10 43.55
C SER K 8 37.79 42.47 42.24
N THR K 9 38.17 43.10 41.14
CA THR K 9 37.82 42.62 39.81
C THR K 9 38.49 41.28 39.49
N ILE K 10 37.72 40.38 38.88
CA ILE K 10 38.22 39.06 38.50
C ILE K 10 37.96 38.78 37.01
N SER K 11 38.76 37.90 36.43
CA SER K 11 38.67 37.65 35.00
C SER K 11 38.72 36.15 34.66
N PHE K 12 38.07 35.78 33.58
CA PHE K 12 38.22 34.41 33.09
C PHE K 12 37.97 34.29 31.60
N ILE K 13 38.44 33.17 31.05
CA ILE K 13 38.14 32.81 29.69
C ILE K 13 37.43 31.45 29.70
N THR K 14 36.37 31.31 28.90
CA THR K 14 35.80 29.99 28.64
C THR K 14 35.93 29.69 27.15
N TRP K 15 36.33 28.46 26.80
CA TRP K 15 36.68 28.17 25.41
C TRP K 15 36.64 26.67 25.12
N ASN K 16 35.80 26.27 24.18
CA ASN K 16 35.85 24.92 23.62
C ASN K 16 36.97 24.94 22.58
N ILE K 17 38.06 24.24 22.85
CA ILE K 17 39.24 24.34 22.00
C ILE K 17 39.34 23.24 20.91
N ASP K 18 38.29 22.44 20.78
CA ASP K 18 38.15 21.50 19.66
C ASP K 18 39.31 20.50 19.53
N GLY K 19 39.65 19.86 20.65
CA GLY K 19 40.71 18.87 20.66
C GLY K 19 40.42 17.64 19.79
N LEU K 20 39.16 17.48 19.38
CA LEU K 20 38.77 16.33 18.57
C LEU K 20 39.18 16.48 17.11
N ASP K 21 39.46 17.71 16.70
CA ASP K 21 39.97 17.97 15.37
C ASP K 21 41.50 17.77 15.36
N GLY K 22 41.94 16.71 14.69
CA GLY K 22 43.36 16.40 14.62
C GLY K 22 44.14 17.31 13.67
N CYS K 23 43.43 17.98 12.76
CA CYS K 23 44.10 18.79 11.75
C CYS K 23 44.69 20.07 12.33
N ASN K 24 45.99 20.27 12.10
CA ASN K 24 46.73 21.43 12.57
C ASN K 24 46.69 21.59 14.09
N LEU K 25 46.51 20.49 14.80
CA LEU K 25 46.35 20.56 16.26
C LEU K 25 47.54 21.22 17.00
N PRO K 26 48.79 20.82 16.68
CA PRO K 26 49.90 21.50 17.39
C PRO K 26 49.89 23.02 17.20
N GLU K 27 49.72 23.47 15.97
CA GLU K 27 49.67 24.91 15.68
C GLU K 27 48.47 25.57 16.37
N ARG K 28 47.33 24.90 16.34
CA ARG K 28 46.14 25.44 16.99
C ARG K 28 46.30 25.49 18.52
N ALA K 29 46.90 24.46 19.09
CA ALA K 29 47.15 24.41 20.54
C ALA K 29 48.14 25.48 21.01
N ARG K 30 49.17 25.73 20.21
CA ARG K 30 50.11 26.81 20.53
C ARG K 30 49.37 28.14 20.45
N GLY K 31 48.41 28.22 19.53
CA GLY K 31 47.60 29.42 19.35
C GLY K 31 46.72 29.70 20.56
N VAL K 32 46.05 28.66 21.04
CA VAL K 32 45.25 28.77 22.26
C VAL K 32 46.12 29.22 23.44
N CYS K 33 47.26 28.55 23.62
CA CYS K 33 48.14 28.85 24.76
C CYS K 33 48.70 30.28 24.68
N SER K 34 49.01 30.73 23.46
CA SER K 34 49.44 32.10 23.25
C SER K 34 48.38 33.09 23.74
N CYS K 35 47.14 32.85 23.35
CA CYS K 35 46.01 33.68 23.76
CA CYS K 35 46.01 33.68 23.76
C CYS K 35 45.89 33.74 25.29
N LEU K 36 45.96 32.57 25.92
CA LEU K 36 45.89 32.48 27.38
C LEU K 36 47.03 33.22 28.06
N ALA K 37 48.22 33.15 27.48
CA ALA K 37 49.39 33.79 28.08
C ALA K 37 49.33 35.32 27.95
N LEU K 38 48.78 35.80 26.84
CA LEU K 38 48.70 37.24 26.58
C LEU K 38 47.62 37.95 27.39
N TYR K 39 46.48 37.30 27.57
CA TYR K 39 45.41 37.85 28.40
C TYR K 39 45.61 37.51 29.88
N SER K 40 46.16 36.33 30.14
CA SER K 40 46.46 35.88 31.50
C SER K 40 45.36 36.11 32.55
N PRO K 41 44.15 35.57 32.32
CA PRO K 41 43.06 35.76 33.29
C PRO K 41 43.26 34.93 34.57
N ASP K 42 42.46 35.21 35.61
CA ASP K 42 42.55 34.46 36.87
C ASP K 42 42.24 32.99 36.67
N VAL K 43 41.25 32.72 35.82
CA VAL K 43 40.72 31.37 35.62
C VAL K 43 40.50 31.10 34.13
N VAL K 44 40.70 29.86 33.70
CA VAL K 44 40.38 29.45 32.35
C VAL K 44 39.50 28.19 32.37
N PHE K 45 38.35 28.25 31.71
CA PHE K 45 37.48 27.08 31.58
C PHE K 45 37.65 26.51 30.17
N LEU K 46 38.05 25.24 30.07
CA LEU K 46 38.28 24.65 28.75
C LEU K 46 37.36 23.46 28.49
N GLN K 47 36.89 23.33 27.26
CA GLN K 47 36.13 22.15 26.88
C GLN K 47 36.76 21.45 25.69
N GLU K 48 36.52 20.15 25.59
CA GLU K 48 37.02 19.32 24.50
C GLU K 48 38.54 19.25 24.49
N VAL K 49 39.11 19.19 25.69
CA VAL K 49 40.53 18.91 25.86
C VAL K 49 40.77 17.40 25.66
N ILE K 50 41.92 17.04 25.11
CA ILE K 50 42.31 15.63 25.02
C ILE K 50 43.67 15.47 25.70
N PRO K 51 44.05 14.23 26.07
CA PRO K 51 45.31 14.05 26.81
C PRO K 51 46.56 14.69 26.18
N PRO K 52 46.77 14.57 24.85
CA PRO K 52 47.98 15.22 24.32
C PRO K 52 47.95 16.73 24.49
N TYR K 53 46.75 17.32 24.50
CA TYR K 53 46.58 18.76 24.69
C TYR K 53 47.14 19.24 26.02
N CYS K 54 47.14 18.36 27.02
CA CYS K 54 47.63 18.73 28.35
C CYS K 54 49.14 18.98 28.37
N ALA K 55 49.87 18.37 27.44
CA ALA K 55 51.30 18.64 27.34
C ALA K 55 51.54 20.12 27.01
N TYR K 56 50.68 20.68 26.17
CA TYR K 56 50.80 22.09 25.81
C TYR K 56 50.49 22.97 27.01
N LEU K 57 49.42 22.63 27.72
CA LEU K 57 49.02 23.41 28.89
C LEU K 57 50.09 23.38 29.96
N LYS K 58 50.71 22.22 30.19
CA LYS K 58 51.75 22.09 31.20
C LYS K 58 53.02 22.86 30.83
N LYS K 59 53.38 22.81 29.56
CA LYS K 59 54.54 23.53 29.08
C LYS K 59 54.28 25.04 28.96
N ARG K 60 53.14 25.41 28.38
CA ARG K 60 52.89 26.80 27.98
C ARG K 60 51.98 27.60 28.91
N ALA K 61 51.30 26.92 29.83
CA ALA K 61 50.46 27.62 30.81
C ALA K 61 50.86 27.25 32.25
N ALA K 62 52.17 27.23 32.49
CA ALA K 62 52.71 26.79 33.76
C ALA K 62 52.34 27.66 34.96
N SER K 63 51.86 28.86 34.69
CA SER K 63 51.43 29.73 35.79
C SER K 63 50.03 29.34 36.28
N TYR K 64 49.46 28.30 35.68
CA TYR K 64 48.15 27.78 36.09
C TYR K 64 48.24 26.37 36.66
N THR K 65 47.48 26.13 37.73
CA THR K 65 47.23 24.78 38.23
C THR K 65 46.08 24.18 37.41
N ILE K 66 46.22 22.93 36.98
CA ILE K 66 45.25 22.33 36.08
C ILE K 66 44.38 21.26 36.76
N ILE K 67 43.06 21.46 36.72
CA ILE K 67 42.10 20.48 37.24
C ILE K 67 41.29 19.93 36.07
N THR K 68 41.24 18.61 35.89
CA THR K 68 40.57 18.06 34.71
C THR K 68 39.26 17.33 35.02
N GLY K 69 38.36 17.30 34.02
CA GLY K 69 37.05 16.68 34.17
C GLY K 69 37.05 15.19 33.90
N ASN K 70 38.16 14.71 33.36
CA ASN K 70 38.37 13.29 33.12
C ASN K 70 39.83 13.11 32.71
N GLU K 71 40.20 11.88 32.39
CA GLU K 71 41.59 11.59 32.05
C GLU K 71 41.65 10.79 30.74
N GLU K 72 40.47 10.52 30.18
CA GLU K 72 40.36 9.71 28.98
C GLU K 72 39.42 10.36 27.98
N GLY K 73 39.59 10.03 26.70
CA GLY K 73 38.72 10.56 25.66
C GLY K 73 38.90 12.07 25.56
N TYR K 74 37.79 12.79 25.57
CA TYR K 74 37.84 14.25 25.64
C TYR K 74 37.09 14.76 26.86
N PHE K 75 37.49 15.92 27.37
CA PHE K 75 37.03 16.35 28.68
C PHE K 75 37.21 17.83 28.90
N THR K 76 36.67 18.33 30.01
CA THR K 76 36.80 19.73 30.36
C THR K 76 37.97 19.91 31.33
N ALA K 77 38.35 21.16 31.56
CA ALA K 77 39.40 21.45 32.52
C ALA K 77 39.20 22.84 33.09
N ILE K 78 39.69 23.06 34.29
CA ILE K 78 39.69 24.39 34.90
C ILE K 78 41.11 24.73 35.30
N LEU K 79 41.60 25.86 34.81
CA LEU K 79 42.96 26.32 35.09
C LEU K 79 42.90 27.45 36.11
N LEU K 80 43.72 27.36 37.14
CA LEU K 80 43.71 28.33 38.24
C LEU K 80 45.06 29.02 38.36
N LYS K 81 45.07 30.35 38.29
CA LYS K 81 46.30 31.15 38.37
C LYS K 81 46.99 31.02 39.73
N LYS K 82 48.23 30.53 39.71
CA LYS K 82 49.01 30.37 40.94
C LYS K 82 49.30 31.72 41.60
N GLY K 83 49.19 31.78 42.93
CA GLY K 83 49.46 32.99 43.66
C GLY K 83 48.29 33.98 43.66
N ARG K 84 47.26 33.65 42.89
CA ARG K 84 46.09 34.50 42.78
C ARG K 84 44.86 33.75 43.28
N VAL K 85 44.78 32.46 42.94
CA VAL K 85 43.65 31.63 43.32
C VAL K 85 44.07 30.63 44.39
N LYS K 86 43.21 30.46 45.41
CA LYS K 86 43.45 29.42 46.40
C LYS K 86 42.45 28.28 46.21
N PHE K 87 42.97 27.10 45.90
CA PHE K 87 42.17 25.89 45.69
C PHE K 87 41.67 25.32 47.01
N LYS K 88 40.36 25.14 47.14
CA LYS K 88 39.78 24.65 48.39
C LYS K 88 39.25 23.21 48.28
N SER K 89 38.63 22.89 47.15
CA SER K 89 38.15 21.53 46.88
C SER K 89 37.65 21.39 45.45
N GLN K 90 37.45 20.14 45.05
CA GLN K 90 37.04 19.80 43.70
C GLN K 90 35.90 18.79 43.75
N GLU K 91 34.94 18.94 42.85
CA GLU K 91 33.83 18.00 42.76
C GLU K 91 33.51 17.67 41.31
N ILE K 92 33.24 16.40 41.03
CA ILE K 92 32.76 16.01 39.71
C ILE K 92 31.40 15.32 39.81
N ILE K 93 30.46 15.81 39.02
CA ILE K 93 29.10 15.27 39.01
C ILE K 93 28.78 14.70 37.63
N PRO K 94 28.44 13.40 37.58
CA PRO K 94 28.18 12.74 36.30
C PRO K 94 26.83 13.16 35.72
N PHE K 95 26.70 13.01 34.40
CA PHE K 95 25.40 13.07 33.74
C PHE K 95 25.07 11.63 33.37
N PRO K 96 24.28 10.94 34.19
CA PRO K 96 24.01 9.51 34.05
C PRO K 96 23.60 9.09 32.63
N ASN K 97 22.88 9.94 31.92
CA ASN K 97 22.34 9.57 30.62
C ASN K 97 23.16 10.07 29.41
N THR K 98 24.35 10.61 29.66
CA THR K 98 25.17 11.11 28.56
C THR K 98 25.63 9.98 27.65
N LYS K 99 25.69 10.27 26.36
CA LYS K 99 26.23 9.32 25.39
C LYS K 99 27.61 9.79 24.94
N MET K 100 28.05 10.91 25.49
CA MET K 100 29.30 11.54 25.04
C MET K 100 30.23 11.90 26.20
N MET K 101 30.14 11.14 27.29
CA MET K 101 31.02 11.30 28.46
C MET K 101 30.94 12.69 29.09
N ARG K 102 29.83 13.37 28.92
CA ARG K 102 29.71 14.73 29.45
C ARG K 102 29.49 14.69 30.95
N ASN K 103 29.93 15.73 31.65
CA ASN K 103 29.75 15.81 33.11
C ASN K 103 29.86 17.23 33.63
N LEU K 104 29.78 17.38 34.95
CA LEU K 104 29.88 18.70 35.57
C LEU K 104 31.10 18.73 36.48
N LEU K 105 32.03 19.63 36.17
CA LEU K 105 33.25 19.81 36.96
C LEU K 105 33.16 21.07 37.80
N CYS K 106 33.29 20.94 39.11
CA CYS K 106 33.20 22.07 40.02
C CYS K 106 34.46 22.24 40.86
N VAL K 107 34.90 23.48 41.05
CA VAL K 107 36.02 23.76 41.92
C VAL K 107 35.67 24.89 42.89
N ASN K 108 35.90 24.66 44.18
CA ASN K 108 35.71 25.70 45.18
C ASN K 108 37.03 26.40 45.47
N VAL K 109 37.02 27.72 45.39
CA VAL K 109 38.24 28.50 45.50
C VAL K 109 38.06 29.78 46.30
N SER K 110 39.18 30.36 46.70
CA SER K 110 39.21 31.69 47.26
C SER K 110 40.00 32.58 46.30
N LEU K 111 39.44 33.74 45.99
CA LEU K 111 40.05 34.63 45.01
C LEU K 111 39.78 36.07 45.43
N GLY K 112 40.85 36.78 45.80
CA GLY K 112 40.72 38.17 46.23
C GLY K 112 39.94 38.31 47.52
N GLY K 113 39.92 37.27 48.34
CA GLY K 113 39.25 37.29 49.62
C GLY K 113 37.82 36.81 49.58
N ASN K 114 37.33 36.49 48.39
CA ASN K 114 35.96 36.03 48.23
C ASN K 114 35.88 34.56 47.81
N GLU K 115 34.88 33.86 48.31
CA GLU K 115 34.68 32.45 48.03
C GLU K 115 33.91 32.26 46.73
N PHE K 116 34.37 31.35 45.88
CA PHE K 116 33.71 31.06 44.62
C PHE K 116 33.50 29.56 44.44
N CYS K 117 32.39 29.22 43.79
CA CYS K 117 32.23 27.90 43.20
C CYS K 117 32.23 28.07 41.69
N LEU K 118 33.30 27.58 41.06
CA LEU K 118 33.45 27.68 39.62
C LEU K 118 33.08 26.35 38.97
N MET K 119 32.21 26.41 37.97
CA MET K 119 31.70 25.20 37.34
C MET K 119 31.85 25.27 35.83
N THR K 120 32.09 24.13 35.20
CA THR K 120 32.07 24.10 33.75
C THR K 120 31.54 22.77 33.23
N SER K 121 31.01 22.79 32.01
CA SER K 121 30.52 21.59 31.38
C SER K 121 30.50 21.77 29.87
N HIS K 122 30.39 20.66 29.17
CA HIS K 122 30.26 20.66 27.73
C HIS K 122 28.99 19.85 27.44
N LEU K 123 27.85 20.53 27.38
CA LEU K 123 26.56 19.85 27.29
C LEU K 123 26.40 19.05 25.99
N GLU K 124 25.62 17.97 26.08
CA GLU K 124 25.37 17.06 24.95
C GLU K 124 25.19 17.79 23.62
N SER K 125 25.88 17.31 22.58
CA SER K 125 25.91 18.01 21.29
C SER K 125 24.87 17.52 20.26
N THR K 126 24.74 18.30 19.20
CA THR K 126 23.89 18.03 18.02
C THR K 126 22.39 18.23 18.23
N ARG K 127 21.71 18.58 17.14
CA ARG K 127 20.27 18.79 17.14
C ARG K 127 19.51 17.61 17.74
N GLU K 128 19.94 16.41 17.38
CA GLU K 128 19.19 15.19 17.70
C GLU K 128 19.21 14.80 19.18
N HIS K 129 20.15 15.35 19.94
CA HIS K 129 20.24 15.06 21.38
C HIS K 129 19.78 16.23 22.23
N SER K 130 18.86 17.02 21.68
CA SER K 130 18.27 18.16 22.35
C SER K 130 17.72 17.82 23.75
N ALA K 131 16.90 16.77 23.83
CA ALA K 131 16.28 16.39 25.10
C ALA K 131 17.30 16.14 26.20
N GLU K 132 18.34 15.35 25.91
CA GLU K 132 19.38 15.11 26.89
C GLU K 132 20.12 16.39 27.23
N ARG K 133 20.38 17.22 26.22
CA ARG K 133 21.02 18.52 26.44
C ARG K 133 20.23 19.34 27.44
N ILE K 134 18.92 19.37 27.26
CA ILE K 134 18.00 20.08 28.15
C ILE K 134 18.04 19.52 29.57
N ARG K 135 18.01 18.20 29.70
CA ARG K 135 18.12 17.55 31.01
C ARG K 135 19.42 17.90 31.73
N GLN K 136 20.52 17.98 30.98
CA GLN K 136 21.81 18.33 31.56
C GLN K 136 21.81 19.78 32.06
N LEU K 137 21.22 20.67 31.26
CA LEU K 137 21.08 22.07 31.66
C LEU K 137 20.36 22.20 33.00
N LYS K 138 19.27 21.46 33.15
CA LYS K 138 18.52 21.49 34.41
C LYS K 138 19.36 20.99 35.58
N THR K 139 20.18 19.97 35.33
CA THR K 139 21.09 19.43 36.34
C THR K 139 22.10 20.49 36.79
N VAL K 140 22.66 21.22 35.82
CA VAL K 140 23.62 22.27 36.13
C VAL K 140 22.97 23.39 36.95
N LEU K 141 21.82 23.86 36.49
CA LEU K 141 21.08 24.91 37.21
C LEU K 141 20.72 24.48 38.62
N GLY K 142 20.37 23.21 38.78
CA GLY K 142 20.08 22.65 40.09
C GLY K 142 21.26 22.73 41.03
N LYS K 143 22.45 22.36 40.53
CA LYS K 143 23.66 22.42 41.33
C LYS K 143 24.04 23.84 41.73
N MET K 144 23.81 24.80 40.83
CA MET K 144 24.11 26.20 41.14
C MET K 144 23.31 26.70 42.34
N GLN K 145 22.10 26.17 42.51
CA GLN K 145 21.26 26.60 43.63
C GLN K 145 21.60 25.92 44.95
N GLU K 146 22.33 24.81 44.89
CA GLU K 146 22.70 24.07 46.10
C GLU K 146 23.76 24.78 46.94
N ALA K 147 24.59 25.60 46.29
CA ALA K 147 25.67 26.29 46.99
C ALA K 147 25.11 27.32 47.98
N PRO K 148 25.86 27.59 49.07
CA PRO K 148 25.51 28.60 50.06
C PRO K 148 25.35 30.00 49.45
N ASP K 149 24.55 30.85 50.08
CA ASP K 149 24.38 32.22 49.60
C ASP K 149 25.63 33.06 49.83
N SER K 150 26.50 32.59 50.72
CA SER K 150 27.76 33.27 51.01
C SER K 150 28.75 33.12 49.86
N THR K 151 28.67 32.01 49.14
CA THR K 151 29.59 31.77 48.03
C THR K 151 29.00 32.22 46.70
N THR K 152 29.86 32.78 45.84
CA THR K 152 29.46 33.20 44.51
C THR K 152 29.64 32.05 43.51
N VAL K 153 28.61 31.78 42.73
CA VAL K 153 28.64 30.68 41.78
C VAL K 153 28.74 31.18 40.34
N ILE K 154 29.71 30.65 39.61
CA ILE K 154 29.86 30.99 38.20
C ILE K 154 29.96 29.73 37.36
N PHE K 155 29.04 29.56 36.43
CA PHE K 155 29.16 28.55 35.40
C PHE K 155 29.60 29.20 34.11
N ALA K 156 30.56 28.59 33.43
CA ALA K 156 30.99 29.05 32.12
C ALA K 156 31.36 27.81 31.32
N GLY K 157 30.70 27.60 30.19
CA GLY K 157 30.91 26.38 29.43
C GLY K 157 30.30 26.41 28.04
N ASP K 158 30.45 25.30 27.33
CA ASP K 158 29.86 25.14 26.01
C ASP K 158 28.53 24.43 26.18
N THR K 159 27.43 25.18 26.05
CA THR K 159 26.10 24.64 26.34
C THR K 159 25.45 23.98 25.14
N ASN K 160 25.93 24.29 23.93
CA ASN K 160 25.29 23.83 22.70
C ASN K 160 23.82 24.22 22.58
N LEU K 161 23.40 25.23 23.33
CA LEU K 161 21.99 25.59 23.39
C LEU K 161 21.50 26.38 22.17
N ARG K 162 20.28 26.08 21.75
CA ARG K 162 19.54 26.92 20.83
C ARG K 162 18.54 27.70 21.68
N ASP K 163 18.20 28.92 21.26
CA ASP K 163 17.28 29.76 22.04
C ASP K 163 15.94 29.10 22.34
N GLN K 164 15.41 28.36 21.36
CA GLN K 164 14.14 27.68 21.55
C GLN K 164 14.21 26.60 22.63
N GLU K 165 15.41 26.07 22.86
CA GLU K 165 15.59 25.02 23.87
C GLU K 165 15.51 25.58 25.29
N VAL K 166 16.03 26.79 25.48
CA VAL K 166 15.95 27.41 26.79
C VAL K 166 14.50 27.81 27.11
N ILE K 167 13.81 28.33 26.10
CA ILE K 167 12.41 28.70 26.24
C ILE K 167 11.55 27.51 26.63
N LYS K 168 11.66 26.42 25.89
CA LYS K 168 10.92 25.19 26.18
C LYS K 168 11.25 24.67 27.57
N CYS K 169 12.50 24.89 27.98
CA CYS K 169 12.96 24.48 29.30
C CYS K 169 12.26 25.30 30.39
N GLY K 170 11.76 26.47 30.01
CA GLY K 170 11.10 27.37 30.95
C GLY K 170 11.87 28.65 31.15
N GLY K 171 13.16 28.63 30.81
CA GLY K 171 14.01 29.79 30.96
C GLY K 171 14.84 29.73 32.23
N LEU K 172 15.79 30.65 32.37
CA LEU K 172 16.65 30.67 33.54
C LEU K 172 15.85 30.97 34.80
N PRO K 173 16.30 30.43 35.94
CA PRO K 173 15.70 30.78 37.24
C PRO K 173 15.90 32.25 37.53
N ASP K 174 15.07 32.81 38.41
CA ASP K 174 15.10 34.24 38.71
C ASP K 174 16.40 34.70 39.35
N ASN K 175 17.13 33.79 39.98
CA ASN K 175 18.37 34.15 40.64
C ASN K 175 19.63 33.66 39.92
N VAL K 176 19.45 33.22 38.68
CA VAL K 176 20.58 32.83 37.82
C VAL K 176 20.60 33.69 36.57
N PHE K 177 21.65 34.49 36.41
CA PHE K 177 21.75 35.43 35.30
C PHE K 177 22.68 34.93 34.19
N ASP K 178 22.36 35.31 32.95
CA ASP K 178 23.26 35.09 31.81
C ASP K 178 24.06 36.36 31.63
N ALA K 179 25.39 36.25 31.65
CA ALA K 179 26.25 37.44 31.61
C ALA K 179 26.09 38.27 30.34
N TRP K 180 25.87 37.61 29.21
CA TRP K 180 25.67 38.31 27.94
C TRP K 180 24.36 39.09 27.97
N GLU K 181 23.31 38.48 28.53
CA GLU K 181 22.03 39.17 28.68
C GLU K 181 22.16 40.32 29.67
N PHE K 182 22.91 40.10 30.74
CA PHE K 182 23.12 41.11 31.76
C PHE K 182 23.75 42.37 31.15
N LEU K 183 24.67 42.16 30.22
CA LEU K 183 25.39 43.28 29.59
C LEU K 183 24.58 43.98 28.49
N GLY K 184 23.33 43.55 28.31
CA GLY K 184 22.46 44.18 27.33
C GLY K 184 22.51 43.53 25.97
N LYS K 185 22.92 42.26 25.93
CA LYS K 185 23.03 41.51 24.69
C LYS K 185 23.86 42.21 23.62
N PRO K 186 25.11 42.59 23.94
CA PRO K 186 25.93 43.31 22.96
C PRO K 186 26.17 42.47 21.71
N LYS K 187 26.07 43.11 20.55
CA LYS K 187 26.18 42.42 19.28
C LYS K 187 27.59 41.90 19.00
N HIS K 188 28.60 42.52 19.62
CA HIS K 188 29.98 42.22 19.27
C HIS K 188 30.45 40.81 19.67
N CYS K 189 29.81 40.22 20.67
CA CYS K 189 30.15 38.86 21.06
C CYS K 189 28.92 37.95 21.08
N GLN K 190 27.98 38.21 20.18
CA GLN K 190 26.71 37.49 20.20
C GLN K 190 26.83 36.03 19.81
N TYR K 191 27.52 35.75 18.71
CA TYR K 191 27.70 34.37 18.26
C TYR K 191 29.11 33.85 18.60
N THR K 192 29.18 32.63 19.14
CA THR K 192 30.47 32.04 19.47
C THR K 192 30.81 30.87 18.54
N TRP K 193 29.90 30.57 17.62
CA TRP K 193 30.06 29.51 16.63
C TRP K 193 29.39 30.04 15.35
N ASP K 194 30.15 30.13 14.26
CA ASP K 194 29.73 30.88 13.08
C ASP K 194 30.42 30.35 11.83
N THR K 195 29.68 29.67 10.97
CA THR K 195 30.26 29.03 9.80
C THR K 195 30.64 30.03 8.70
N LYS K 196 30.19 31.26 8.86
CA LYS K 196 30.54 32.32 7.90
C LYS K 196 31.82 33.04 8.33
N ALA K 197 31.98 33.25 9.64
CA ALA K 197 33.17 33.95 10.15
C ALA K 197 34.30 32.99 10.51
N ASN K 198 33.98 31.71 10.65
CA ASN K 198 34.94 30.71 11.07
C ASN K 198 34.90 29.53 10.11
N ASN K 199 36.07 29.13 9.60
CA ASN K 199 36.13 28.16 8.51
C ASN K 199 36.68 26.79 8.90
N ASN K 200 36.85 26.56 10.19
CA ASN K 200 37.46 25.32 10.68
C ASN K 200 36.71 24.05 10.26
N LEU K 201 35.38 24.14 10.19
CA LEU K 201 34.54 22.99 9.89
C LEU K 201 34.22 22.78 8.40
N ARG K 202 34.48 23.81 7.59
CA ARG K 202 34.27 23.74 6.14
CA ARG K 202 34.26 23.76 6.15
C ARG K 202 32.80 23.49 5.77
N ILE K 203 31.89 24.11 6.50
CA ILE K 203 30.47 23.96 6.23
C ILE K 203 30.01 25.04 5.24
N PRO K 204 29.44 24.61 4.10
CA PRO K 204 29.02 25.52 3.03
C PRO K 204 27.91 26.48 3.44
N ALA K 205 26.85 25.96 4.04
CA ALA K 205 25.74 26.80 4.49
C ALA K 205 26.14 27.72 5.64
N ALA K 206 25.38 28.79 5.82
CA ALA K 206 25.67 29.77 6.86
C ALA K 206 24.87 29.49 8.13
N TYR K 207 25.54 29.00 9.17
CA TYR K 207 24.91 28.80 10.47
C TYR K 207 25.65 29.58 11.54
N LYS K 208 24.91 30.13 12.49
CA LYS K 208 25.55 30.79 13.64
C LYS K 208 24.76 30.61 14.92
N HIS K 209 25.46 30.36 16.02
CA HIS K 209 24.82 30.09 17.29
C HIS K 209 25.58 30.71 18.46
N ARG K 210 24.87 30.90 19.57
CA ARG K 210 25.50 31.31 20.82
C ARG K 210 25.61 30.09 21.73
N PHE K 211 26.57 29.21 21.42
CA PHE K 211 26.71 27.94 22.13
C PHE K 211 27.36 28.13 23.49
N ASP K 212 28.32 29.05 23.56
CA ASP K 212 29.09 29.26 24.77
C ASP K 212 28.46 30.34 25.64
N ARG K 213 28.15 29.98 26.88
CA ARG K 213 27.39 30.89 27.74
C ARG K 213 27.94 30.92 29.16
N ILE K 214 27.66 32.02 29.85
CA ILE K 214 28.11 32.22 31.22
C ILE K 214 26.93 32.49 32.12
N PHE K 215 26.75 31.66 33.14
CA PHE K 215 25.70 31.86 34.12
C PHE K 215 26.31 32.17 35.47
N PHE K 216 25.68 33.06 36.24
CA PHE K 216 26.14 33.31 37.60
C PHE K 216 25.03 33.48 38.63
N ARG K 217 25.33 33.08 39.86
CA ARG K 217 24.43 33.29 40.99
C ARG K 217 25.23 33.99 42.08
N ALA K 218 24.72 35.14 42.52
CA ALA K 218 25.37 35.91 43.57
C ALA K 218 24.32 36.76 44.26
N GLU K 219 24.56 37.11 45.51
CA GLU K 219 23.68 38.04 46.21
C GLU K 219 23.70 39.37 45.45
N GLU K 220 22.55 40.04 45.43
CA GLU K 220 22.34 41.20 44.57
C GLU K 220 23.42 42.28 44.71
N GLY K 221 23.98 42.68 43.58
CA GLY K 221 24.96 43.76 43.54
C GLY K 221 26.36 43.37 43.94
N HIS K 222 26.59 42.08 44.17
CA HIS K 222 27.91 41.62 44.61
CA HIS K 222 27.89 41.59 44.62
C HIS K 222 28.78 41.15 43.45
N LEU K 223 28.15 40.81 42.33
CA LEU K 223 28.91 40.38 41.15
C LEU K 223 28.42 41.09 39.90
N ILE K 224 29.20 42.05 39.42
CA ILE K 224 28.80 42.89 38.30
C ILE K 224 29.70 42.68 37.09
N PRO K 225 29.18 42.02 36.06
CA PRO K 225 29.89 41.84 34.79
C PRO K 225 30.31 43.17 34.19
N GLN K 226 31.58 43.31 33.86
CA GLN K 226 32.09 44.57 33.32
C GLN K 226 32.30 44.51 31.81
N SER K 227 32.75 43.37 31.31
CA SER K 227 33.01 43.25 29.88
C SER K 227 32.94 41.81 29.41
N LEU K 228 32.70 41.65 28.11
CA LEU K 228 32.66 40.35 27.47
C LEU K 228 33.14 40.51 26.04
N ASP K 229 34.12 39.71 25.65
CA ASP K 229 34.73 39.82 24.32
C ASP K 229 35.04 38.44 23.77
N LEU K 230 35.07 38.32 22.44
CA LEU K 230 35.47 37.08 21.80
C LEU K 230 37.00 36.96 21.84
N VAL K 231 37.51 35.72 21.89
CA VAL K 231 38.94 35.48 21.73
C VAL K 231 39.19 34.35 20.73
N GLY K 232 40.40 34.29 20.21
CA GLY K 232 40.73 33.29 19.21
C GLY K 232 40.29 33.74 17.83
N LEU K 233 40.30 35.06 17.61
CA LEU K 233 39.82 35.65 16.37
C LEU K 233 40.88 35.69 15.28
N GLU K 234 42.14 35.50 15.67
CA GLU K 234 43.22 35.62 14.71
C GLU K 234 43.40 34.33 13.93
N LYS K 235 43.22 34.40 12.61
CA LYS K 235 43.47 33.24 11.76
C LYS K 235 44.96 32.90 11.78
N LEU K 236 45.29 31.62 11.94
CA LEU K 236 46.68 31.20 12.13
C LEU K 236 47.41 31.03 10.80
N ASP K 237 48.71 30.73 10.86
CA ASP K 237 49.52 30.55 9.66
C ASP K 237 48.91 29.55 8.67
N CYS K 238 48.32 28.49 9.19
CA CYS K 238 47.70 27.45 8.36
C CYS K 238 46.38 27.86 7.69
N GLY K 239 45.93 29.08 7.93
CA GLY K 239 44.70 29.55 7.30
C GLY K 239 43.43 29.06 7.99
N ARG K 240 43.58 28.56 9.22
CA ARG K 240 42.44 28.17 10.04
C ARG K 240 42.58 28.82 11.41
N PHE K 241 41.54 28.71 12.22
CA PHE K 241 41.50 29.33 13.55
C PHE K 241 41.89 28.33 14.66
N PRO K 242 42.20 28.83 15.87
CA PRO K 242 42.55 27.89 16.94
C PRO K 242 41.45 26.87 17.21
N SER K 243 40.19 27.26 17.02
CA SER K 243 39.08 26.37 17.25
C SER K 243 37.90 26.73 16.36
N ASP K 244 36.90 25.87 16.29
CA ASP K 244 35.69 26.20 15.54
C ASP K 244 34.80 27.11 16.39
N HIS K 245 35.10 27.20 17.67
CA HIS K 245 34.44 28.15 18.56
C HIS K 245 35.31 29.38 18.75
N TRP K 246 34.68 30.53 18.94
CA TRP K 246 35.37 31.66 19.57
C TRP K 246 35.33 31.39 21.07
N GLY K 247 36.36 31.84 21.80
CA GLY K 247 36.32 31.78 23.24
C GLY K 247 35.67 33.04 23.77
N LEU K 248 35.32 33.06 25.05
CA LEU K 248 34.77 34.27 25.65
C LEU K 248 35.67 34.71 26.81
N LEU K 249 36.02 35.99 26.82
CA LEU K 249 36.81 36.56 27.90
C LEU K 249 35.93 37.51 28.70
N CYS K 250 35.81 37.26 30.00
CA CYS K 250 34.89 38.03 30.83
C CYS K 250 35.60 38.62 32.03
N THR K 251 35.32 39.89 32.32
CA THR K 251 35.79 40.50 33.56
C THR K 251 34.59 40.95 34.39
N LEU K 252 34.70 40.80 35.71
CA LEU K 252 33.60 41.14 36.60
C LEU K 252 34.14 41.84 37.85
N ASN K 253 33.37 42.78 38.38
CA ASN K 253 33.70 43.40 39.66
C ASN K 253 33.01 42.67 40.82
N VAL K 254 33.73 42.49 41.92
CA VAL K 254 33.16 41.84 43.08
C VAL K 254 33.00 42.84 44.22
N VAL K 255 31.77 43.31 44.42
CA VAL K 255 31.49 44.34 45.42
C VAL K 255 30.94 43.72 46.70
N LEU K 256 31.56 44.04 47.83
CA LEU K 256 31.12 43.51 49.11
C LEU K 256 30.26 44.52 49.86
#